data_6FTT
#
_entry.id   6FTT
#
_cell.length_a   93.770
_cell.length_b   147.790
_cell.length_c   98.940
_cell.angle_alpha   90.000
_cell.angle_beta   103.050
_cell.angle_gamma   90.000
#
_symmetry.space_group_name_H-M   'P 1 21 1'
#
loop_
_entity.id
_entity.type
_entity.pdbx_description
1 polymer 'ATP phosphoribosyltransferase regulatory subunit'
2 polymer 'ATP phosphoribosyltransferase'
3 non-polymer 'MAGNESIUM ION'
4 non-polymer 'CHLORIDE ION'
5 non-polymer 1-O-pyrophosphono-5-O-phosphono-alpha-D-ribofuranose
6 water water
#
loop_
_entity_poly.entity_id
_entity_poly.type
_entity_poly.pdbx_seq_one_letter_code
_entity_poly.pdbx_strand_id
1 'polypeptide(L)'
;GMLPDGVADVLFEDAHKQEVLRHQLTQQLITHGYQLVSPPMIEFTESLLSGASEDLKRQTFKIIDQLTGRLMGIRADITP
QILRIDAHHGGDGIARYCYAGDVIHTLPSGLFGSRTPLQLGAEIFGCESIAADIELIDVLFSMINSLDMSAVLHVDLGHV
TIFKRLAELAALSASDTEQLMQLYANKNLPELKQVCQVLPMGSDFYTLARFGHDIANLLGRLSENAQQDTKIVTAIDELQ
RLKAHLQVQWQCAVSIDVTELSGYHYHTGIVFNGYINSETQPLVRGGRFDGMKSNQLATNQPRQATGFSMDVSRLLAHTQ
LDAPFIVLIDYDAFNNLDSAQRQLLLQQVASLRQQGYRVTMPLTAEDMPVGLTHRLSLADNQWRLHAV
;
A,C,B,D
2 'polypeptide(L)'
;GMTEVTNSLPTSGLLNEANDEFLGLTLALSKGRILEETMPLLRAAGVELLEDPEASRKLIFPTSNPNVRVLILRASDVPT
YVEHGAADFGVAGKDVLLEHGANHVYELLDLKIAQCKLMTAGVKDAPLPNRRLRIATKYVNVARAYFASQGQQVDVIKLY
GSMELAPLVGLGDLIVDVVDTGNTLRANGLEARDHICDVSSRLIVNQVSYKRKFALLEPILDSFKNSINSTS
;
E,H,G,F
#
loop_
_chem_comp.id
_chem_comp.type
_chem_comp.name
_chem_comp.formula
CL non-polymer 'CHLORIDE ION' 'Cl -1'
MG non-polymer 'MAGNESIUM ION' 'Mg 2'
PRP D-saccharide 1-O-pyrophosphono-5-O-phosphono-alpha-D-ribofuranose 'C5 H13 O14 P3'
#
# COMPACT_ATOMS: atom_id res chain seq x y z
N GLY A 1 16.68 -14.21 7.36
CA GLY A 1 15.57 -13.23 7.43
C GLY A 1 14.41 -13.69 8.31
N MET A 2 13.58 -12.74 8.72
CA MET A 2 12.35 -13.02 9.46
C MET A 2 11.18 -12.72 8.53
N LEU A 3 10.23 -13.66 8.45
CA LEU A 3 9.10 -13.55 7.53
C LEU A 3 7.96 -12.81 8.22
N PRO A 4 7.02 -12.24 7.45
CA PRO A 4 5.81 -11.66 8.04
C PRO A 4 4.96 -12.68 8.76
N ASP A 5 4.03 -12.20 9.60
CA ASP A 5 3.10 -13.08 10.31
C ASP A 5 2.13 -13.70 9.33
N GLY A 6 1.81 -14.97 9.58
CA GLY A 6 1.00 -15.77 8.68
C GLY A 6 1.69 -16.17 7.38
N VAL A 7 3.02 -16.09 7.33
CA VAL A 7 3.80 -16.37 6.13
C VAL A 7 4.94 -17.29 6.55
N ALA A 8 4.98 -18.47 5.96
CA ALA A 8 5.94 -19.50 6.34
C ALA A 8 6.55 -20.19 5.11
N ASP A 9 7.83 -20.51 5.19
CA ASP A 9 8.46 -21.45 4.27
C ASP A 9 7.94 -22.86 4.53
N VAL A 10 7.70 -23.60 3.47
CA VAL A 10 7.49 -25.04 3.54
C VAL A 10 8.76 -25.64 2.94
N LEU A 11 9.51 -26.38 3.76
CA LEU A 11 10.88 -26.80 3.41
C LEU A 11 11.08 -28.31 3.45
N PHE A 12 11.89 -28.80 2.52
CA PHE A 12 12.46 -30.16 2.56
C PHE A 12 11.36 -31.23 2.55
N GLU A 13 11.29 -32.12 3.54
CA GLU A 13 10.29 -33.19 3.50
C GLU A 13 8.86 -32.67 3.47
N ASP A 14 8.60 -31.56 4.16
CA ASP A 14 7.28 -30.92 4.14
C ASP A 14 6.92 -30.42 2.75
N ALA A 15 7.89 -29.86 2.04
CA ALA A 15 7.69 -29.40 0.65
C ALA A 15 7.41 -30.60 -0.26
N HIS A 16 8.20 -31.66 -0.09
CA HIS A 16 8.00 -32.88 -0.87
C HIS A 16 6.59 -33.43 -0.63
N LYS A 17 6.19 -33.46 0.64
CA LYS A 17 4.85 -33.94 1.00
C LYS A 17 3.74 -33.06 0.42
N GLN A 18 3.92 -31.73 0.50
CA GLN A 18 2.96 -30.79 -0.08
C GLN A 18 2.76 -31.02 -1.57
N GLU A 19 3.86 -31.23 -2.29
CA GLU A 19 3.84 -31.54 -3.74
C GLU A 19 3.10 -32.85 -4.03
N VAL A 20 3.41 -33.90 -3.28
CA VAL A 20 2.71 -35.19 -3.38
C VAL A 20 1.22 -35.00 -3.12
N LEU A 21 0.87 -34.33 -2.03
CA LEU A 21 -0.54 -34.09 -1.71
C LEU A 21 -1.24 -33.28 -2.79
N ARG A 22 -0.65 -32.15 -3.17
CA ARG A 22 -1.22 -31.31 -4.22
C ARG A 22 -1.51 -32.13 -5.46
N HIS A 23 -0.54 -32.93 -5.88
CA HIS A 23 -0.66 -33.73 -7.10
C HIS A 23 -1.66 -34.86 -6.98
N GLN A 24 -1.64 -35.60 -5.88
CA GLN A 24 -2.59 -36.71 -5.67
C GLN A 24 -4.05 -36.23 -5.65
N LEU A 25 -4.31 -35.16 -4.93
CA LEU A 25 -5.66 -34.64 -4.79
C LEU A 25 -6.18 -34.05 -6.10
N THR A 26 -5.31 -33.38 -6.85
CA THR A 26 -5.63 -32.87 -8.18
C THR A 26 -6.01 -34.01 -9.14
N GLN A 27 -5.18 -35.04 -9.20
CA GLN A 27 -5.43 -36.19 -10.09
C GLN A 27 -6.74 -36.90 -9.72
N GLN A 28 -7.02 -37.06 -8.43
CA GLN A 28 -8.29 -37.63 -7.97
C GLN A 28 -9.49 -36.82 -8.47
N LEU A 29 -9.42 -35.50 -8.34
CA LEU A 29 -10.49 -34.65 -8.80
C LEU A 29 -10.64 -34.76 -10.31
N ILE A 30 -9.52 -34.77 -11.04
CA ILE A 30 -9.54 -34.97 -12.49
C ILE A 30 -10.23 -36.28 -12.88
N THR A 31 -9.90 -37.37 -12.19
CA THR A 31 -10.45 -38.69 -12.50
C THR A 31 -11.94 -38.86 -12.13
N HIS A 32 -12.47 -37.94 -11.31
CA HIS A 32 -13.91 -37.81 -11.06
C HIS A 32 -14.64 -36.85 -12.02
N GLY A 33 -13.94 -36.42 -13.06
CA GLY A 33 -14.52 -35.65 -14.15
C GLY A 33 -14.53 -34.16 -13.95
N TYR A 34 -13.70 -33.67 -13.06
CA TYR A 34 -13.56 -32.22 -12.84
C TYR A 34 -12.44 -31.70 -13.74
N GLN A 35 -12.74 -30.65 -14.50
CA GLN A 35 -11.79 -30.04 -15.43
C GLN A 35 -10.82 -29.14 -14.69
N LEU A 36 -9.53 -29.47 -14.73
CA LEU A 36 -8.52 -28.64 -14.09
C LEU A 36 -8.37 -27.30 -14.84
N VAL A 37 -8.39 -26.23 -14.06
CA VAL A 37 -8.09 -24.90 -14.55
C VAL A 37 -7.03 -24.30 -13.65
N SER A 38 -6.21 -23.44 -14.22
CA SER A 38 -5.12 -22.81 -13.50
C SER A 38 -5.14 -21.35 -13.89
N PRO A 39 -6.07 -20.59 -13.29
CA PRO A 39 -6.10 -19.16 -13.53
C PRO A 39 -4.89 -18.46 -12.89
N PRO A 40 -4.56 -17.27 -13.38
CA PRO A 40 -3.37 -16.56 -12.93
C PRO A 40 -3.54 -15.93 -11.55
N MET A 41 -2.41 -15.59 -10.93
CA MET A 41 -2.36 -15.00 -9.59
C MET A 41 -2.94 -13.60 -9.51
N ILE A 42 -2.91 -12.88 -10.64
CA ILE A 42 -3.34 -11.48 -10.71
C ILE A 42 -4.27 -11.25 -11.88
N GLU A 43 -5.21 -10.33 -11.68
CA GLU A 43 -6.13 -9.87 -12.71
C GLU A 43 -6.47 -8.41 -12.44
N PHE A 44 -7.15 -7.78 -13.37
CA PHE A 44 -7.75 -6.47 -13.11
C PHE A 44 -8.81 -6.63 -12.04
N THR A 45 -8.93 -5.65 -11.15
CA THR A 45 -9.91 -5.68 -10.07
C THR A 45 -11.34 -5.74 -10.59
N GLU A 46 -11.59 -5.18 -11.77
CA GLU A 46 -12.90 -5.25 -12.44
C GLU A 46 -13.40 -6.69 -12.49
N SER A 47 -12.58 -7.59 -13.02
CA SER A 47 -12.95 -9.01 -13.11
C SER A 47 -12.84 -9.74 -11.77
N LEU A 48 -11.71 -9.57 -11.08
CA LEU A 48 -11.41 -10.32 -9.86
C LEU A 48 -12.31 -9.99 -8.67
N LEU A 49 -12.72 -8.73 -8.55
CA LEU A 49 -13.61 -8.27 -7.47
C LEU A 49 -14.99 -7.84 -8.00
N SER A 50 -15.44 -8.46 -9.10
CA SER A 50 -16.79 -8.28 -9.61
C SER A 50 -17.79 -8.97 -8.67
N GLY A 51 -18.73 -8.20 -8.13
CA GLY A 51 -19.72 -8.70 -7.17
C GLY A 51 -19.13 -9.22 -5.86
N ALA A 52 -17.98 -8.69 -5.45
CA ALA A 52 -17.28 -9.16 -4.24
C ALA A 52 -17.86 -8.50 -2.99
N SER A 53 -17.88 -9.25 -1.90
CA SER A 53 -18.22 -8.72 -0.58
C SER A 53 -17.15 -7.73 -0.11
N GLU A 54 -17.50 -6.91 0.88
CA GLU A 54 -16.51 -5.99 1.48
C GLU A 54 -15.37 -6.72 2.16
N ASP A 55 -15.63 -7.95 2.61
CA ASP A 55 -14.62 -8.81 3.24
C ASP A 55 -13.53 -9.25 2.23
N LEU A 56 -13.95 -9.73 1.07
CA LEU A 56 -13.02 -10.16 0.01
C LEU A 56 -12.16 -9.01 -0.54
N LYS A 57 -12.74 -7.81 -0.63
CA LYS A 57 -12.03 -6.62 -1.11
C LYS A 57 -10.96 -6.18 -0.12
N ARG A 58 -11.29 -6.18 1.16
CA ARG A 58 -10.29 -5.89 2.20
C ARG A 58 -9.18 -6.97 2.24
N GLN A 59 -9.54 -8.22 1.92
CA GLN A 59 -8.55 -9.31 1.90
C GLN A 59 -7.61 -9.35 0.69
N THR A 60 -7.95 -8.61 -0.38
CA THR A 60 -7.21 -8.60 -1.65
C THR A 60 -6.21 -7.44 -1.72
N PHE A 61 -4.91 -7.76 -1.75
CA PHE A 61 -3.87 -6.78 -2.08
C PHE A 61 -4.12 -6.20 -3.46
N LYS A 62 -3.97 -4.88 -3.59
CA LYS A 62 -4.00 -4.19 -4.90
C LYS A 62 -2.61 -3.80 -5.31
N ILE A 63 -2.39 -3.79 -6.62
CA ILE A 63 -1.13 -3.43 -7.24
C ILE A 63 -1.43 -2.71 -8.55
N ILE A 64 -0.44 -2.02 -9.06
CA ILE A 64 -0.62 -1.12 -10.20
C ILE A 64 -0.08 -1.77 -11.47
N ASP A 65 -0.91 -1.86 -12.50
CA ASP A 65 -0.44 -2.26 -13.83
C ASP A 65 0.21 -1.05 -14.50
N GLN A 66 1.53 -1.06 -14.63
CA GLN A 66 2.25 0.05 -15.24
C GLN A 66 1.93 0.24 -16.73
N LEU A 67 1.53 -0.83 -17.41
CA LEU A 67 1.23 -0.76 -18.85
C LEU A 67 -0.05 0.01 -19.16
N THR A 68 -1.00 0.02 -18.24
CA THR A 68 -2.30 0.70 -18.44
C THR A 68 -2.67 1.73 -17.38
N GLY A 69 -1.87 1.85 -16.32
CA GLY A 69 -2.25 2.60 -15.13
C GLY A 69 -3.42 2.07 -14.31
N ARG A 70 -3.92 0.87 -14.61
CA ARG A 70 -5.09 0.32 -13.91
C ARG A 70 -4.70 -0.52 -12.70
N LEU A 71 -5.69 -0.71 -11.83
CA LEU A 71 -5.54 -1.51 -10.62
C LEU A 71 -5.70 -2.98 -10.94
N MET A 72 -4.84 -3.78 -10.35
CA MET A 72 -4.96 -5.23 -10.35
C MET A 72 -5.02 -5.68 -8.91
N GLY A 73 -5.51 -6.89 -8.68
CA GLY A 73 -5.47 -7.52 -7.37
C GLY A 73 -4.70 -8.83 -7.42
N ILE A 74 -4.03 -9.19 -6.32
CA ILE A 74 -3.51 -10.55 -6.10
C ILE A 74 -4.69 -11.32 -5.53
N ARG A 75 -5.07 -12.42 -6.17
CA ARG A 75 -6.28 -13.15 -5.74
C ARG A 75 -6.23 -13.60 -4.28
N ALA A 76 -7.34 -13.39 -3.59
CA ALA A 76 -7.57 -13.91 -2.24
C ALA A 76 -8.43 -15.16 -2.31
N ASP A 77 -9.10 -15.35 -3.45
CA ASP A 77 -10.04 -16.42 -3.65
C ASP A 77 -10.02 -16.80 -5.13
N ILE A 78 -9.90 -18.09 -5.43
CA ILE A 78 -9.92 -18.59 -6.82
C ILE A 78 -11.35 -18.67 -7.40
N THR A 79 -12.36 -18.79 -6.55
CA THR A 79 -13.75 -18.99 -7.03
C THR A 79 -14.27 -17.90 -8.01
N PRO A 80 -14.03 -16.60 -7.74
CA PRO A 80 -14.38 -15.57 -8.74
C PRO A 80 -13.73 -15.75 -10.13
N GLN A 81 -12.55 -16.36 -10.17
CA GLN A 81 -11.88 -16.68 -11.43
C GLN A 81 -12.57 -17.84 -12.16
N ILE A 82 -13.06 -18.83 -11.39
CA ILE A 82 -13.81 -19.96 -11.94
C ILE A 82 -15.16 -19.48 -12.51
N LEU A 83 -15.79 -18.48 -11.88
CA LEU A 83 -16.99 -17.83 -12.43
C LEU A 83 -16.75 -17.27 -13.82
N ARG A 84 -15.67 -16.50 -13.94
CA ARG A 84 -15.22 -15.92 -15.21
C ARG A 84 -14.98 -16.99 -16.28
N ILE A 85 -14.26 -18.05 -15.92
CA ILE A 85 -13.97 -19.15 -16.83
C ILE A 85 -15.25 -19.88 -17.26
N ASP A 86 -16.11 -20.17 -16.30
CA ASP A 86 -17.41 -20.81 -16.59
C ASP A 86 -18.35 -19.96 -17.45
N ALA A 87 -18.35 -18.66 -17.23
CA ALA A 87 -19.17 -17.74 -18.02
C ALA A 87 -18.81 -17.82 -19.51
N HIS A 88 -17.51 -17.89 -19.84
CA HIS A 88 -17.07 -17.96 -21.25
CA HIS A 88 -17.05 -17.97 -21.24
C HIS A 88 -17.08 -19.38 -21.83
N HIS A 89 -16.72 -20.38 -21.03
CA HIS A 89 -16.56 -21.77 -21.55
C HIS A 89 -17.64 -22.77 -21.15
N GLY A 90 -18.46 -22.45 -20.16
CA GLY A 90 -19.27 -23.46 -19.47
C GLY A 90 -20.59 -23.87 -20.09
N GLY A 91 -21.26 -22.95 -20.78
CA GLY A 91 -22.57 -23.21 -21.36
C GLY A 91 -23.66 -23.28 -20.31
N ASP A 92 -24.85 -23.71 -20.73
CA ASP A 92 -26.01 -23.77 -19.83
C ASP A 92 -26.16 -25.12 -19.13
N GLY A 93 -25.38 -26.11 -19.58
CA GLY A 93 -25.38 -27.41 -18.95
C GLY A 93 -24.58 -27.43 -17.67
N ILE A 94 -24.43 -28.63 -17.12
CA ILE A 94 -23.60 -28.87 -15.96
C ILE A 94 -22.13 -28.80 -16.37
N ALA A 95 -21.33 -28.08 -15.60
CA ALA A 95 -19.88 -28.02 -15.78
C ALA A 95 -19.18 -28.26 -14.45
N ARG A 96 -18.05 -28.98 -14.49
CA ARG A 96 -17.27 -29.28 -13.29
C ARG A 96 -15.86 -28.76 -13.46
N TYR A 97 -15.33 -28.12 -12.41
CA TYR A 97 -13.98 -27.54 -12.43
C TYR A 97 -13.25 -27.89 -11.17
N CYS A 98 -11.92 -27.98 -11.26
CA CYS A 98 -11.06 -28.07 -10.09
C CYS A 98 -9.82 -27.21 -10.28
N TYR A 99 -9.14 -26.94 -9.19
CA TYR A 99 -8.01 -26.03 -9.18
C TYR A 99 -7.16 -26.22 -7.94
N ALA A 100 -5.91 -25.80 -8.05
CA ALA A 100 -5.03 -25.77 -6.92
C ALA A 100 -3.98 -24.72 -7.22
N GLY A 101 -3.93 -23.70 -6.36
CA GLY A 101 -3.00 -22.60 -6.55
C GLY A 101 -2.89 -21.72 -5.34
N ASP A 102 -1.82 -20.93 -5.32
CA ASP A 102 -1.58 -19.98 -4.24
C ASP A 102 -2.59 -18.82 -4.26
N VAL A 103 -3.01 -18.41 -3.06
CA VAL A 103 -3.80 -17.21 -2.88
C VAL A 103 -3.17 -16.42 -1.73
N ILE A 104 -3.37 -15.11 -1.75
CA ILE A 104 -2.74 -14.22 -0.76
C ILE A 104 -3.85 -13.45 -0.07
N HIS A 105 -3.73 -13.30 1.25
CA HIS A 105 -4.67 -12.53 2.08
C HIS A 105 -3.94 -11.38 2.75
N THR A 106 -4.58 -10.21 2.84
CA THR A 106 -3.99 -9.05 3.54
C THR A 106 -3.84 -9.33 5.03
N LEU A 107 -4.91 -9.83 5.65
CA LEU A 107 -4.92 -10.23 7.07
C LEU A 107 -5.18 -11.73 7.19
N PRO A 108 -4.71 -12.36 8.30
CA PRO A 108 -5.10 -13.75 8.54
C PRO A 108 -6.63 -13.91 8.74
N SER A 109 -7.16 -15.07 8.37
CA SER A 109 -8.59 -15.36 8.51
C SER A 109 -9.01 -15.51 9.98
N GLY A 110 -8.14 -16.14 10.78
CA GLY A 110 -8.36 -16.25 12.21
C GLY A 110 -7.08 -16.43 13.01
N LEU A 111 -7.25 -16.92 14.25
CA LEU A 111 -6.18 -17.02 15.26
C LEU A 111 -4.92 -17.67 14.68
N PHE A 112 -3.89 -16.87 14.45
CA PHE A 112 -2.62 -17.32 13.86
C PHE A 112 -2.73 -17.99 12.48
N GLY A 113 -3.73 -17.60 11.70
CA GLY A 113 -3.97 -18.19 10.38
C GLY A 113 -2.89 -17.86 9.36
N SER A 114 -2.82 -18.67 8.31
CA SER A 114 -1.93 -18.40 7.19
C SER A 114 -2.50 -17.29 6.30
N ARG A 115 -1.62 -16.44 5.82
CA ARG A 115 -1.94 -15.47 4.78
C ARG A 115 -1.56 -15.95 3.37
N THR A 116 -0.85 -17.09 3.28
CA THR A 116 -0.45 -17.68 1.98
C THR A 116 -0.89 -19.14 1.82
N PRO A 117 -2.22 -19.40 1.85
CA PRO A 117 -2.66 -20.78 1.69
C PRO A 117 -2.47 -21.32 0.27
N LEU A 118 -2.25 -22.64 0.17
CA LEU A 118 -2.33 -23.37 -1.09
C LEU A 118 -3.76 -23.87 -1.26
N GLN A 119 -4.58 -23.05 -1.91
CA GLN A 119 -6.01 -23.32 -2.07
C GLN A 119 -6.28 -24.35 -3.16
N LEU A 120 -6.86 -25.49 -2.75
CA LEU A 120 -7.33 -26.54 -3.65
C LEU A 120 -8.84 -26.64 -3.53
N GLY A 121 -9.54 -26.72 -4.67
CA GLY A 121 -10.99 -26.76 -4.66
C GLY A 121 -11.64 -27.42 -5.84
N ALA A 122 -12.94 -27.67 -5.69
CA ALA A 122 -13.79 -28.26 -6.71
C ALA A 122 -15.13 -27.55 -6.72
N GLU A 123 -15.71 -27.37 -7.90
CA GLU A 123 -16.96 -26.67 -8.07
C GLU A 123 -17.80 -27.32 -9.16
N ILE A 124 -19.12 -27.38 -8.95
CA ILE A 124 -20.09 -27.86 -9.95
C ILE A 124 -21.04 -26.71 -10.22
N PHE A 125 -21.17 -26.33 -11.49
CA PHE A 125 -22.07 -25.28 -11.92
C PHE A 125 -23.21 -25.95 -12.68
N GLY A 126 -24.37 -25.30 -12.73
CA GLY A 126 -25.47 -25.74 -13.59
C GLY A 126 -26.40 -26.83 -13.10
N CYS A 127 -26.27 -27.23 -11.83
CA CYS A 127 -27.20 -28.20 -11.21
C CYS A 127 -27.85 -27.60 -9.96
N GLU A 128 -29.16 -27.43 -10.02
CA GLU A 128 -29.95 -26.92 -8.88
C GLU A 128 -30.09 -27.95 -7.77
N SER A 129 -30.08 -29.22 -8.13
CA SER A 129 -30.39 -30.28 -7.18
C SER A 129 -29.39 -30.39 -6.04
N ILE A 130 -29.88 -30.95 -4.93
CA ILE A 130 -29.06 -31.29 -3.77
C ILE A 130 -28.05 -32.41 -4.12
N ALA A 131 -28.34 -33.17 -5.19
CA ALA A 131 -27.45 -34.21 -5.72
C ALA A 131 -26.03 -33.73 -6.04
N ALA A 132 -25.91 -32.52 -6.56
CA ALA A 132 -24.60 -31.91 -6.83
C ALA A 132 -23.78 -31.71 -5.54
N ASP A 133 -24.46 -31.23 -4.49
CA ASP A 133 -23.83 -31.07 -3.17
C ASP A 133 -23.40 -32.42 -2.59
N ILE A 134 -24.21 -33.45 -2.80
CA ILE A 134 -23.89 -34.81 -2.33
C ILE A 134 -22.69 -35.40 -3.10
N GLU A 135 -22.58 -35.15 -4.40
CA GLU A 135 -21.41 -35.55 -5.18
C GLU A 135 -20.13 -34.91 -4.65
N LEU A 136 -20.18 -33.60 -4.40
CA LEU A 136 -19.03 -32.87 -3.82
C LEU A 136 -18.60 -33.44 -2.47
N ILE A 137 -19.59 -33.70 -1.60
CA ILE A 137 -19.35 -34.37 -0.31
C ILE A 137 -18.66 -35.71 -0.53
N ASP A 138 -19.16 -36.50 -1.47
CA ASP A 138 -18.60 -37.84 -1.75
C ASP A 138 -17.18 -37.81 -2.30
N VAL A 139 -16.92 -36.88 -3.23
CA VAL A 139 -15.58 -36.64 -3.77
C VAL A 139 -14.62 -36.16 -2.68
N LEU A 140 -15.07 -35.22 -1.86
CA LEU A 140 -14.27 -34.70 -0.73
C LEU A 140 -13.87 -35.79 0.25
N PHE A 141 -14.86 -36.56 0.71
CA PHE A 141 -14.60 -37.66 1.66
C PHE A 141 -13.72 -38.77 1.09
N SER A 142 -13.86 -39.04 -0.20
CA SER A 142 -12.97 -39.95 -0.90
C SER A 142 -11.53 -39.42 -0.91
N MET A 143 -11.37 -38.12 -1.19
CA MET A 143 -10.05 -37.47 -1.12
C MET A 143 -9.45 -37.56 0.28
N ILE A 144 -10.26 -37.26 1.29
CA ILE A 144 -9.82 -37.34 2.69
C ILE A 144 -9.37 -38.74 3.06
N ASN A 145 -10.16 -39.75 2.70
CA ASN A 145 -9.84 -41.13 3.07
C ASN A 145 -8.59 -41.67 2.38
N SER A 146 -8.31 -41.20 1.17
CA SER A 146 -7.08 -41.58 0.45
C SER A 146 -5.80 -41.14 1.18
N LEU A 147 -5.88 -40.08 1.98
CA LEU A 147 -4.73 -39.55 2.75
C LEU A 147 -4.34 -40.36 4.00
N ASP A 148 -5.19 -41.32 4.41
CA ASP A 148 -4.89 -42.23 5.54
C ASP A 148 -4.41 -41.52 6.81
N MET A 149 -5.14 -40.48 7.20
CA MET A 149 -4.85 -39.72 8.41
C MET A 149 -5.48 -40.37 9.63
N SER A 150 -4.88 -40.17 10.79
CA SER A 150 -5.51 -40.52 12.08
C SER A 150 -6.38 -39.36 12.61
N ALA A 151 -6.09 -38.13 12.18
CA ALA A 151 -6.96 -36.96 12.42
C ALA A 151 -8.34 -37.16 11.82
N VAL A 152 -9.37 -36.64 12.51
CA VAL A 152 -10.77 -36.84 12.14
C VAL A 152 -11.40 -35.49 11.76
N LEU A 153 -12.16 -35.49 10.68
CA LEU A 153 -12.85 -34.30 10.20
C LEU A 153 -14.26 -34.27 10.79
N HIS A 154 -14.57 -33.28 11.63
CA HIS A 154 -15.94 -33.02 12.05
C HIS A 154 -16.60 -32.05 11.10
N VAL A 155 -17.80 -32.38 10.62
CA VAL A 155 -18.51 -31.53 9.65
C VAL A 155 -19.63 -30.75 10.33
N ASP A 156 -19.64 -29.44 10.14
CA ASP A 156 -20.70 -28.56 10.62
C ASP A 156 -21.47 -28.04 9.41
N LEU A 157 -22.79 -28.19 9.43
CA LEU A 157 -23.66 -27.76 8.34
C LEU A 157 -24.50 -26.57 8.77
N GLY A 158 -24.65 -25.61 7.86
CA GLY A 158 -25.54 -24.47 8.04
C GLY A 158 -26.34 -24.27 6.78
N HIS A 159 -27.12 -23.19 6.74
CA HIS A 159 -27.98 -22.88 5.60
C HIS A 159 -28.47 -21.45 5.69
N VAL A 160 -27.85 -20.57 4.91
CA VAL A 160 -28.12 -19.12 5.02
C VAL A 160 -29.56 -18.72 4.66
N THR A 161 -30.22 -19.52 3.82
CA THR A 161 -31.60 -19.25 3.38
C THR A 161 -32.57 -19.07 4.55
N ILE A 162 -32.42 -19.88 5.59
CA ILE A 162 -33.33 -19.86 6.74
C ILE A 162 -33.38 -18.45 7.37
N PHE A 163 -32.21 -17.90 7.72
CA PHE A 163 -32.13 -16.58 8.30
C PHE A 163 -32.53 -15.47 7.32
N LYS A 164 -32.02 -15.54 6.09
CA LYS A 164 -32.35 -14.53 5.06
C LYS A 164 -33.86 -14.44 4.81
N ARG A 165 -34.54 -15.58 4.82
CA ARG A 165 -35.99 -15.59 4.63
C ARG A 165 -36.73 -14.94 5.78
N LEU A 166 -36.39 -15.30 7.02
CA LEU A 166 -36.96 -14.66 8.21
C LEU A 166 -36.69 -13.16 8.24
N ALA A 167 -35.50 -12.75 7.83
CA ALA A 167 -35.14 -11.33 7.72
C ALA A 167 -36.09 -10.55 6.76
N GLU A 168 -36.44 -11.17 5.64
CA GLU A 168 -37.37 -10.57 4.67
C GLU A 168 -38.81 -10.55 5.19
N LEU A 169 -39.27 -11.66 5.77
CA LEU A 169 -40.63 -11.72 6.35
C LEU A 169 -40.83 -10.75 7.51
N ALA A 170 -39.82 -10.64 8.36
CA ALA A 170 -39.84 -9.71 9.49
C ALA A 170 -39.61 -8.25 9.06
N ALA A 171 -39.16 -8.05 7.82
CA ALA A 171 -38.84 -6.73 7.28
C ALA A 171 -37.79 -6.02 8.15
N LEU A 172 -36.74 -6.75 8.49
CA LEU A 172 -35.68 -6.23 9.35
C LEU A 172 -34.89 -5.13 8.68
N SER A 173 -34.50 -4.12 9.46
CA SER A 173 -33.58 -3.10 8.97
C SER A 173 -32.18 -3.67 8.82
N ALA A 174 -31.35 -2.96 8.07
CA ALA A 174 -29.95 -3.36 7.87
C ALA A 174 -29.21 -3.44 9.20
N SER A 175 -29.49 -2.49 10.09
CA SER A 175 -28.87 -2.44 11.42
C SER A 175 -29.30 -3.60 12.33
N ASP A 176 -30.60 -3.92 12.34
CA ASP A 176 -31.12 -5.08 13.08
C ASP A 176 -30.50 -6.39 12.60
N THR A 177 -30.37 -6.51 11.28
CA THR A 177 -29.76 -7.67 10.65
C THR A 177 -28.29 -7.80 11.04
N GLU A 178 -27.56 -6.68 11.00
CA GLU A 178 -26.15 -6.65 11.38
C GLU A 178 -25.98 -6.97 12.87
N GLN A 179 -26.89 -6.48 13.71
CA GLN A 179 -26.85 -6.76 15.14
C GLN A 179 -27.05 -8.25 15.44
N LEU A 180 -28.04 -8.84 14.79
CA LEU A 180 -28.33 -10.26 14.99
C LEU A 180 -27.17 -11.16 14.55
N MET A 181 -26.57 -10.84 13.40
CA MET A 181 -25.43 -11.59 12.87
C MET A 181 -24.22 -11.51 13.81
N GLN A 182 -24.03 -10.34 14.42
CA GLN A 182 -22.97 -10.13 15.39
C GLN A 182 -23.18 -10.99 16.64
N LEU A 183 -24.42 -11.02 17.13
CA LEU A 183 -24.81 -11.81 18.29
C LEU A 183 -24.81 -13.32 18.01
N TYR A 184 -25.13 -13.70 16.76
CA TYR A 184 -25.07 -15.09 16.33
C TYR A 184 -23.64 -15.62 16.24
N ALA A 185 -22.72 -14.79 15.74
CA ALA A 185 -21.32 -15.20 15.60
C ALA A 185 -20.68 -15.55 16.95
N ASN A 186 -21.13 -14.91 18.03
CA ASN A 186 -20.68 -15.22 19.40
C ASN A 186 -21.68 -16.08 20.17
N LYS A 187 -22.72 -16.58 19.49
CA LYS A 187 -23.91 -17.17 20.13
C LYS A 187 -24.17 -16.63 21.55
N ASN A 188 -24.43 -15.33 21.58
CA ASN A 188 -24.59 -14.57 22.81
C ASN A 188 -26.07 -14.62 23.20
N LEU A 189 -26.49 -15.75 23.76
CA LEU A 189 -27.91 -16.01 24.09
C LEU A 189 -28.53 -15.06 25.13
N PRO A 190 -27.76 -14.63 26.16
CA PRO A 190 -28.32 -13.64 27.08
C PRO A 190 -28.72 -12.33 26.41
N GLU A 191 -27.80 -11.69 25.68
CA GLU A 191 -28.12 -10.44 24.98
C GLU A 191 -29.06 -10.66 23.79
N LEU A 192 -28.97 -11.80 23.12
CA LEU A 192 -29.87 -12.11 22.02
C LEU A 192 -31.32 -12.19 22.50
N LYS A 193 -31.53 -12.78 23.68
CA LYS A 193 -32.86 -12.85 24.29
C LYS A 193 -33.46 -11.45 24.57
N GLN A 194 -32.61 -10.50 24.95
CA GLN A 194 -33.04 -9.12 25.20
C GLN A 194 -33.42 -8.42 23.89
N VAL A 195 -32.53 -8.50 22.91
CA VAL A 195 -32.71 -7.86 21.60
C VAL A 195 -33.92 -8.42 20.87
N CYS A 196 -34.16 -9.73 20.99
CA CYS A 196 -35.27 -10.40 20.28
C CYS A 196 -36.67 -10.13 20.82
N GLN A 197 -36.78 -9.73 22.10
CA GLN A 197 -38.08 -9.39 22.69
C GLN A 197 -38.71 -8.12 22.10
N VAL A 198 -37.86 -7.21 21.60
CA VAL A 198 -38.32 -5.97 20.94
C VAL A 198 -38.29 -5.99 19.39
N LEU A 199 -38.07 -7.16 18.78
CA LEU A 199 -37.98 -7.28 17.31
C LEU A 199 -39.19 -8.02 16.73
N PRO A 200 -39.59 -7.68 15.48
CA PRO A 200 -40.65 -8.43 14.81
C PRO A 200 -40.16 -9.83 14.42
N MET A 201 -40.98 -10.85 14.69
CA MET A 201 -40.60 -12.27 14.57
C MET A 201 -39.36 -12.64 15.40
N GLY A 202 -39.14 -11.91 16.50
CA GLY A 202 -37.97 -12.09 17.36
C GLY A 202 -37.92 -13.46 18.02
N SER A 203 -39.10 -14.05 18.21
CA SER A 203 -39.22 -15.41 18.69
C SER A 203 -38.46 -16.41 17.81
N ASP A 204 -38.56 -16.24 16.49
CA ASP A 204 -37.86 -17.09 15.53
C ASP A 204 -36.34 -16.86 15.51
N PHE A 205 -35.93 -15.60 15.49
CA PHE A 205 -34.51 -15.27 15.48
C PHE A 205 -33.77 -15.84 16.68
N TYR A 206 -34.40 -15.78 17.86
CA TYR A 206 -33.84 -16.41 19.06
C TYR A 206 -33.78 -17.94 18.92
N THR A 207 -34.86 -18.52 18.40
CA THR A 207 -34.99 -19.98 18.22
C THR A 207 -33.88 -20.57 17.32
N LEU A 208 -33.51 -19.85 16.27
CA LEU A 208 -32.39 -20.23 15.42
C LEU A 208 -31.07 -20.43 16.18
N ALA A 209 -30.75 -19.53 17.11
CA ALA A 209 -29.52 -19.65 17.91
C ALA A 209 -29.65 -20.65 19.05
N ARG A 210 -30.82 -20.68 19.67
CA ARG A 210 -31.08 -21.55 20.82
C ARG A 210 -31.29 -23.03 20.45
N PHE A 211 -31.99 -23.27 19.34
CA PHE A 211 -32.42 -24.61 18.94
C PHE A 211 -32.03 -25.00 17.50
N GLY A 212 -31.23 -24.19 16.82
CA GLY A 212 -30.83 -24.50 15.43
C GLY A 212 -30.07 -25.80 15.26
N HIS A 213 -29.31 -26.18 16.29
CA HIS A 213 -28.62 -27.48 16.36
C HIS A 213 -29.52 -28.73 16.26
N ASP A 214 -30.77 -28.61 16.67
CA ASP A 214 -31.72 -29.72 16.66
C ASP A 214 -32.58 -29.59 15.43
N ILE A 215 -32.08 -30.13 14.33
CA ILE A 215 -32.64 -29.87 12.99
C ILE A 215 -33.94 -30.64 12.73
N ALA A 216 -34.06 -31.85 13.30
CA ALA A 216 -35.30 -32.65 13.22
C ALA A 216 -36.56 -31.96 13.76
N ASN A 217 -36.40 -31.05 14.73
CA ASN A 217 -37.53 -30.37 15.39
C ASN A 217 -37.56 -28.87 15.17
N LEU A 218 -36.66 -28.34 14.33
CA LEU A 218 -36.56 -26.89 14.15
C LEU A 218 -37.81 -26.27 13.55
N LEU A 219 -38.40 -26.94 12.56
CA LEU A 219 -39.56 -26.41 11.82
C LEU A 219 -40.77 -26.16 12.74
N GLY A 220 -41.14 -27.17 13.54
CA GLY A 220 -42.21 -27.05 14.52
C GLY A 220 -42.06 -25.94 15.56
N ARG A 221 -40.81 -25.59 15.89
CA ARG A 221 -40.53 -24.51 16.85
C ARG A 221 -40.70 -23.10 16.27
N LEU A 222 -40.69 -22.98 14.95
CA LEU A 222 -40.84 -21.69 14.29
C LEU A 222 -42.30 -21.23 14.21
N SER A 223 -42.47 -19.92 14.02
CA SER A 223 -43.79 -19.30 13.98
C SER A 223 -44.58 -19.78 12.76
N GLU A 224 -45.90 -19.70 12.87
CA GLU A 224 -46.83 -20.16 11.84
C GLU A 224 -46.50 -19.57 10.47
N ASN A 225 -46.13 -18.29 10.43
CA ASN A 225 -45.77 -17.63 9.19
C ASN A 225 -44.50 -18.21 8.58
N ALA A 226 -43.48 -18.41 9.41
CA ALA A 226 -42.22 -19.04 8.99
C ALA A 226 -42.40 -20.51 8.53
N GLN A 227 -43.34 -21.24 9.12
CA GLN A 227 -43.61 -22.61 8.67
C GLN A 227 -44.29 -22.69 7.29
N GLN A 228 -45.08 -21.68 6.94
CA GLN A 228 -45.72 -21.60 5.61
C GLN A 228 -44.75 -21.21 4.50
N ASP A 229 -43.60 -20.62 4.85
CA ASP A 229 -42.60 -20.20 3.87
C ASP A 229 -41.87 -21.41 3.28
N THR A 230 -42.10 -21.65 1.98
CA THR A 230 -41.58 -22.85 1.29
C THR A 230 -40.06 -22.96 1.32
N LYS A 231 -39.36 -21.85 1.06
CA LYS A 231 -37.88 -21.84 1.06
C LYS A 231 -37.28 -22.24 2.41
N ILE A 232 -37.88 -21.77 3.50
CA ILE A 232 -37.51 -22.21 4.85
C ILE A 232 -37.68 -23.70 5.02
N VAL A 233 -38.82 -24.22 4.57
CA VAL A 233 -39.13 -25.66 4.67
C VAL A 233 -38.17 -26.49 3.82
N THR A 234 -37.87 -26.00 2.60
CA THR A 234 -36.89 -26.62 1.69
C THR A 234 -35.46 -26.65 2.29
N ALA A 235 -35.00 -25.49 2.76
CA ALA A 235 -33.68 -25.38 3.40
C ALA A 235 -33.48 -26.34 4.58
N ILE A 236 -34.48 -26.43 5.45
CA ILE A 236 -34.44 -27.35 6.59
C ILE A 236 -34.40 -28.81 6.10
N ASP A 237 -35.16 -29.11 5.05
CA ASP A 237 -35.15 -30.45 4.48
C ASP A 237 -33.82 -30.82 3.80
N GLU A 238 -33.21 -29.84 3.12
CA GLU A 238 -31.88 -30.02 2.51
C GLU A 238 -30.84 -30.36 3.58
N LEU A 239 -30.87 -29.64 4.70
CA LEU A 239 -30.00 -29.94 5.84
C LEU A 239 -30.18 -31.36 6.34
N GLN A 240 -31.43 -31.79 6.47
CA GLN A 240 -31.74 -33.14 6.94
C GLN A 240 -31.20 -34.20 6.00
N ARG A 241 -31.31 -33.98 4.69
CA ARG A 241 -30.82 -34.98 3.71
C ARG A 241 -29.30 -35.12 3.74
N LEU A 242 -28.57 -34.00 3.75
CA LEU A 242 -27.10 -34.02 3.85
C LEU A 242 -26.64 -34.67 5.14
N LYS A 243 -27.28 -34.30 6.24
CA LYS A 243 -26.98 -34.90 7.54
C LYS A 243 -27.09 -36.41 7.45
N ALA A 244 -28.22 -36.90 6.96
CA ALA A 244 -28.50 -38.34 6.84
C ALA A 244 -27.48 -39.02 5.94
N HIS A 245 -27.23 -38.40 4.78
CA HIS A 245 -26.22 -38.90 3.84
C HIS A 245 -24.83 -39.03 4.47
N LEU A 246 -24.42 -38.00 5.23
CA LEU A 246 -23.09 -38.00 5.83
C LEU A 246 -22.94 -39.07 6.90
N GLN A 247 -23.99 -39.27 7.70
CA GLN A 247 -23.97 -40.28 8.75
C GLN A 247 -24.03 -41.69 8.17
N VAL A 248 -24.94 -41.91 7.22
CA VAL A 248 -25.13 -43.25 6.64
C VAL A 248 -23.97 -43.66 5.72
N GLN A 249 -23.70 -42.86 4.68
CA GLN A 249 -22.66 -43.17 3.70
C GLN A 249 -21.22 -43.06 4.25
N TRP A 250 -20.95 -42.11 5.13
CA TRP A 250 -19.57 -41.83 5.58
C TRP A 250 -19.28 -42.02 7.07
N GLN A 251 -20.29 -42.40 7.88
CA GLN A 251 -20.17 -42.50 9.35
C GLN A 251 -19.59 -41.20 9.95
N CYS A 252 -20.01 -40.07 9.40
CA CYS A 252 -19.46 -38.78 9.76
C CYS A 252 -20.28 -38.18 10.89
N ALA A 253 -19.57 -37.68 11.92
CA ALA A 253 -20.19 -36.90 12.99
C ALA A 253 -20.56 -35.54 12.42
N VAL A 254 -21.86 -35.20 12.48
CA VAL A 254 -22.35 -33.93 11.93
C VAL A 254 -23.01 -33.10 13.03
N SER A 255 -22.65 -31.82 13.07
CA SER A 255 -23.37 -30.82 13.84
C SER A 255 -24.07 -29.89 12.86
N ILE A 256 -25.13 -29.24 13.36
CA ILE A 256 -25.93 -28.29 12.59
C ILE A 256 -25.87 -26.93 13.31
N ASP A 257 -25.63 -25.87 12.55
CA ASP A 257 -25.71 -24.51 13.06
C ASP A 257 -26.29 -23.65 11.93
N VAL A 258 -27.60 -23.44 12.00
CA VAL A 258 -28.31 -22.63 11.00
C VAL A 258 -28.00 -21.13 11.13
N THR A 259 -27.38 -20.70 12.23
CA THR A 259 -26.94 -19.31 12.39
C THR A 259 -25.51 -19.07 11.95
N GLU A 260 -24.87 -20.07 11.31
CA GLU A 260 -23.56 -19.91 10.69
C GLU A 260 -23.73 -19.02 9.48
N LEU A 261 -23.38 -17.75 9.62
CA LEU A 261 -23.69 -16.75 8.60
C LEU A 261 -22.50 -15.97 8.07
N SER A 262 -21.27 -16.42 8.35
CA SER A 262 -20.09 -15.86 7.65
C SER A 262 -20.23 -16.15 6.16
N GLY A 263 -19.76 -15.23 5.33
CA GLY A 263 -20.00 -15.30 3.88
C GLY A 263 -21.48 -15.16 3.53
N TYR A 264 -22.17 -14.29 4.26
CA TYR A 264 -23.58 -13.98 4.07
C TYR A 264 -23.86 -13.50 2.65
N HIS A 265 -22.95 -12.68 2.11
CA HIS A 265 -23.13 -12.08 0.80
C HIS A 265 -22.83 -13.01 -0.38
N TYR A 266 -21.87 -13.93 -0.25
CA TYR A 266 -21.58 -14.88 -1.34
C TYR A 266 -22.40 -16.17 -1.29
N HIS A 267 -22.68 -16.68 -0.09
CA HIS A 267 -23.47 -17.91 0.06
C HIS A 267 -24.96 -17.68 -0.21
N THR A 268 -25.58 -18.65 -0.89
CA THR A 268 -26.99 -18.57 -1.28
C THR A 268 -27.82 -19.74 -0.80
N GLY A 269 -27.26 -20.61 0.03
CA GLY A 269 -27.98 -21.79 0.49
C GLY A 269 -27.20 -22.55 1.54
N ILE A 270 -27.12 -23.87 1.36
CA ILE A 270 -26.44 -24.75 2.29
C ILE A 270 -24.93 -24.41 2.37
N VAL A 271 -24.38 -24.46 3.58
CA VAL A 271 -22.95 -24.27 3.81
C VAL A 271 -22.39 -25.46 4.59
N PHE A 272 -21.09 -25.63 4.46
CA PHE A 272 -20.38 -26.82 4.92
C PHE A 272 -19.04 -26.35 5.49
N ASN A 273 -18.75 -26.74 6.72
CA ASN A 273 -17.45 -26.43 7.32
C ASN A 273 -16.91 -27.72 7.93
N GLY A 274 -15.72 -28.11 7.51
CA GLY A 274 -15.05 -29.29 8.01
C GLY A 274 -13.91 -28.86 8.92
N TYR A 275 -13.94 -29.33 10.17
CA TYR A 275 -12.93 -29.02 11.15
C TYR A 275 -12.02 -30.24 11.36
N ILE A 276 -10.72 -30.01 11.34
CA ILE A 276 -9.75 -31.10 11.54
C ILE A 276 -9.39 -31.12 13.02
N ASN A 277 -9.50 -32.30 13.66
CA ASN A 277 -9.37 -32.43 15.12
C ASN A 277 -10.13 -31.30 15.85
N SER A 278 -9.43 -30.48 16.65
CA SER A 278 -10.01 -29.42 17.46
C SER A 278 -9.57 -28.05 16.96
N GLU A 279 -8.97 -28.00 15.76
CA GLU A 279 -8.39 -26.77 15.26
C GLU A 279 -9.48 -25.75 14.97
N THR A 280 -9.21 -24.51 15.36
CA THR A 280 -10.21 -23.44 15.38
C THR A 280 -10.74 -23.06 14.01
N GLN A 281 -9.83 -22.91 13.04
CA GLN A 281 -10.22 -22.56 11.66
C GLN A 281 -10.58 -23.81 10.87
N PRO A 282 -11.73 -23.80 10.19
CA PRO A 282 -12.11 -24.97 9.40
C PRO A 282 -11.06 -25.31 8.33
N LEU A 283 -10.76 -26.59 8.17
CA LEU A 283 -9.90 -27.06 7.09
C LEU A 283 -10.62 -26.90 5.75
N VAL A 284 -11.86 -27.39 5.68
CA VAL A 284 -12.66 -27.32 4.47
C VAL A 284 -13.79 -26.33 4.68
N ARG A 285 -14.03 -25.49 3.67
CA ARG A 285 -15.17 -24.61 3.64
C ARG A 285 -15.82 -24.82 2.28
N GLY A 286 -17.14 -24.87 2.26
CA GLY A 286 -17.87 -24.99 1.00
C GLY A 286 -19.32 -24.60 1.14
N GLY A 287 -20.04 -24.68 0.03
CA GLY A 287 -21.43 -24.32 0.02
C GLY A 287 -21.91 -23.83 -1.30
N ARG A 288 -23.20 -23.51 -1.34
CA ARG A 288 -23.88 -23.01 -2.53
C ARG A 288 -23.53 -21.55 -2.73
N PHE A 289 -23.36 -21.16 -3.98
CA PHE A 289 -23.13 -19.76 -4.32
C PHE A 289 -23.72 -19.44 -5.70
N ASP A 290 -23.57 -18.18 -6.09
CA ASP A 290 -24.20 -17.66 -7.29
C ASP A 290 -23.20 -17.67 -8.47
N GLY A 291 -23.63 -18.21 -9.61
CA GLY A 291 -22.94 -18.01 -10.90
C GLY A 291 -23.33 -16.70 -11.58
N MET A 292 -22.96 -16.55 -12.85
CA MET A 292 -23.28 -15.35 -13.64
C MET A 292 -23.36 -15.68 -15.13
N PRO A 302 -29.01 -16.52 -14.97
CA PRO A 302 -29.06 -17.15 -13.66
C PRO A 302 -28.42 -18.54 -13.67
N ARG A 303 -27.38 -18.75 -12.86
CA ARG A 303 -26.58 -20.00 -12.91
C ARG A 303 -26.25 -20.57 -11.54
N GLN A 304 -26.69 -21.81 -11.30
CA GLN A 304 -26.46 -22.51 -10.03
C GLN A 304 -24.98 -22.86 -9.87
N ALA A 305 -24.49 -22.83 -8.64
CA ALA A 305 -23.10 -23.19 -8.35
C ALA A 305 -22.94 -23.67 -6.91
N THR A 306 -22.06 -24.63 -6.72
CA THR A 306 -21.73 -25.11 -5.39
C THR A 306 -20.27 -25.60 -5.45
N GLY A 307 -19.56 -25.54 -4.32
CA GLY A 307 -18.16 -25.94 -4.28
C GLY A 307 -17.56 -25.97 -2.90
N PHE A 308 -16.35 -26.52 -2.81
CA PHE A 308 -15.54 -26.40 -1.60
C PHE A 308 -14.10 -26.00 -1.95
N SER A 309 -13.38 -25.54 -0.94
CA SER A 309 -11.94 -25.35 -1.04
C SER A 309 -11.26 -25.63 0.29
N MET A 310 -9.96 -25.93 0.24
CA MET A 310 -9.17 -26.17 1.44
C MET A 310 -7.74 -25.70 1.25
N ASP A 311 -7.07 -25.40 2.35
CA ASP A 311 -5.63 -25.10 2.35
C ASP A 311 -4.87 -26.42 2.42
N VAL A 312 -4.25 -26.82 1.31
CA VAL A 312 -3.43 -28.04 1.26
C VAL A 312 -2.33 -28.07 2.33
N SER A 313 -1.77 -26.89 2.64
CA SER A 313 -0.71 -26.75 3.65
C SER A 313 -1.12 -27.22 5.04
N ARG A 314 -2.38 -27.06 5.38
CA ARG A 314 -2.88 -27.50 6.68
C ARG A 314 -3.00 -29.02 6.86
N LEU A 315 -2.90 -29.77 5.75
CA LEU A 315 -2.84 -31.24 5.80
C LEU A 315 -1.47 -31.82 6.19
N LEU A 316 -0.41 -31.02 6.15
CA LEU A 316 0.98 -31.50 6.33
C LEU A 316 1.29 -32.05 7.72
N ALA A 317 0.72 -31.43 8.75
CA ALA A 317 0.85 -31.92 10.13
C ALA A 317 0.10 -33.23 10.42
N HIS A 318 -0.83 -33.61 9.54
CA HIS A 318 -1.70 -34.78 9.71
C HIS A 318 -1.47 -35.92 8.72
N THR A 319 -0.53 -35.76 7.77
CA THR A 319 -0.23 -36.81 6.79
C THR A 319 1.21 -37.26 6.92
N GLN A 320 1.48 -38.45 6.39
CA GLN A 320 2.80 -39.07 6.46
C GLN A 320 3.12 -39.78 5.16
N LEU A 321 4.31 -39.54 4.62
CA LEU A 321 4.82 -40.35 3.52
C LEU A 321 5.72 -41.44 4.07
N ASP A 322 6.00 -42.43 3.23
CA ASP A 322 7.02 -43.43 3.54
C ASP A 322 8.38 -42.72 3.66
N ALA A 323 9.24 -43.24 4.50
CA ALA A 323 10.60 -42.73 4.65
C ALA A 323 11.29 -42.77 3.28
N PRO A 324 11.95 -41.68 2.90
CA PRO A 324 12.67 -41.69 1.63
C PRO A 324 13.95 -42.51 1.69
N PHE A 325 14.36 -43.02 0.54
CA PHE A 325 15.63 -43.70 0.39
C PHE A 325 16.62 -42.70 -0.17
N ILE A 326 17.56 -42.24 0.67
CA ILE A 326 18.53 -41.23 0.29
C ILE A 326 19.91 -41.90 0.15
N VAL A 327 20.41 -41.94 -1.09
CA VAL A 327 21.54 -42.76 -1.50
C VAL A 327 22.71 -41.87 -1.92
N LEU A 328 23.91 -42.23 -1.46
CA LEU A 328 25.14 -41.57 -1.85
C LEU A 328 26.07 -42.57 -2.51
N ILE A 329 26.52 -42.24 -3.71
CA ILE A 329 27.52 -43.05 -4.40
C ILE A 329 28.86 -42.76 -3.75
N ASP A 330 29.69 -43.79 -3.53
CA ASP A 330 31.01 -43.62 -2.92
C ASP A 330 31.94 -42.86 -3.87
N TYR A 331 32.59 -41.82 -3.34
CA TYR A 331 33.37 -40.89 -4.14
C TYR A 331 34.63 -41.53 -4.73
N ASP A 332 35.40 -42.20 -3.89
CA ASP A 332 36.68 -42.78 -4.33
C ASP A 332 36.47 -43.82 -5.41
N ALA A 333 35.59 -44.79 -5.13
CA ALA A 333 35.30 -45.89 -6.05
C ALA A 333 34.72 -45.43 -7.39
N PHE A 334 33.89 -44.39 -7.38
CA PHE A 334 33.36 -43.83 -8.62
C PHE A 334 34.46 -43.22 -9.51
N ASN A 335 35.42 -42.53 -8.89
CA ASN A 335 36.53 -41.90 -9.62
C ASN A 335 37.52 -42.93 -10.19
N ASN A 336 37.71 -44.06 -9.50
CA ASN A 336 38.51 -45.17 -10.03
C ASN A 336 37.95 -45.85 -11.29
N LEU A 337 36.67 -45.67 -11.58
CA LEU A 337 36.04 -46.31 -12.75
C LEU A 337 36.56 -45.72 -14.07
N ASP A 338 36.69 -46.59 -15.07
CA ASP A 338 36.91 -46.14 -16.45
C ASP A 338 35.58 -45.77 -17.12
N SER A 339 35.66 -45.12 -18.28
CA SER A 339 34.50 -44.53 -18.96
C SER A 339 33.32 -45.49 -19.10
N ALA A 340 33.59 -46.72 -19.52
CA ALA A 340 32.53 -47.70 -19.79
C ALA A 340 31.85 -48.21 -18.51
N GLN A 341 32.62 -48.31 -17.43
CA GLN A 341 32.07 -48.63 -16.10
C GLN A 341 31.25 -47.46 -15.53
N ARG A 342 31.68 -46.22 -15.81
CA ARG A 342 30.92 -45.02 -15.44
C ARG A 342 29.55 -45.02 -16.10
N GLN A 343 29.52 -45.32 -17.41
CA GLN A 343 28.26 -45.36 -18.15
C GLN A 343 27.30 -46.42 -17.60
N LEU A 344 27.83 -47.56 -17.16
CA LEU A 344 26.98 -48.61 -16.57
C LEU A 344 26.43 -48.18 -15.22
N LEU A 345 27.27 -47.54 -14.40
CA LEU A 345 26.80 -47.00 -13.14
C LEU A 345 25.72 -45.95 -13.36
N LEU A 346 25.94 -45.05 -14.32
CA LEU A 346 24.93 -44.05 -14.65
C LEU A 346 23.61 -44.68 -15.09
N GLN A 347 23.67 -45.76 -15.88
CA GLN A 347 22.48 -46.54 -16.23
C GLN A 347 21.81 -47.12 -14.98
N GLN A 348 22.62 -47.68 -14.06
CA GLN A 348 22.09 -48.26 -12.81
C GLN A 348 21.42 -47.20 -11.92
N VAL A 349 22.11 -46.06 -11.77
CA VAL A 349 21.60 -44.91 -11.02
C VAL A 349 20.29 -44.38 -11.61
N ALA A 350 20.20 -44.30 -12.93
CA ALA A 350 18.96 -43.84 -13.58
C ALA A 350 17.79 -44.75 -13.22
N SER A 351 18.06 -46.04 -13.14
CA SER A 351 17.04 -47.03 -12.80
C SER A 351 16.55 -46.87 -11.36
N LEU A 352 17.49 -46.72 -10.43
CA LEU A 352 17.19 -46.41 -9.02
C LEU A 352 16.38 -45.12 -8.86
N ARG A 353 16.75 -44.10 -9.62
CA ARG A 353 16.01 -42.84 -9.62
C ARG A 353 14.60 -43.00 -10.16
N GLN A 354 14.44 -43.86 -11.16
CA GLN A 354 13.12 -44.19 -11.71
C GLN A 354 12.22 -44.93 -10.70
N GLN A 355 12.82 -45.67 -9.77
CA GLN A 355 12.09 -46.30 -8.65
C GLN A 355 11.76 -45.35 -7.48
N GLY A 356 12.37 -44.17 -7.46
CA GLY A 356 12.12 -43.16 -6.42
C GLY A 356 13.23 -43.01 -5.39
N TYR A 357 14.35 -43.70 -5.59
CA TYR A 357 15.55 -43.48 -4.79
C TYR A 357 16.11 -42.11 -5.13
N ARG A 358 16.52 -41.38 -4.10
CA ARG A 358 17.18 -40.10 -4.23
C ARG A 358 18.68 -40.31 -4.22
N VAL A 359 19.28 -40.27 -5.40
CA VAL A 359 20.68 -40.61 -5.56
C VAL A 359 21.50 -39.36 -5.85
N THR A 360 22.51 -39.17 -5.01
CA THR A 360 23.48 -38.11 -5.18
C THR A 360 24.76 -38.69 -5.77
N MET A 361 25.24 -38.03 -6.82
CA MET A 361 26.58 -38.24 -7.35
C MET A 361 27.47 -37.22 -6.65
N PRO A 362 28.44 -37.68 -5.83
CA PRO A 362 29.22 -36.72 -5.03
C PRO A 362 30.19 -35.85 -5.84
N LEU A 363 30.26 -34.57 -5.51
CA LEU A 363 31.24 -33.65 -6.10
C LEU A 363 32.60 -33.71 -5.40
N THR A 364 32.59 -34.12 -4.15
CA THR A 364 33.81 -34.26 -3.34
C THR A 364 33.64 -35.43 -2.37
N ALA A 365 34.72 -35.80 -1.70
CA ALA A 365 34.68 -36.85 -0.67
C ALA A 365 33.87 -36.46 0.58
N GLU A 366 33.60 -35.17 0.77
CA GLU A 366 32.80 -34.67 1.90
C GLU A 366 31.33 -34.46 1.56
N ASP A 367 30.99 -34.47 0.27
CA ASP A 367 29.63 -34.24 -0.21
C ASP A 367 28.68 -35.32 0.31
N MET A 368 27.76 -34.88 1.18
CA MET A 368 26.95 -35.77 2.00
C MET A 368 25.51 -35.28 1.93
N PRO A 369 24.61 -36.05 1.32
CA PRO A 369 23.22 -35.58 1.34
C PRO A 369 22.62 -35.58 2.76
N VAL A 370 21.71 -34.64 2.99
CA VAL A 370 20.98 -34.52 4.24
C VAL A 370 20.06 -35.74 4.37
N GLY A 371 20.04 -36.38 5.55
CA GLY A 371 19.17 -37.53 5.80
C GLY A 371 19.59 -38.84 5.13
N LEU A 372 20.89 -39.00 4.92
CA LEU A 372 21.45 -40.19 4.25
C LEU A 372 20.96 -41.50 4.89
N THR A 373 20.44 -42.40 4.05
CA THR A 373 19.98 -43.73 4.50
C THR A 373 20.84 -44.88 3.96
N HIS A 374 21.34 -44.76 2.74
CA HIS A 374 22.09 -45.83 2.08
C HIS A 374 23.29 -45.29 1.34
N ARG A 375 24.29 -46.14 1.15
CA ARG A 375 25.41 -45.88 0.24
C ARG A 375 25.29 -46.84 -0.92
N LEU A 376 25.78 -46.44 -2.08
CA LEU A 376 25.97 -47.35 -3.19
C LEU A 376 27.46 -47.58 -3.27
N SER A 377 27.90 -48.81 -2.97
CA SER A 377 29.33 -49.14 -2.85
C SER A 377 29.76 -50.25 -3.81
N LEU A 378 30.95 -50.08 -4.40
CA LEU A 378 31.51 -51.05 -5.34
C LEU A 378 32.22 -52.16 -4.56
N ALA A 379 31.67 -53.37 -4.61
CA ALA A 379 32.31 -54.58 -4.06
C ALA A 379 32.31 -55.68 -5.13
N ASP A 380 33.49 -56.25 -5.39
CA ASP A 380 33.73 -57.28 -6.44
C ASP A 380 33.09 -56.96 -7.80
N ASN A 381 33.54 -55.86 -8.40
CA ASN A 381 33.08 -55.38 -9.71
C ASN A 381 31.54 -55.28 -9.83
N GLN A 382 30.88 -54.93 -8.73
CA GLN A 382 29.42 -54.82 -8.68
C GLN A 382 29.01 -53.75 -7.67
N TRP A 383 28.04 -52.92 -8.05
CA TRP A 383 27.54 -51.85 -7.18
C TRP A 383 26.28 -52.31 -6.42
N ARG A 384 26.31 -52.18 -5.09
CA ARG A 384 25.20 -52.59 -4.23
C ARG A 384 24.88 -51.55 -3.16
N LEU A 385 23.61 -51.50 -2.78
CA LEU A 385 23.16 -50.63 -1.70
C LEU A 385 23.43 -51.27 -0.35
N HIS A 386 23.92 -50.47 0.61
CA HIS A 386 23.93 -50.88 2.01
CA HIS A 386 24.01 -50.86 2.01
C HIS A 386 23.46 -49.73 2.88
N ALA A 387 22.73 -50.07 3.94
CA ALA A 387 22.23 -49.07 4.89
C ALA A 387 23.40 -48.51 5.69
N VAL A 388 23.25 -47.27 6.17
CA VAL A 388 24.33 -46.61 6.94
C VAL A 388 24.36 -47.09 8.39
N GLY B 1 -16.86 11.30 17.85
CA GLY B 1 -16.07 10.06 17.57
C GLY B 1 -14.70 10.02 18.24
N MET B 2 -14.32 8.82 18.71
CA MET B 2 -13.01 8.56 19.31
C MET B 2 -11.91 8.77 18.27
N LEU B 3 -10.87 9.50 18.64
CA LEU B 3 -9.73 9.73 17.77
C LEU B 3 -8.60 8.81 18.21
N PRO B 4 -7.63 8.52 17.31
CA PRO B 4 -6.47 7.73 17.72
C PRO B 4 -5.62 8.42 18.78
N ASP B 5 -4.88 7.64 19.57
CA ASP B 5 -3.92 8.19 20.53
C ASP B 5 -2.93 9.13 19.83
N GLY B 6 -2.61 10.25 20.47
CA GLY B 6 -1.73 11.26 19.89
C GLY B 6 -2.35 12.05 18.74
N VAL B 7 -3.68 12.01 18.63
CA VAL B 7 -4.39 12.73 17.59
C VAL B 7 -5.55 13.47 18.25
N ALA B 8 -5.51 14.79 18.18
CA ALA B 8 -6.51 15.64 18.78
C ALA B 8 -7.00 16.72 17.81
N ASP B 9 -8.29 17.07 17.89
CA ASP B 9 -8.81 18.28 17.25
C ASP B 9 -8.21 19.48 17.96
N VAL B 10 -7.93 20.54 17.20
CA VAL B 10 -7.60 21.82 17.80
C VAL B 10 -8.77 22.71 17.43
N LEU B 11 -9.55 23.14 18.42
CA LEU B 11 -10.87 23.72 18.16
C LEU B 11 -11.06 25.13 18.65
N PHE B 12 -11.72 25.94 17.83
CA PHE B 12 -12.28 27.21 18.26
C PHE B 12 -11.20 28.22 18.65
N GLU B 13 -11.16 28.70 19.90
CA GLU B 13 -10.16 29.69 20.30
C GLU B 13 -8.73 29.12 20.28
N ASP B 14 -8.58 27.82 20.55
CA ASP B 14 -7.30 27.14 20.36
C ASP B 14 -6.86 27.14 18.90
N ALA B 15 -7.81 26.91 17.99
CA ALA B 15 -7.52 26.92 16.56
C ALA B 15 -7.11 28.31 16.12
N HIS B 16 -7.85 29.31 16.59
CA HIS B 16 -7.56 30.70 16.29
C HIS B 16 -6.17 31.08 16.77
N LYS B 17 -5.85 30.62 17.97
CA LYS B 17 -4.55 30.87 18.57
C LYS B 17 -3.44 30.17 17.80
N GLN B 18 -3.66 28.92 17.43
CA GLN B 18 -2.73 28.21 16.55
C GLN B 18 -2.48 28.95 15.23
N GLU B 19 -3.54 29.48 14.63
CA GLU B 19 -3.44 30.26 13.38
C GLU B 19 -2.58 31.51 13.57
N VAL B 20 -2.82 32.22 14.66
CA VAL B 20 -2.10 33.46 14.94
C VAL B 20 -0.62 33.14 15.21
N LEU B 21 -0.37 32.09 15.98
CA LEU B 21 0.99 31.67 16.27
C LEU B 21 1.74 31.25 15.02
N ARG B 22 1.13 30.39 14.21
CA ARG B 22 1.77 29.94 12.98
C ARG B 22 2.12 31.12 12.06
N HIS B 23 1.18 32.04 11.90
CA HIS B 23 1.35 33.19 11.03
C HIS B 23 2.41 34.16 11.54
N GLN B 24 2.34 34.53 12.83
CA GLN B 24 3.27 35.52 13.37
C GLN B 24 4.69 34.99 13.45
N LEU B 25 4.84 33.72 13.78
CA LEU B 25 6.17 33.10 13.87
C LEU B 25 6.81 32.93 12.48
N THR B 26 6.00 32.53 11.49
CA THR B 26 6.41 32.49 10.09
C THR B 26 6.86 33.87 9.60
N GLN B 27 6.08 34.91 9.92
CA GLN B 27 6.41 36.29 9.50
C GLN B 27 7.68 36.78 10.16
N GLN B 28 7.87 36.47 11.44
CA GLN B 28 9.13 36.80 12.11
C GLN B 28 10.35 36.20 11.43
N LEU B 29 10.27 34.90 11.15
CA LEU B 29 11.36 34.20 10.47
C LEU B 29 11.66 34.82 9.11
N ILE B 30 10.61 35.13 8.36
CA ILE B 30 10.76 35.84 7.09
C ILE B 30 11.51 37.18 7.24
N THR B 31 11.20 37.94 8.30
CA THR B 31 11.84 39.25 8.54
C THR B 31 13.32 39.13 8.96
N HIS B 32 13.72 37.95 9.43
CA HIS B 32 15.13 37.66 9.73
C HIS B 32 15.89 37.06 8.54
N GLY B 33 15.27 37.05 7.35
CA GLY B 33 15.94 36.68 6.11
C GLY B 33 15.82 35.22 5.73
N TYR B 34 14.90 34.50 6.35
CA TYR B 34 14.68 33.08 6.04
C TYR B 34 13.62 32.96 4.94
N GLN B 35 13.90 32.14 3.93
CA GLN B 35 12.98 31.96 2.81
C GLN B 35 11.99 30.89 3.20
N LEU B 36 10.70 31.21 3.12
CA LEU B 36 9.67 30.28 3.46
C LEU B 36 9.52 29.29 2.30
N VAL B 37 9.44 28.01 2.66
CA VAL B 37 9.15 26.95 1.71
C VAL B 37 8.02 26.11 2.29
N SER B 38 7.23 25.54 1.38
CA SER B 38 6.07 24.76 1.76
C SER B 38 6.10 23.50 0.95
N PRO B 39 6.94 22.53 1.36
CA PRO B 39 6.98 21.27 0.63
C PRO B 39 5.74 20.45 0.96
N PRO B 40 5.45 19.44 0.13
CA PRO B 40 4.22 18.68 0.28
C PRO B 40 4.27 17.66 1.42
N MET B 41 3.09 17.19 1.81
CA MET B 41 2.93 16.17 2.85
C MET B 41 3.49 14.81 2.47
N ILE B 42 3.45 14.50 1.17
CA ILE B 42 3.84 13.20 0.62
C ILE B 42 4.91 13.33 -0.46
N GLU B 43 5.80 12.34 -0.48
CA GLU B 43 6.88 12.26 -1.46
C GLU B 43 7.23 10.81 -1.69
N PHE B 44 7.97 10.53 -2.78
CA PHE B 44 8.62 9.22 -2.93
C PHE B 44 9.63 9.05 -1.81
N THR B 45 9.71 7.83 -1.28
CA THR B 45 10.65 7.51 -0.19
C THR B 45 12.11 7.65 -0.58
N GLU B 46 12.42 7.50 -1.87
CA GLU B 46 13.78 7.75 -2.37
C GLU B 46 14.30 9.10 -1.92
N SER B 47 13.48 10.15 -2.05
CA SER B 47 13.88 11.51 -1.62
C SER B 47 13.64 11.72 -0.13
N LEU B 48 12.44 11.38 0.32
CA LEU B 48 11.99 11.63 1.70
C LEU B 48 12.84 10.95 2.77
N LEU B 49 13.32 9.74 2.51
CA LEU B 49 14.15 8.98 3.46
C LEU B 49 15.57 8.72 2.96
N SER B 50 16.05 9.59 2.07
CA SER B 50 17.45 9.58 1.64
C SER B 50 18.35 9.88 2.84
N GLY B 51 19.20 8.93 3.20
CA GLY B 51 20.11 9.08 4.34
C GLY B 51 19.40 9.26 5.68
N ALA B 52 18.22 8.64 5.81
CA ALA B 52 17.43 8.73 7.03
C ALA B 52 17.98 7.75 8.05
N SER B 53 17.86 8.12 9.33
CA SER B 53 18.13 7.20 10.42
C SER B 53 17.07 6.12 10.45
N GLU B 54 17.37 5.04 11.16
CA GLU B 54 16.43 3.93 11.32
C GLU B 54 15.16 4.38 12.02
N ASP B 55 15.29 5.29 12.98
CA ASP B 55 14.16 5.85 13.73
C ASP B 55 13.17 6.59 12.82
N LEU B 56 13.71 7.47 11.97
CA LEU B 56 12.91 8.24 11.03
C LEU B 56 12.18 7.33 10.04
N LYS B 57 12.86 6.28 9.57
CA LYS B 57 12.24 5.29 8.69
C LYS B 57 11.05 4.61 9.35
N ARG B 58 11.21 4.16 10.61
CA ARG B 58 10.11 3.58 11.39
C ARG B 58 8.98 4.58 11.67
N GLN B 59 9.33 5.86 11.87
CA GLN B 59 8.33 6.90 12.16
C GLN B 59 7.52 7.38 10.95
N THR B 60 7.89 6.94 9.75
CA THR B 60 7.26 7.39 8.51
C THR B 60 6.23 6.38 8.03
N PHE B 61 4.97 6.82 7.89
CA PHE B 61 3.93 5.98 7.28
C PHE B 61 4.24 5.77 5.81
N LYS B 62 4.01 4.56 5.33
CA LYS B 62 4.19 4.22 3.92
C LYS B 62 2.86 4.07 3.23
N ILE B 63 2.83 4.55 1.99
CA ILE B 63 1.68 4.45 1.10
C ILE B 63 2.18 4.21 -0.33
N ILE B 64 1.35 3.60 -1.17
CA ILE B 64 1.70 3.29 -2.56
C ILE B 64 1.13 4.33 -3.51
N ASP B 65 1.96 4.87 -4.40
CA ASP B 65 1.50 5.74 -5.49
C ASP B 65 0.76 4.92 -6.56
N GLN B 66 -0.54 5.15 -6.69
CA GLN B 66 -1.34 4.43 -7.70
C GLN B 66 -1.08 4.78 -9.17
N LEU B 67 -0.31 5.82 -9.45
CA LEU B 67 0.11 6.13 -10.83
C LEU B 67 1.38 5.41 -11.28
N THR B 68 2.19 4.93 -10.34
CA THR B 68 3.49 4.30 -10.67
C THR B 68 3.78 2.95 -9.99
N GLY B 69 3.05 2.62 -8.91
CA GLY B 69 3.39 1.49 -8.05
C GLY B 69 4.55 1.74 -7.10
N ARG B 70 5.10 2.96 -7.08
CA ARG B 70 6.26 3.24 -6.25
C ARG B 70 5.87 3.64 -4.82
N LEU B 71 6.81 3.50 -3.91
CA LEU B 71 6.58 3.76 -2.52
C LEU B 71 6.65 5.25 -2.23
N MET B 72 5.63 5.76 -1.55
CA MET B 72 5.65 7.10 -1.02
C MET B 72 5.60 7.04 0.51
N GLY B 73 5.88 8.17 1.14
CA GLY B 73 5.77 8.32 2.59
C GLY B 73 5.04 9.59 2.95
N ILE B 74 4.39 9.58 4.12
CA ILE B 74 3.83 10.80 4.73
C ILE B 74 4.97 11.32 5.58
N ARG B 75 5.39 12.56 5.36
CA ARG B 75 6.53 13.10 6.10
C ARG B 75 6.42 13.05 7.64
N ALA B 76 7.47 12.55 8.27
CA ALA B 76 7.64 12.59 9.71
C ALA B 76 8.59 13.71 10.12
N ASP B 77 9.26 14.33 9.14
CA ASP B 77 10.26 15.37 9.36
C ASP B 77 10.38 16.17 8.06
N ILE B 78 10.37 17.50 8.18
CA ILE B 78 10.44 18.40 7.04
C ILE B 78 11.89 18.59 6.58
N THR B 79 12.86 18.45 7.49
CA THR B 79 14.28 18.71 7.19
C THR B 79 14.83 17.98 5.93
N PRO B 80 14.52 16.68 5.74
CA PRO B 80 14.94 16.04 4.47
C PRO B 80 14.37 16.68 3.20
N GLN B 81 13.18 17.29 3.29
CA GLN B 81 12.62 18.01 2.15
C GLN B 81 13.39 19.31 1.89
N ILE B 82 13.86 19.95 2.96
CA ILE B 82 14.65 21.19 2.87
C ILE B 82 16.02 20.89 2.22
N LEU B 83 16.66 19.78 2.60
CA LEU B 83 17.87 19.29 1.90
C LEU B 83 17.67 19.18 0.40
N ARG B 84 16.58 18.53 0.00
CA ARG B 84 16.22 18.39 -1.42
C ARG B 84 16.08 19.76 -2.12
N ILE B 85 15.35 20.69 -1.48
CA ILE B 85 15.13 22.03 -2.05
C ILE B 85 16.43 22.81 -2.18
N ASP B 86 17.25 22.74 -1.13
CA ASP B 86 18.55 23.39 -1.12
C ASP B 86 19.53 22.81 -2.14
N ALA B 87 19.52 21.50 -2.33
CA ALA B 87 20.37 20.88 -3.35
C ALA B 87 20.06 21.40 -4.75
N HIS B 88 18.78 21.67 -5.03
CA HIS B 88 18.37 22.18 -6.35
C HIS B 88 18.44 23.70 -6.47
N HIS B 89 18.09 24.44 -5.40
CA HIS B 89 17.98 25.91 -5.45
C HIS B 89 19.05 26.68 -4.67
N GLY B 90 19.77 26.03 -3.77
CA GLY B 90 20.59 26.71 -2.76
C GLY B 90 21.93 27.26 -3.18
N GLY B 91 22.54 26.67 -4.20
CA GLY B 91 23.91 27.03 -4.61
C GLY B 91 24.98 26.63 -3.59
N ASP B 92 26.16 27.25 -3.73
CA ASP B 92 27.30 26.96 -2.85
C ASP B 92 27.44 27.93 -1.69
N GLY B 93 26.77 29.07 -1.77
CA GLY B 93 26.77 30.05 -0.70
C GLY B 93 25.85 29.71 0.46
N ILE B 94 25.61 30.72 1.29
CA ILE B 94 24.75 30.58 2.45
C ILE B 94 23.30 30.66 1.98
N ALA B 95 22.46 29.82 2.56
CA ALA B 95 21.03 29.80 2.24
C ALA B 95 20.23 29.57 3.51
N ARG B 96 19.13 30.30 3.64
CA ARG B 96 18.31 30.28 4.85
C ARG B 96 16.89 29.85 4.45
N TYR B 97 16.36 28.85 5.17
CA TYR B 97 15.00 28.36 4.94
C TYR B 97 14.20 28.39 6.22
N CYS B 98 12.90 28.63 6.08
CA CYS B 98 11.98 28.39 7.17
C CYS B 98 10.76 27.70 6.62
N TYR B 99 9.95 27.18 7.53
CA TYR B 99 8.81 26.37 7.17
C TYR B 99 7.90 26.21 8.35
N ALA B 100 6.68 25.79 8.06
CA ALA B 100 5.67 25.49 9.07
C ALA B 100 4.63 24.59 8.46
N GLY B 101 4.57 23.33 8.89
CA GLY B 101 3.66 22.37 8.28
C GLY B 101 3.41 21.16 9.14
N ASP B 102 2.32 20.45 8.84
CA ASP B 102 1.93 19.24 9.56
C ASP B 102 2.84 18.08 9.19
N VAL B 103 3.29 17.33 10.20
CA VAL B 103 3.98 16.07 10.00
C VAL B 103 3.25 15.01 10.81
N ILE B 104 3.38 13.75 10.39
CA ILE B 104 2.73 12.62 11.05
C ILE B 104 3.82 11.64 11.47
N HIS B 105 3.70 11.12 12.69
CA HIS B 105 4.58 10.06 13.19
C HIS B 105 3.76 8.80 13.42
N THR B 106 4.35 7.62 13.16
CA THR B 106 3.66 6.35 13.37
C THR B 106 3.43 6.06 14.86
N LEU B 107 4.40 6.43 15.69
CA LEU B 107 4.30 6.30 17.15
C LEU B 107 4.59 7.64 17.84
N PRO B 108 3.95 7.88 19.01
CA PRO B 108 4.29 9.08 19.78
C PRO B 108 5.65 8.96 20.48
N SER B 109 6.27 10.10 20.77
CA SER B 109 7.57 10.10 21.44
C SER B 109 7.40 10.10 22.95
N GLY B 110 6.59 11.02 23.46
CA GLY B 110 6.33 11.13 24.89
C GLY B 110 5.06 10.45 25.32
N LEU B 111 4.91 10.26 26.63
CA LEU B 111 3.69 9.70 27.20
C LEU B 111 2.52 10.59 26.84
N PHE B 112 1.46 9.99 26.31
CA PHE B 112 0.35 10.74 25.69
C PHE B 112 0.75 11.89 24.75
N GLY B 113 1.89 11.75 24.07
CA GLY B 113 2.41 12.78 23.19
C GLY B 113 1.69 12.76 21.85
N SER B 114 1.87 13.83 21.09
CA SER B 114 1.22 13.98 19.80
C SER B 114 1.95 13.18 18.73
N ARG B 115 1.17 12.60 17.82
CA ARG B 115 1.65 12.05 16.58
C ARG B 115 1.39 12.97 15.38
N THR B 116 0.75 14.13 15.59
CA THR B 116 0.38 15.04 14.49
C THR B 116 0.84 16.48 14.79
N PRO B 117 2.15 16.69 14.97
CA PRO B 117 2.61 18.03 15.29
C PRO B 117 2.56 18.97 14.10
N LEU B 118 2.38 20.27 14.39
CA LEU B 118 2.53 21.33 13.41
C LEU B 118 3.96 21.83 13.56
N GLN B 119 4.83 21.34 12.70
CA GLN B 119 6.27 21.54 12.84
C GLN B 119 6.69 22.85 12.21
N LEU B 120 7.28 23.71 13.02
CA LEU B 120 7.81 24.97 12.57
C LEU B 120 9.32 24.96 12.77
N GLY B 121 10.05 25.51 11.81
CA GLY B 121 11.49 25.55 11.92
C GLY B 121 12.20 26.48 10.98
N ALA B 122 13.51 26.56 11.18
CA ALA B 122 14.39 27.39 10.41
C ALA B 122 15.72 26.66 10.31
N GLU B 123 16.38 26.81 9.17
CA GLU B 123 17.64 26.13 8.90
C GLU B 123 18.56 27.06 8.11
N ILE B 124 19.86 27.00 8.43
CA ILE B 124 20.88 27.73 7.69
C ILE B 124 21.80 26.71 7.05
N PHE B 125 21.96 26.78 5.72
CA PHE B 125 22.89 25.93 4.97
C PHE B 125 24.09 26.76 4.48
N GLY B 126 25.24 26.10 4.36
CA GLY B 126 26.45 26.69 3.73
C GLY B 126 27.36 27.54 4.61
N CYS B 127 27.20 27.47 5.93
CA CYS B 127 28.07 28.19 6.86
C CYS B 127 28.67 27.22 7.87
N GLU B 128 30.01 27.14 7.91
CA GLU B 128 30.76 26.32 8.87
C GLU B 128 30.81 26.89 10.28
N SER B 129 30.74 28.21 10.37
CA SER B 129 30.99 28.92 11.62
C SER B 129 29.97 28.64 12.74
N ILE B 130 30.45 28.77 13.97
CA ILE B 130 29.60 28.85 15.15
C ILE B 130 28.65 30.06 15.07
N ALA B 131 29.05 31.10 14.33
CA ALA B 131 28.19 32.25 14.03
C ALA B 131 26.78 31.91 13.51
N ALA B 132 26.67 30.84 12.72
CA ALA B 132 25.37 30.37 12.21
C ALA B 132 24.47 29.79 13.31
N ASP B 133 25.07 29.04 14.22
CA ASP B 133 24.34 28.55 15.40
C ASP B 133 23.92 29.71 16.32
N ILE B 134 24.79 30.71 16.44
CA ILE B 134 24.47 31.91 17.20
C ILE B 134 23.31 32.69 16.58
N GLU B 135 23.24 32.77 15.26
CA GLU B 135 22.14 33.48 14.59
C GLU B 135 20.81 32.75 14.83
N LEU B 136 20.83 31.42 14.73
CA LEU B 136 19.64 30.60 15.00
C LEU B 136 19.11 30.78 16.42
N ILE B 137 20.01 30.86 17.39
CA ILE B 137 19.65 31.17 18.77
C ILE B 137 18.98 32.53 18.87
N ASP B 138 19.58 33.54 18.23
CA ASP B 138 19.04 34.90 18.24
C ASP B 138 17.62 34.93 17.67
N VAL B 139 17.41 34.20 16.57
CA VAL B 139 16.10 34.16 15.93
C VAL B 139 15.10 33.41 16.83
N LEU B 140 15.49 32.26 17.36
CA LEU B 140 14.63 31.50 18.27
C LEU B 140 14.17 32.32 19.49
N PHE B 141 15.10 33.01 20.15
CA PHE B 141 14.75 33.81 21.34
C PHE B 141 13.97 35.08 21.03
N SER B 142 14.25 35.68 19.89
CA SER B 142 13.38 36.73 19.37
C SER B 142 11.93 36.24 19.24
N MET B 143 11.73 35.04 18.67
CA MET B 143 10.39 34.44 18.53
C MET B 143 9.72 34.11 19.87
N ILE B 144 10.46 33.42 20.73
CA ILE B 144 10.00 33.06 22.09
C ILE B 144 9.59 34.31 22.87
N ASN B 145 10.39 35.37 22.80
CA ASN B 145 10.08 36.62 23.51
C ASN B 145 8.83 37.32 22.97
N SER B 146 8.59 37.22 21.66
CA SER B 146 7.38 37.79 21.07
C SER B 146 6.10 37.14 21.60
N LEU B 147 6.16 35.88 22.02
CA LEU B 147 4.99 35.15 22.53
C LEU B 147 4.48 35.60 23.91
N ASP B 148 5.27 36.39 24.65
CA ASP B 148 4.89 36.90 25.98
C ASP B 148 4.35 35.80 26.91
N MET B 149 5.11 34.72 27.01
CA MET B 149 4.77 33.63 27.90
C MET B 149 5.31 33.89 29.29
N SER B 150 4.62 33.33 30.28
CA SER B 150 5.15 33.23 31.63
C SER B 150 5.98 31.96 31.81
N ALA B 151 5.75 30.96 30.96
CA ALA B 151 6.56 29.75 30.98
C ALA B 151 8.00 30.10 30.63
N VAL B 152 8.94 29.44 31.30
CA VAL B 152 10.36 29.72 31.10
C VAL B 152 10.97 28.60 30.24
N LEU B 153 11.73 29.00 29.22
CA LEU B 153 12.47 28.08 28.39
C LEU B 153 13.85 27.82 29.01
N HIS B 154 14.12 26.57 29.36
CA HIS B 154 15.44 26.12 29.79
C HIS B 154 16.14 25.44 28.61
N VAL B 155 17.38 25.88 28.33
CA VAL B 155 18.17 25.36 27.22
C VAL B 155 19.29 24.42 27.69
N ASP B 156 19.33 23.23 27.07
CA ASP B 156 20.35 22.22 27.29
C ASP B 156 21.22 22.21 26.02
N LEU B 157 22.53 22.47 26.19
CA LEU B 157 23.48 22.32 25.10
C LEU B 157 24.28 21.04 25.25
N GLY B 158 24.44 20.34 24.13
CA GLY B 158 25.36 19.24 23.99
C GLY B 158 26.21 19.42 22.75
N HIS B 159 27.03 18.42 22.48
CA HIS B 159 27.93 18.44 21.33
C HIS B 159 28.41 17.01 21.10
N VAL B 160 27.86 16.36 20.09
CA VAL B 160 28.11 14.93 19.88
C VAL B 160 29.55 14.61 19.46
N THR B 161 30.24 15.58 18.87
CA THR B 161 31.63 15.42 18.44
C THR B 161 32.55 14.95 19.58
N ILE B 162 32.36 15.48 20.78
CA ILE B 162 33.19 15.16 21.94
C ILE B 162 33.22 13.63 22.21
N PHE B 163 32.05 13.03 22.33
CA PHE B 163 31.96 11.59 22.58
C PHE B 163 32.44 10.78 21.38
N LYS B 164 31.99 11.16 20.18
CA LYS B 164 32.40 10.50 18.93
C LYS B 164 33.91 10.49 18.74
N ARG B 165 34.57 11.61 19.05
CA ARG B 165 36.02 11.68 18.99
C ARG B 165 36.69 10.82 20.06
N LEU B 166 36.14 10.82 21.28
CA LEU B 166 36.65 9.94 22.33
C LEU B 166 36.51 8.48 21.95
N ALA B 167 35.36 8.12 21.39
CA ALA B 167 35.11 6.74 20.92
C ALA B 167 36.14 6.26 19.90
N GLU B 168 36.49 7.14 18.95
CA GLU B 168 37.51 6.83 17.93
C GLU B 168 38.90 6.65 18.56
N LEU B 169 39.35 7.65 19.31
CA LEU B 169 40.64 7.61 19.99
C LEU B 169 40.81 6.41 20.96
N ALA B 170 39.71 6.01 21.60
CA ALA B 170 39.68 4.79 22.44
C ALA B 170 39.50 3.49 21.65
N ALA B 171 39.17 3.60 20.36
CA ALA B 171 38.94 2.45 19.48
C ALA B 171 37.85 1.53 20.04
N LEU B 172 36.73 2.13 20.41
CA LEU B 172 35.59 1.40 20.97
C LEU B 172 34.85 0.61 19.90
N SER B 173 34.49 -0.63 20.23
CA SER B 173 33.61 -1.44 19.37
C SER B 173 32.21 -0.84 19.38
N ALA B 174 31.36 -1.32 18.48
CA ALA B 174 29.99 -0.83 18.40
C ALA B 174 29.24 -1.17 19.69
N SER B 175 29.34 -2.41 20.14
CA SER B 175 28.66 -2.85 21.37
C SER B 175 29.09 -2.07 22.63
N ASP B 176 30.37 -1.72 22.70
CA ASP B 176 30.90 -0.84 23.77
C ASP B 176 30.30 0.59 23.71
N THR B 177 30.23 1.13 22.50
CA THR B 177 29.64 2.45 22.24
C THR B 177 28.16 2.49 22.63
N GLU B 178 27.41 1.48 22.18
CA GLU B 178 26.00 1.32 22.55
C GLU B 178 25.77 1.17 24.07
N GLN B 179 26.66 0.46 24.76
CA GLN B 179 26.54 0.25 26.21
C GLN B 179 26.76 1.58 26.97
N LEU B 180 27.76 2.35 26.55
CA LEU B 180 28.02 3.68 27.11
C LEU B 180 26.84 4.63 26.89
N MET B 181 26.29 4.62 25.69
CA MET B 181 25.12 5.45 25.35
C MET B 181 23.88 5.11 26.16
N GLN B 182 23.61 3.83 26.38
CA GLN B 182 22.50 3.39 27.24
C GLN B 182 22.69 3.86 28.68
N LEU B 183 23.91 3.76 29.19
CA LEU B 183 24.24 4.18 30.56
C LEU B 183 24.16 5.69 30.76
N TYR B 184 24.59 6.45 29.74
CA TYR B 184 24.47 7.91 29.76
C TYR B 184 23.00 8.30 29.75
N ALA B 185 22.23 7.75 28.82
CA ALA B 185 20.78 7.96 28.74
C ALA B 185 20.07 7.69 30.07
N ASN B 186 20.48 6.63 30.75
CA ASN B 186 19.87 6.20 32.01
C ASN B 186 20.45 6.82 33.28
N LYS B 187 21.45 7.70 33.13
CA LYS B 187 22.15 8.33 34.26
C LYS B 187 22.72 7.33 35.27
N ASN B 188 23.14 6.16 34.80
CA ASN B 188 23.62 5.09 35.68
C ASN B 188 25.13 5.27 35.89
N LEU B 189 25.47 6.12 36.84
CA LEU B 189 26.87 6.44 37.16
C LEU B 189 27.65 5.23 37.76
N PRO B 190 27.04 4.49 38.70
CA PRO B 190 27.75 3.35 39.33
C PRO B 190 28.15 2.24 38.35
N GLU B 191 27.23 1.81 37.48
CA GLU B 191 27.57 0.83 36.45
C GLU B 191 28.50 1.42 35.38
N LEU B 192 28.33 2.72 35.07
CA LEU B 192 29.25 3.41 34.16
C LEU B 192 30.67 3.39 34.69
N LYS B 193 30.83 3.71 35.97
CA LYS B 193 32.13 3.65 36.66
C LYS B 193 32.83 2.30 36.51
N GLN B 194 32.06 1.21 36.59
CA GLN B 194 32.60 -0.16 36.47
C GLN B 194 32.97 -0.53 35.03
N VAL B 195 32.12 -0.18 34.07
CA VAL B 195 32.41 -0.39 32.65
C VAL B 195 33.62 0.46 32.21
N CYS B 196 33.74 1.65 32.78
CA CYS B 196 34.84 2.57 32.46
C CYS B 196 36.19 2.18 33.07
N GLN B 197 36.19 1.41 34.15
CA GLN B 197 37.45 0.90 34.71
C GLN B 197 38.11 -0.18 33.83
N VAL B 198 37.31 -0.86 33.00
CA VAL B 198 37.82 -1.91 32.08
C VAL B 198 37.93 -1.47 30.61
N LEU B 199 37.79 -0.17 30.34
CA LEU B 199 37.86 0.38 28.97
C LEU B 199 39.12 1.23 28.80
N PRO B 200 39.63 1.35 27.55
CA PRO B 200 40.71 2.31 27.28
C PRO B 200 40.17 3.75 27.36
N MET B 201 40.88 4.60 28.11
CA MET B 201 40.44 5.96 28.44
C MET B 201 39.04 6.03 29.07
N GLY B 202 38.67 5.00 29.81
CA GLY B 202 37.38 4.95 30.47
C GLY B 202 37.17 6.11 31.44
N SER B 203 38.27 6.59 32.01
CA SER B 203 38.26 7.75 32.88
C SER B 203 37.74 9.04 32.18
N ASP B 204 37.95 9.16 30.87
CA ASP B 204 37.37 10.27 30.10
C ASP B 204 35.86 10.12 29.87
N PHE B 205 35.42 8.90 29.56
CA PHE B 205 34.00 8.60 29.39
C PHE B 205 33.19 8.82 30.67
N TYR B 206 33.75 8.41 31.81
CA TYR B 206 33.12 8.66 33.12
C TYR B 206 33.12 10.17 33.45
N THR B 207 34.19 10.87 33.10
CA THR B 207 34.28 12.34 33.24
C THR B 207 33.15 13.08 32.49
N LEU B 208 32.80 12.63 31.28
CA LEU B 208 31.71 13.26 30.54
C LEU B 208 30.41 13.28 31.36
N ALA B 209 30.06 12.12 31.92
CA ALA B 209 28.87 11.99 32.76
C ALA B 209 28.98 12.78 34.06
N ARG B 210 30.11 12.65 34.77
CA ARG B 210 30.27 13.25 36.10
C ARG B 210 30.59 14.75 36.10
N PHE B 211 31.37 15.21 35.12
CA PHE B 211 31.83 16.62 35.08
C PHE B 211 31.56 17.35 33.74
N GLY B 212 30.76 16.75 32.83
CA GLY B 212 30.36 17.43 31.58
C GLY B 212 29.57 18.72 31.81
N HIS B 213 28.75 18.72 32.86
CA HIS B 213 28.01 19.92 33.27
C HIS B 213 28.88 21.18 33.44
N ASP B 214 30.11 21.01 33.92
CA ASP B 214 31.07 22.11 34.12
C ASP B 214 32.00 22.20 32.91
N ILE B 215 31.59 22.99 31.93
CA ILE B 215 32.28 23.09 30.63
C ILE B 215 33.57 23.94 30.68
N ALA B 216 33.61 24.91 31.58
CA ALA B 216 34.79 25.76 31.75
C ALA B 216 36.05 24.97 32.15
N ASN B 217 35.86 23.87 32.90
CA ASN B 217 36.94 22.99 33.37
C ASN B 217 36.96 21.59 32.73
N LEU B 218 36.18 21.36 31.68
CA LEU B 218 36.07 20.01 31.10
C LEU B 218 37.35 19.58 30.37
N LEU B 219 37.87 20.42 29.50
CA LEU B 219 39.10 20.11 28.75
C LEU B 219 40.25 19.73 29.70
N GLY B 220 40.44 20.53 30.74
CA GLY B 220 41.47 20.29 31.75
C GLY B 220 41.32 19.06 32.65
N ARG B 221 40.15 18.42 32.62
CA ARG B 221 39.94 17.11 33.27
C ARG B 221 40.23 15.91 32.38
N LEU B 222 40.21 16.11 31.06
CA LEU B 222 40.37 14.99 30.13
C LEU B 222 41.83 14.55 30.04
N SER B 223 42.04 13.39 29.43
CA SER B 223 43.38 12.83 29.24
C SER B 223 44.21 13.69 28.28
N GLU B 224 45.49 13.38 28.20
CA GLU B 224 46.45 14.10 27.34
C GLU B 224 46.15 13.86 25.86
N ASN B 225 45.78 12.63 25.50
CA ASN B 225 45.40 12.30 24.13
C ASN B 225 44.13 13.04 23.66
N ALA B 226 43.14 13.17 24.56
CA ALA B 226 41.92 13.91 24.29
C ALA B 226 42.18 15.42 24.22
N GLN B 227 43.00 15.94 25.13
CA GLN B 227 43.44 17.35 25.12
C GLN B 227 44.22 17.74 23.86
N GLN B 228 44.87 16.77 23.21
CA GLN B 228 45.61 17.00 21.95
C GLN B 228 44.74 16.88 20.70
N ASP B 229 43.52 16.37 20.84
CA ASP B 229 42.57 16.27 19.74
C ASP B 229 41.92 17.64 19.46
N THR B 230 42.11 18.16 18.26
CA THR B 230 41.61 19.51 17.91
C THR B 230 40.09 19.55 17.79
N LYS B 231 39.49 18.48 17.28
CA LYS B 231 38.02 18.39 17.16
C LYS B 231 37.32 18.44 18.53
N ILE B 232 37.89 17.74 19.51
CA ILE B 232 37.41 17.81 20.90
C ILE B 232 37.59 19.21 21.46
N VAL B 233 38.75 19.81 21.19
CA VAL B 233 39.08 21.16 21.67
C VAL B 233 38.14 22.22 21.05
N THR B 234 37.92 22.12 19.75
CA THR B 234 36.97 22.98 19.02
C THR B 234 35.54 22.85 19.56
N ALA B 235 35.10 21.61 19.71
CA ALA B 235 33.75 21.31 20.22
C ALA B 235 33.51 21.96 21.58
N ILE B 236 34.46 21.80 22.50
CA ILE B 236 34.35 22.41 23.84
C ILE B 236 34.31 23.94 23.74
N ASP B 237 35.12 24.51 22.85
CA ASP B 237 35.16 25.95 22.64
C ASP B 237 33.82 26.48 22.08
N GLU B 238 33.25 25.74 21.12
CA GLU B 238 31.92 26.04 20.59
C GLU B 238 30.85 26.06 21.69
N LEU B 239 30.88 25.08 22.58
CA LEU B 239 29.97 25.05 23.74
C LEU B 239 30.12 26.27 24.65
N GLN B 240 31.36 26.69 24.88
CA GLN B 240 31.62 27.88 25.72
C GLN B 240 31.10 29.18 25.11
N ARG B 241 31.25 29.33 23.79
CA ARG B 241 30.80 30.53 23.08
C ARG B 241 29.28 30.62 23.05
N LEU B 242 28.63 29.50 22.72
CA LEU B 242 27.17 29.46 22.76
C LEU B 242 26.62 29.76 24.15
N LYS B 243 27.21 29.14 25.18
CA LYS B 243 26.79 29.37 26.57
C LYS B 243 26.88 30.85 26.94
N ALA B 244 28.03 31.45 26.65
CA ALA B 244 28.26 32.87 26.92
C ALA B 244 27.24 33.77 26.22
N HIS B 245 26.99 33.50 24.94
CA HIS B 245 26.00 34.26 24.16
C HIS B 245 24.59 34.15 24.71
N LEU B 246 24.20 32.96 25.17
CA LEU B 246 22.85 32.74 25.71
C LEU B 246 22.62 33.40 27.08
N GLN B 247 23.68 33.56 27.87
CA GLN B 247 23.59 34.23 29.17
C GLN B 247 23.68 35.75 29.00
N VAL B 248 24.72 36.22 28.31
CA VAL B 248 24.91 37.66 28.05
C VAL B 248 23.72 38.25 27.25
N GLN B 249 23.59 37.89 25.98
CA GLN B 249 22.58 38.50 25.11
C GLN B 249 21.11 38.22 25.53
N TRP B 250 20.85 37.04 26.08
CA TRP B 250 19.47 36.60 26.31
C TRP B 250 19.10 36.27 27.75
N GLN B 251 20.05 36.32 28.68
CA GLN B 251 19.82 35.92 30.06
C GLN B 251 19.05 34.60 30.11
N CYS B 252 19.66 33.58 29.50
CA CYS B 252 19.08 32.26 29.47
C CYS B 252 19.78 31.37 30.48
N ALA B 253 18.97 30.57 31.19
CA ALA B 253 19.46 29.51 32.06
C ALA B 253 19.93 28.34 31.18
N VAL B 254 21.24 28.09 31.19
CA VAL B 254 21.86 27.09 30.31
C VAL B 254 22.55 26.00 31.11
N SER B 255 22.17 24.75 30.83
CA SER B 255 22.85 23.58 31.35
C SER B 255 23.62 22.97 30.19
N ILE B 256 24.76 22.37 30.49
CA ILE B 256 25.57 21.65 29.50
C ILE B 256 25.42 20.17 29.79
N ASP B 257 25.19 19.40 28.74
CA ASP B 257 25.20 17.94 28.84
C ASP B 257 25.81 17.37 27.57
N VAL B 258 27.11 17.04 27.65
CA VAL B 258 27.84 16.41 26.55
C VAL B 258 27.52 14.92 26.37
N THR B 259 26.83 14.32 27.34
CA THR B 259 26.32 12.95 27.16
C THR B 259 24.94 12.87 26.47
N GLU B 260 24.40 14.01 26.03
CA GLU B 260 23.15 14.04 25.26
C GLU B 260 23.44 13.57 23.84
N LEU B 261 23.17 12.29 23.58
CA LEU B 261 23.54 11.64 22.33
C LEU B 261 22.37 11.04 21.55
N SER B 262 21.14 11.43 21.85
CA SER B 262 20.01 11.08 20.98
C SER B 262 20.21 11.72 19.61
N GLY B 263 19.74 11.05 18.57
CA GLY B 263 20.03 11.48 17.20
C GLY B 263 21.52 11.48 16.90
N TYR B 264 22.18 10.41 17.36
CA TYR B 264 23.61 10.20 17.19
C TYR B 264 23.98 10.16 15.72
N HIS B 265 23.07 9.63 14.91
CA HIS B 265 23.30 9.38 13.50
C HIS B 265 23.02 10.58 12.58
N TYR B 266 22.06 11.43 12.93
CA TYR B 266 21.81 12.65 12.11
C TYR B 266 22.60 13.89 12.59
N HIS B 267 22.78 14.06 13.89
CA HIS B 267 23.55 15.18 14.40
C HIS B 267 25.07 15.01 14.16
N THR B 268 25.75 16.10 13.85
CA THR B 268 27.18 16.10 13.50
C THR B 268 28.02 17.09 14.32
N GLY B 269 27.46 17.61 15.41
CA GLY B 269 28.17 18.60 16.18
C GLY B 269 27.36 19.12 17.34
N ILE B 270 27.24 20.45 17.40
CA ILE B 270 26.60 21.13 18.50
C ILE B 270 25.09 20.82 18.44
N VAL B 271 24.47 20.57 19.59
CA VAL B 271 23.02 20.35 19.69
C VAL B 271 22.39 21.22 20.76
N PHE B 272 21.15 21.67 20.51
CA PHE B 272 20.35 22.35 21.53
C PHE B 272 18.98 21.72 21.71
N ASN B 273 18.57 21.67 22.97
CA ASN B 273 17.26 21.19 23.37
C ASN B 273 16.63 22.23 24.29
N GLY B 274 15.52 22.82 23.85
CA GLY B 274 14.76 23.79 24.63
C GLY B 274 13.61 23.10 25.32
N TYR B 275 13.56 23.20 26.64
CA TYR B 275 12.52 22.60 27.48
C TYR B 275 11.66 23.70 28.07
N ILE B 276 10.34 23.49 28.06
CA ILE B 276 9.37 24.45 28.58
C ILE B 276 8.91 23.99 29.96
N ASN B 277 9.00 24.90 30.94
CA ASN B 277 8.71 24.59 32.34
C ASN B 277 9.39 23.27 32.80
N SER B 278 8.61 22.25 33.15
CA SER B 278 9.13 20.97 33.59
C SER B 278 8.61 19.84 32.70
N GLU B 279 8.22 20.18 31.47
CA GLU B 279 7.76 19.17 30.51
C GLU B 279 8.94 18.35 30.00
N THR B 280 8.76 17.04 29.92
CA THR B 280 9.86 16.11 29.67
C THR B 280 10.38 16.17 28.24
N GLN B 281 9.47 16.18 27.28
CA GLN B 281 9.88 16.28 25.88
C GLN B 281 10.28 17.73 25.58
N PRO B 282 11.47 17.92 24.96
CA PRO B 282 11.86 19.28 24.61
C PRO B 282 10.88 19.93 23.64
N LEU B 283 10.63 21.23 23.80
CA LEU B 283 9.80 21.99 22.88
C LEU B 283 10.58 22.28 21.62
N VAL B 284 11.82 22.72 21.78
CA VAL B 284 12.68 23.01 20.64
C VAL B 284 13.83 21.99 20.57
N ARG B 285 14.03 21.39 19.40
CA ARG B 285 15.20 20.56 19.12
C ARG B 285 15.98 21.23 18.01
N GLY B 286 17.29 21.36 18.19
CA GLY B 286 18.13 21.93 17.14
C GLY B 286 19.55 21.41 17.18
N GLY B 287 20.30 21.70 16.13
CA GLY B 287 21.72 21.35 16.08
C GLY B 287 22.28 21.23 14.70
N ARG B 288 23.56 20.84 14.64
CA ARG B 288 24.26 20.63 13.37
C ARG B 288 23.84 19.31 12.74
N PHE B 289 23.65 19.31 11.42
CA PHE B 289 23.42 18.09 10.64
C PHE B 289 24.06 18.24 9.26
N ASP B 290 24.07 17.17 8.46
CA ASP B 290 24.66 17.19 7.12
C ASP B 290 23.66 17.60 6.04
N GLY B 291 24.12 18.39 5.07
CA GLY B 291 23.35 18.71 3.85
C GLY B 291 23.65 17.75 2.69
N MET B 292 23.33 16.47 2.88
CA MET B 292 23.53 15.42 1.87
C MET B 292 22.64 15.66 0.64
N PRO B 302 29.86 18.44 0.26
CA PRO B 302 29.75 18.24 1.72
C PRO B 302 29.21 19.49 2.45
N ARG B 303 27.89 19.69 2.32
CA ARG B 303 27.23 20.96 2.70
C ARG B 303 26.94 21.07 4.19
N GLN B 304 27.34 22.19 4.78
CA GLN B 304 27.07 22.48 6.19
C GLN B 304 25.60 22.85 6.40
N ALA B 305 25.02 22.38 7.49
CA ALA B 305 23.64 22.73 7.83
C ALA B 305 23.44 22.74 9.33
N THR B 306 22.65 23.70 9.80
CA THR B 306 22.26 23.77 11.19
C THR B 306 20.82 24.34 11.24
N GLY B 307 20.03 23.89 12.20
CA GLY B 307 18.62 24.31 12.27
C GLY B 307 17.95 23.98 13.57
N PHE B 308 16.69 24.39 13.69
CA PHE B 308 15.83 23.96 14.80
C PHE B 308 14.41 23.80 14.32
N SER B 309 13.66 23.00 15.07
CA SER B 309 12.23 22.89 14.87
C SER B 309 11.50 22.76 16.21
N MET B 310 10.19 22.96 16.14
CA MET B 310 9.32 22.85 17.30
C MET B 310 7.90 22.57 16.86
N ASP B 311 7.12 21.92 17.72
CA ASP B 311 5.68 21.73 17.48
C ASP B 311 4.94 22.98 17.99
N VAL B 312 4.34 23.72 17.05
CA VAL B 312 3.58 24.93 17.35
C VAL B 312 2.42 24.64 18.31
N SER B 313 1.79 23.47 18.18
CA SER B 313 0.65 23.11 19.02
C SER B 313 0.99 23.00 20.51
N ARG B 314 2.25 22.72 20.82
CA ARG B 314 2.72 22.73 22.21
C ARG B 314 2.86 24.12 22.86
N LEU B 315 2.86 25.18 22.07
CA LEU B 315 2.79 26.57 22.58
C LEU B 315 1.40 26.99 23.06
N LEU B 316 0.35 26.32 22.57
CA LEU B 316 -1.05 26.70 22.84
C LEU B 316 -1.36 26.79 24.31
N ALA B 317 -0.90 25.81 25.09
CA ALA B 317 -1.08 25.81 26.55
C ALA B 317 -0.34 26.94 27.31
N HIS B 318 0.62 27.60 26.67
CA HIS B 318 1.49 28.58 27.31
C HIS B 318 1.32 30.01 26.80
N THR B 319 0.40 30.22 25.87
CA THR B 319 0.16 31.53 25.26
C THR B 319 -1.29 31.92 25.42
N GLN B 320 -1.55 33.22 25.35
CA GLN B 320 -2.90 33.77 25.48
C GLN B 320 -3.12 34.82 24.42
N LEU B 321 -4.31 34.88 23.86
CA LEU B 321 -4.72 36.05 23.08
C LEU B 321 -5.69 36.90 23.91
N ASP B 322 -5.86 38.16 23.53
CA ASP B 322 -6.90 39.02 24.14
C ASP B 322 -8.22 38.36 23.85
N ALA B 323 -9.10 38.38 24.84
CA ALA B 323 -10.46 37.89 24.67
C ALA B 323 -11.06 38.44 23.36
N PRO B 324 -11.77 37.59 22.61
CA PRO B 324 -12.35 38.06 21.37
C PRO B 324 -13.66 38.82 21.59
N PHE B 325 -13.88 39.86 20.79
CA PHE B 325 -15.19 40.50 20.70
C PHE B 325 -16.06 39.71 19.73
N ILE B 326 -17.12 39.08 20.25
CA ILE B 326 -18.07 38.28 19.48
C ILE B 326 -19.44 38.99 19.46
N VAL B 327 -19.76 39.61 18.32
CA VAL B 327 -20.90 40.53 18.16
C VAL B 327 -22.05 39.89 17.39
N LEU B 328 -23.27 40.01 17.92
CA LEU B 328 -24.49 39.64 17.21
C LEU B 328 -25.29 40.90 16.88
N ILE B 329 -25.62 41.07 15.61
CA ILE B 329 -26.56 42.12 15.18
C ILE B 329 -27.97 41.68 15.60
N ASP B 330 -28.72 42.56 16.26
CA ASP B 330 -30.09 42.24 16.67
C ASP B 330 -30.97 41.98 15.44
N TYR B 331 -31.57 40.78 15.37
CA TYR B 331 -32.32 40.33 14.20
C TYR B 331 -33.58 41.18 13.94
N ASP B 332 -34.44 41.30 14.95
CA ASP B 332 -35.71 42.04 14.86
C ASP B 332 -35.49 43.51 14.51
N ALA B 333 -34.54 44.15 15.19
CA ALA B 333 -34.25 45.57 14.91
C ALA B 333 -33.68 45.76 13.50
N PHE B 334 -32.83 44.84 13.05
CA PHE B 334 -32.27 44.89 11.72
C PHE B 334 -33.35 44.82 10.64
N ASN B 335 -34.28 43.87 10.81
CA ASN B 335 -35.35 43.65 9.83
C ASN B 335 -36.54 44.63 9.92
N ASN B 336 -36.51 45.54 10.90
CA ASN B 336 -37.37 46.73 10.92
C ASN B 336 -36.78 47.92 10.16
N LEU B 337 -35.51 47.84 9.74
CA LEU B 337 -34.85 48.98 9.10
C LEU B 337 -35.29 49.13 7.66
N ASP B 338 -35.34 50.38 7.21
CA ASP B 338 -35.43 50.66 5.77
C ASP B 338 -34.05 50.39 5.13
N SER B 339 -34.03 50.38 3.79
CA SER B 339 -32.83 50.00 3.02
C SER B 339 -31.59 50.86 3.30
N ALA B 340 -31.79 52.18 3.37
CA ALA B 340 -30.72 53.12 3.66
C ALA B 340 -30.10 52.90 5.04
N GLN B 341 -30.92 52.67 6.04
CA GLN B 341 -30.44 52.34 7.38
C GLN B 341 -29.66 51.01 7.42
N ARG B 342 -30.06 50.02 6.61
CA ARG B 342 -29.33 48.74 6.53
C ARG B 342 -27.95 48.93 5.94
N GLN B 343 -27.86 49.71 4.88
CA GLN B 343 -26.58 50.02 4.25
C GLN B 343 -25.63 50.72 5.24
N LEU B 344 -26.12 51.71 5.98
CA LEU B 344 -25.30 52.38 7.00
C LEU B 344 -24.84 51.42 8.09
N LEU B 345 -25.73 50.52 8.51
CA LEU B 345 -25.37 49.52 9.50
C LEU B 345 -24.30 48.55 8.96
N LEU B 346 -24.48 48.07 7.73
CA LEU B 346 -23.50 47.18 7.09
C LEU B 346 -22.12 47.84 6.93
N GLN B 347 -22.07 49.15 6.69
CA GLN B 347 -20.80 49.91 6.69
C GLN B 347 -20.14 49.94 8.07
N GLN B 348 -20.94 50.13 9.11
CA GLN B 348 -20.45 50.04 10.49
C GLN B 348 -19.92 48.62 10.76
N VAL B 349 -20.64 47.59 10.31
CA VAL B 349 -20.25 46.19 10.50
C VAL B 349 -18.92 45.86 9.80
N ALA B 350 -18.76 46.31 8.55
CA ALA B 350 -17.51 46.12 7.80
C ALA B 350 -16.31 46.77 8.47
N SER B 351 -16.53 47.94 9.07
CA SER B 351 -15.51 48.65 9.82
C SER B 351 -15.11 47.90 11.09
N LEU B 352 -16.10 47.36 11.80
CA LEU B 352 -15.84 46.52 12.98
C LEU B 352 -15.06 45.27 12.58
N ARG B 353 -15.43 44.67 11.45
CA ARG B 353 -14.76 43.45 10.97
C ARG B 353 -13.31 43.68 10.60
N GLN B 354 -13.02 44.84 10.02
CA GLN B 354 -11.66 45.21 9.65
C GLN B 354 -10.77 45.37 10.88
N GLN B 355 -11.34 45.77 12.00
CA GLN B 355 -10.62 45.85 13.29
C GLN B 355 -10.60 44.53 14.09
N GLY B 356 -11.08 43.44 13.50
CA GLY B 356 -11.02 42.12 14.12
C GLY B 356 -12.20 41.68 14.96
N TYR B 357 -13.28 42.46 14.96
CA TYR B 357 -14.54 42.05 15.59
C TYR B 357 -15.17 40.92 14.80
N ARG B 358 -15.76 39.96 15.52
CA ARG B 358 -16.44 38.83 14.90
C ARG B 358 -17.94 39.07 14.91
N VAL B 359 -18.44 39.59 13.79
CA VAL B 359 -19.83 40.02 13.65
C VAL B 359 -20.67 39.00 12.89
N THR B 360 -21.66 38.43 13.58
CA THR B 360 -22.64 37.55 12.96
C THR B 360 -23.87 38.36 12.51
N MET B 361 -24.19 38.24 11.22
CA MET B 361 -25.46 38.69 10.68
C MET B 361 -26.46 37.53 10.82
N PRO B 362 -27.49 37.68 11.68
CA PRO B 362 -28.33 36.53 11.98
C PRO B 362 -29.30 36.14 10.86
N LEU B 363 -29.51 34.83 10.72
CA LEU B 363 -30.45 34.27 9.75
C LEU B 363 -31.85 34.15 10.33
N THR B 364 -31.93 34.07 11.66
CA THR B 364 -33.17 33.88 12.40
C THR B 364 -33.08 34.64 13.73
N ALA B 365 -34.22 34.79 14.40
CA ALA B 365 -34.27 35.39 15.74
C ALA B 365 -33.52 34.56 16.79
N GLU B 366 -33.31 33.27 16.53
CA GLU B 366 -32.59 32.36 17.43
C GLU B 366 -31.09 32.25 17.15
N ASP B 367 -30.66 32.70 15.97
CA ASP B 367 -29.26 32.59 15.53
C ASP B 367 -28.31 33.26 16.52
N MET B 368 -27.57 32.42 17.25
CA MET B 368 -26.80 32.82 18.42
C MET B 368 -25.36 32.32 18.29
N PRO B 369 -24.39 33.23 18.03
CA PRO B 369 -23.01 32.74 17.99
C PRO B 369 -22.49 32.28 19.37
N VAL B 370 -21.57 31.33 19.34
CA VAL B 370 -20.97 30.77 20.56
C VAL B 370 -20.05 31.81 21.21
N GLY B 371 -20.09 31.88 22.54
CA GLY B 371 -19.25 32.83 23.31
C GLY B 371 -19.61 34.30 23.14
N LEU B 372 -20.88 34.57 22.84
CA LEU B 372 -21.36 35.94 22.58
C LEU B 372 -20.93 36.89 23.69
N THR B 373 -20.32 38.01 23.31
CA THR B 373 -19.88 39.04 24.26
C THR B 373 -20.66 40.36 24.17
N HIS B 374 -21.08 40.74 22.96
CA HIS B 374 -21.75 42.01 22.73
C HIS B 374 -22.91 41.85 21.76
N ARG B 375 -23.92 42.71 21.89
CA ARG B 375 -24.97 42.86 20.88
C ARG B 375 -24.80 44.22 20.23
N LEU B 376 -24.93 44.26 18.90
CA LEU B 376 -25.01 45.52 18.19
C LEU B 376 -26.50 45.83 18.11
N SER B 377 -26.98 46.64 19.06
CA SER B 377 -28.41 46.95 19.27
C SER B 377 -28.71 48.40 18.91
N LEU B 378 -29.98 48.64 18.61
CA LEU B 378 -30.48 49.98 18.29
C LEU B 378 -31.08 50.63 19.53
N ALA B 379 -30.55 51.80 19.90
CA ALA B 379 -31.10 52.60 21.01
C ALA B 379 -31.10 54.08 20.60
N ASP B 380 -32.25 54.74 20.80
CA ASP B 380 -32.53 56.10 20.28
C ASP B 380 -31.84 56.45 18.94
N ASN B 381 -32.33 55.82 17.86
CA ASN B 381 -31.85 56.03 16.49
C ASN B 381 -30.30 56.08 16.36
N GLN B 382 -29.65 55.10 16.99
CA GLN B 382 -28.19 54.95 16.93
C GLN B 382 -27.80 53.50 17.32
N TRP B 383 -26.83 52.93 16.58
CA TRP B 383 -26.39 51.53 16.80
C TRP B 383 -25.12 51.46 17.65
N ARG B 384 -25.23 50.83 18.81
CA ARG B 384 -24.16 50.74 19.79
C ARG B 384 -23.95 49.30 20.26
N LEU B 385 -22.72 49.01 20.70
CA LEU B 385 -22.37 47.73 21.34
C LEU B 385 -22.72 47.77 22.82
N HIS B 386 -23.47 46.78 23.30
CA HIS B 386 -23.76 46.59 24.73
C HIS B 386 -23.31 45.21 25.14
N ALA B 387 -22.59 45.12 26.27
CA ALA B 387 -22.16 43.84 26.83
C ALA B 387 -23.36 43.02 27.32
N VAL B 388 -23.33 41.71 27.07
CA VAL B 388 -24.45 40.81 27.43
C VAL B 388 -24.70 40.71 28.94
N GLY C 1 -13.88 -11.77 -19.91
CA GLY C 1 -13.11 -10.69 -19.23
C GLY C 1 -11.74 -10.50 -19.84
N MET C 2 -11.29 -9.25 -19.82
CA MET C 2 -9.97 -8.89 -20.29
C MET C 2 -8.96 -9.18 -19.18
N LEU C 3 -7.93 -9.96 -19.49
CA LEU C 3 -6.82 -10.11 -18.56
C LEU C 3 -5.75 -9.10 -18.91
N PRO C 4 -4.88 -8.73 -17.95
CA PRO C 4 -3.77 -7.83 -18.29
C PRO C 4 -2.76 -8.51 -19.19
N ASP C 5 -1.95 -7.71 -19.88
CA ASP C 5 -0.95 -8.23 -20.79
C ASP C 5 0.09 -9.02 -19.99
N GLY C 6 0.52 -10.15 -20.55
CA GLY C 6 1.43 -11.08 -19.87
C GLY C 6 0.76 -11.95 -18.80
N VAL C 7 -0.58 -11.98 -18.80
CA VAL C 7 -1.34 -12.74 -17.82
C VAL C 7 -2.35 -13.58 -18.57
N ALA C 8 -2.26 -14.88 -18.43
CA ALA C 8 -3.12 -15.79 -19.17
C ALA C 8 -3.64 -16.92 -18.30
N ASP C 9 -4.85 -17.37 -18.61
CA ASP C 9 -5.38 -18.60 -18.04
C ASP C 9 -4.68 -19.78 -18.69
N VAL C 10 -4.34 -20.79 -17.90
CA VAL C 10 -3.94 -22.08 -18.43
C VAL C 10 -5.10 -23.03 -18.10
N LEU C 11 -5.81 -23.47 -19.14
CA LEU C 11 -7.11 -24.15 -18.98
C LEU C 11 -7.14 -25.55 -19.55
N PHE C 12 -7.85 -26.42 -18.84
CA PHE C 12 -8.28 -27.73 -19.33
C PHE C 12 -7.09 -28.64 -19.64
N GLU C 13 -6.89 -29.05 -20.89
CA GLU C 13 -5.77 -29.95 -21.20
C GLU C 13 -4.41 -29.30 -20.99
N ASP C 14 -4.32 -27.99 -21.24
CA ASP C 14 -3.08 -27.25 -20.93
C ASP C 14 -2.80 -27.22 -19.42
N ALA C 15 -3.85 -27.09 -18.61
CA ALA C 15 -3.72 -27.11 -17.15
C ALA C 15 -3.28 -28.48 -16.65
N HIS C 16 -3.89 -29.53 -17.21
CA HIS C 16 -3.49 -30.90 -16.90
C HIS C 16 -2.02 -31.13 -17.25
N LYS C 17 -1.63 -30.70 -18.45
CA LYS C 17 -0.24 -30.84 -18.90
C LYS C 17 0.74 -30.09 -17.99
N GLN C 18 0.41 -28.86 -17.61
CA GLN C 18 1.23 -28.08 -16.66
C GLN C 18 1.39 -28.77 -15.32
N GLU C 19 0.31 -29.37 -14.83
CA GLU C 19 0.31 -30.15 -13.60
C GLU C 19 1.26 -31.34 -13.68
N VAL C 20 1.18 -32.08 -14.79
CA VAL C 20 2.04 -33.24 -15.03
C VAL C 20 3.52 -32.84 -15.12
N LEU C 21 3.81 -31.76 -15.86
CA LEU C 21 5.18 -31.29 -16.01
C LEU C 21 5.79 -30.80 -14.69
N ARG C 22 5.08 -29.92 -13.98
CA ARG C 22 5.57 -29.42 -12.70
C ARG C 22 5.96 -30.59 -11.79
N HIS C 23 5.05 -31.56 -11.67
CA HIS C 23 5.22 -32.68 -10.78
C HIS C 23 6.36 -33.59 -11.21
N GLN C 24 6.39 -34.00 -12.47
CA GLN C 24 7.42 -34.92 -12.95
C GLN C 24 8.80 -34.31 -12.91
N LEU C 25 8.92 -33.07 -13.35
CA LEU C 25 10.21 -32.36 -13.32
C LEU C 25 10.69 -32.19 -11.86
N THR C 26 9.77 -31.86 -10.96
CA THR C 26 10.06 -31.74 -9.54
C THR C 26 10.58 -33.09 -8.98
N GLN C 27 9.86 -34.19 -9.25
CA GLN C 27 10.27 -35.54 -8.80
C GLN C 27 11.62 -35.94 -9.35
N GLN C 28 11.89 -35.62 -10.61
CA GLN C 28 13.23 -35.82 -11.18
C GLN C 28 14.34 -35.09 -10.43
N LEU C 29 14.10 -33.84 -10.05
CA LEU C 29 15.11 -33.04 -9.31
C LEU C 29 15.37 -33.62 -7.93
N ILE C 30 14.29 -34.03 -7.28
CA ILE C 30 14.39 -34.68 -5.98
C ILE C 30 15.19 -35.99 -6.08
N THR C 31 14.98 -36.76 -7.14
CA THR C 31 15.71 -38.03 -7.31
C THR C 31 17.19 -37.82 -7.66
N HIS C 32 17.54 -36.62 -8.17
CA HIS C 32 18.94 -36.21 -8.35
C HIS C 32 19.60 -35.60 -7.11
N GLY C 33 18.95 -35.66 -5.94
CA GLY C 33 19.54 -35.22 -4.68
C GLY C 33 19.30 -33.78 -4.30
N TYR C 34 18.34 -33.11 -4.95
CA TYR C 34 18.05 -31.70 -4.69
C TYR C 34 16.88 -31.61 -3.73
N GLN C 35 17.03 -30.81 -2.68
CA GLN C 35 15.98 -30.69 -1.68
C GLN C 35 14.96 -29.68 -2.17
N LEU C 36 13.70 -30.10 -2.19
CA LEU C 36 12.63 -29.21 -2.59
C LEU C 36 12.35 -28.23 -1.46
N VAL C 37 12.20 -26.96 -1.84
CA VAL C 37 11.76 -25.94 -0.92
C VAL C 37 10.63 -25.18 -1.59
N SER C 38 9.71 -24.68 -0.79
CA SER C 38 8.60 -23.91 -1.29
C SER C 38 8.50 -22.66 -0.43
N PRO C 39 9.29 -21.63 -0.78
CA PRO C 39 9.14 -20.35 -0.09
C PRO C 39 7.84 -19.68 -0.48
N PRO C 40 7.36 -18.71 0.34
CA PRO C 40 6.10 -18.05 0.07
C PRO C 40 6.20 -17.00 -1.04
N MET C 41 5.05 -16.59 -1.54
CA MET C 41 4.93 -15.56 -2.59
C MET C 41 5.38 -14.18 -2.13
N ILE C 42 5.18 -13.89 -0.84
CA ILE C 42 5.43 -12.56 -0.28
C ILE C 42 6.42 -12.61 0.88
N GLU C 43 7.29 -11.60 0.93
CA GLU C 43 8.28 -11.43 1.98
C GLU C 43 8.46 -9.94 2.25
N PHE C 44 9.09 -9.61 3.38
CA PHE C 44 9.56 -8.24 3.62
C PHE C 44 10.63 -7.96 2.59
N THR C 45 10.63 -6.73 2.04
CA THR C 45 11.65 -6.32 1.04
C THR C 45 13.08 -6.42 1.56
N GLU C 46 13.26 -6.22 2.87
CA GLU C 46 14.55 -6.42 3.56
C GLU C 46 15.25 -7.71 3.15
N SER C 47 14.52 -8.82 3.12
CA SER C 47 15.08 -10.13 2.73
C SER C 47 14.98 -10.38 1.22
N LEU C 48 13.81 -10.08 0.65
CA LEU C 48 13.52 -10.37 -0.76
C LEU C 48 14.38 -9.59 -1.75
N LEU C 49 14.73 -8.35 -1.40
CA LEU C 49 15.53 -7.47 -2.28
C LEU C 49 16.91 -7.13 -1.70
N SER C 50 17.34 -7.86 -0.67
CA SER C 50 18.72 -7.83 -0.16
C SER C 50 19.75 -8.10 -1.27
N GLY C 51 20.58 -7.12 -1.57
CA GLY C 51 21.61 -7.25 -2.61
C GLY C 51 21.07 -7.39 -4.04
N ALA C 52 19.83 -6.97 -4.26
CA ALA C 52 19.19 -7.09 -5.57
C ALA C 52 19.75 -6.07 -6.56
N SER C 53 19.66 -6.41 -7.85
CA SER C 53 19.92 -5.47 -8.93
C SER C 53 18.78 -4.46 -8.99
N GLU C 54 19.03 -3.34 -9.69
CA GLU C 54 18.01 -2.32 -9.91
C GLU C 54 16.83 -2.85 -10.74
N ASP C 55 17.12 -3.80 -11.61
CA ASP C 55 16.10 -4.40 -12.46
C ASP C 55 15.15 -5.29 -11.63
N LEU C 56 15.71 -6.15 -10.80
CA LEU C 56 14.91 -7.01 -9.92
C LEU C 56 14.02 -6.16 -8.99
N LYS C 57 14.60 -5.10 -8.42
CA LYS C 57 13.84 -4.13 -7.60
C LYS C 57 12.64 -3.55 -8.34
N ARG C 58 12.88 -3.05 -9.54
CA ARG C 58 11.81 -2.49 -10.40
C ARG C 58 10.81 -3.55 -10.82
N GLN C 59 11.27 -4.77 -11.04
CA GLN C 59 10.39 -5.89 -11.41
C GLN C 59 9.50 -6.45 -10.28
N THR C 60 9.78 -6.07 -9.03
CA THR C 60 9.08 -6.56 -7.86
C THR C 60 7.92 -5.64 -7.45
N PHE C 61 6.69 -6.13 -7.51
CA PHE C 61 5.51 -5.40 -7.00
C PHE C 61 5.61 -5.15 -5.49
N LYS C 62 5.23 -3.96 -5.05
CA LYS C 62 5.28 -3.58 -3.63
C LYS C 62 3.90 -3.57 -3.01
N ILE C 63 3.82 -4.03 -1.77
CA ILE C 63 2.58 -4.01 -0.98
C ILE C 63 2.91 -3.76 0.50
N ILE C 64 1.91 -3.30 1.26
CA ILE C 64 2.12 -2.92 2.67
C ILE C 64 1.49 -3.96 3.57
N ASP C 65 2.31 -4.50 4.48
CA ASP C 65 1.88 -5.40 5.55
C ASP C 65 1.04 -4.63 6.56
N GLN C 66 -0.26 -4.93 6.60
CA GLN C 66 -1.19 -4.27 7.51
C GLN C 66 -1.01 -4.60 9.00
N LEU C 67 -0.14 -5.55 9.35
CA LEU C 67 0.15 -5.85 10.75
C LEU C 67 1.35 -5.10 11.30
N THR C 68 2.30 -4.72 10.44
CA THR C 68 3.46 -3.93 10.88
C THR C 68 3.57 -2.54 10.25
N GLY C 69 2.86 -2.30 9.14
CA GLY C 69 3.14 -1.14 8.29
C GLY C 69 4.49 -1.16 7.56
N ARG C 70 5.14 -2.31 7.49
CA ARG C 70 6.39 -2.45 6.77
C ARG C 70 6.14 -2.84 5.31
N LEU C 71 7.19 -2.66 4.50
CA LEU C 71 7.11 -2.96 3.08
C LEU C 71 7.28 -4.44 2.84
N MET C 72 6.39 -5.01 2.03
CA MET C 72 6.57 -6.34 1.48
C MET C 72 6.62 -6.25 -0.04
N GLY C 73 7.06 -7.35 -0.65
CA GLY C 73 7.03 -7.50 -2.11
C GLY C 73 6.46 -8.84 -2.53
N ILE C 74 6.00 -8.91 -3.78
CA ILE C 74 5.62 -10.17 -4.41
C ILE C 74 6.89 -10.61 -5.14
N ARG C 75 7.37 -11.82 -4.88
CA ARG C 75 8.63 -12.26 -5.49
C ARG C 75 8.58 -12.23 -7.02
N ALA C 76 9.65 -11.69 -7.60
CA ALA C 76 9.88 -11.71 -9.04
C ALA C 76 10.95 -12.74 -9.38
N ASP C 77 11.56 -13.33 -8.35
CA ASP C 77 12.66 -14.28 -8.51
C ASP C 77 12.73 -15.09 -7.23
N ILE C 78 12.82 -16.41 -7.35
CA ILE C 78 12.88 -17.30 -6.20
C ILE C 78 14.30 -17.40 -5.64
N THR C 79 15.32 -17.20 -6.48
CA THR C 79 16.74 -17.38 -6.07
C THR C 79 17.15 -16.67 -4.76
N PRO C 80 16.76 -15.39 -4.56
CA PRO C 80 17.09 -14.71 -3.28
C PRO C 80 16.49 -15.39 -2.04
N GLN C 81 15.33 -16.03 -2.19
CA GLN C 81 14.73 -16.82 -1.12
C GLN C 81 15.54 -18.08 -0.83
N ILE C 82 16.12 -18.67 -1.89
CA ILE C 82 17.02 -19.82 -1.72
C ILE C 82 18.29 -19.42 -0.96
N LEU C 83 18.84 -18.23 -1.26
CA LEU C 83 19.95 -17.67 -0.45
C LEU C 83 19.62 -17.58 1.04
N ARG C 84 18.48 -16.96 1.35
CA ARG C 84 17.98 -16.85 2.72
C ARG C 84 17.87 -18.22 3.41
N ILE C 85 17.22 -19.17 2.74
CA ILE C 85 17.04 -20.55 3.26
C ILE C 85 18.38 -21.22 3.48
N ASP C 86 19.27 -21.09 2.50
CA ASP C 86 20.61 -21.66 2.62
C ASP C 86 21.46 -21.02 3.71
N ALA C 87 21.35 -19.71 3.91
CA ALA C 87 22.08 -19.05 4.99
C ALA C 87 21.72 -19.66 6.35
N HIS C 88 20.44 -19.94 6.57
CA HIS C 88 19.94 -20.49 7.83
C HIS C 88 20.12 -22.01 7.96
N HIS C 89 19.92 -22.76 6.87
CA HIS C 89 19.86 -24.24 6.90
C HIS C 89 21.03 -24.95 6.21
N GLY C 90 21.80 -24.24 5.40
CA GLY C 90 22.76 -24.88 4.49
C GLY C 90 24.06 -25.37 5.10
N GLY C 91 24.54 -24.69 6.14
CA GLY C 91 25.88 -24.96 6.67
C GLY C 91 27.00 -24.53 5.74
N ASP C 92 28.18 -25.09 5.95
CA ASP C 92 29.41 -24.73 5.22
C ASP C 92 29.66 -25.62 4.01
N GLY C 93 29.08 -26.82 4.01
CA GLY C 93 29.30 -27.79 2.96
C GLY C 93 28.52 -27.52 1.69
N ILE C 94 28.44 -28.55 0.87
CA ILE C 94 27.62 -28.52 -0.33
C ILE C 94 26.16 -28.65 0.07
N ALA C 95 25.30 -27.90 -0.60
CA ALA C 95 23.86 -28.01 -0.41
C ALA C 95 23.14 -27.82 -1.75
N ARG C 96 22.15 -28.65 -2.01
CA ARG C 96 21.41 -28.65 -3.26
C ARG C 96 19.97 -28.32 -2.96
N TYR C 97 19.37 -27.45 -3.78
CA TYR C 97 17.97 -27.05 -3.61
C TYR C 97 17.29 -27.03 -4.97
N CYS C 98 16.00 -27.32 -4.98
CA CYS C 98 15.16 -27.11 -6.15
C CYS C 98 13.85 -26.52 -5.70
N TYR C 99 13.08 -26.03 -6.66
CA TYR C 99 11.84 -25.33 -6.41
C TYR C 99 11.02 -25.23 -7.66
N ALA C 100 9.72 -25.03 -7.47
CA ALA C 100 8.81 -24.72 -8.54
C ALA C 100 7.69 -23.87 -7.95
N GLY C 101 7.59 -22.62 -8.38
CA GLY C 101 6.59 -21.72 -7.82
C GLY C 101 6.30 -20.53 -8.71
N ASP C 102 5.13 -19.95 -8.52
CA ASP C 102 4.74 -18.74 -9.26
C ASP C 102 5.59 -17.54 -8.84
N VAL C 103 6.05 -16.77 -9.84
CA VAL C 103 6.62 -15.45 -9.61
C VAL C 103 5.86 -14.42 -10.45
N ILE C 104 5.90 -13.17 -10.02
CA ILE C 104 5.17 -12.09 -10.68
C ILE C 104 6.14 -10.95 -11.02
N HIS C 105 6.01 -10.41 -12.23
CA HIS C 105 6.86 -9.35 -12.76
C HIS C 105 6.00 -8.14 -13.07
N THR C 106 6.49 -6.95 -12.76
CA THR C 106 5.76 -5.71 -13.08
C THR C 106 5.66 -5.49 -14.59
N LEU C 107 6.73 -5.80 -15.32
CA LEU C 107 6.77 -5.65 -16.79
C LEU C 107 7.24 -6.94 -17.48
N PRO C 108 6.69 -7.25 -18.68
CA PRO C 108 7.15 -8.42 -19.44
C PRO C 108 8.60 -8.29 -19.92
N SER C 109 9.29 -9.41 -20.09
CA SER C 109 10.66 -9.42 -20.62
C SER C 109 10.66 -9.32 -22.14
N GLY C 110 10.03 -10.30 -22.78
CA GLY C 110 9.94 -10.33 -24.23
C GLY C 110 8.70 -9.63 -24.74
N LEU C 111 8.60 -9.52 -26.06
CA LEU C 111 7.38 -9.03 -26.72
C LEU C 111 6.28 -10.05 -26.48
N PHE C 112 5.18 -9.59 -25.92
CA PHE C 112 4.08 -10.45 -25.46
C PHE C 112 4.52 -11.55 -24.48
N GLY C 113 5.62 -11.30 -23.76
CA GLY C 113 6.11 -12.23 -22.76
C GLY C 113 5.23 -12.24 -21.53
N SER C 114 5.34 -13.31 -20.77
CA SER C 114 4.54 -13.52 -19.57
C SER C 114 5.05 -12.66 -18.42
N ARG C 115 4.12 -12.17 -17.62
CA ARG C 115 4.42 -11.55 -16.32
C ARG C 115 4.13 -12.50 -15.14
N THR C 116 3.56 -13.69 -15.41
CA THR C 116 3.23 -14.67 -14.35
C THR C 116 3.81 -16.06 -14.64
N PRO C 117 5.16 -16.18 -14.70
CA PRO C 117 5.76 -17.49 -14.98
C PRO C 117 5.66 -18.48 -13.82
N LEU C 118 5.58 -19.77 -14.16
CA LEU C 118 5.76 -20.83 -13.17
C LEU C 118 7.24 -21.20 -13.18
N GLN C 119 7.97 -20.61 -12.23
CA GLN C 119 9.43 -20.68 -12.23
C GLN C 119 9.90 -21.96 -11.54
N LEU C 120 10.60 -22.80 -12.31
CA LEU C 120 11.17 -24.05 -11.81
C LEU C 120 12.69 -23.98 -11.92
N GLY C 121 13.38 -24.41 -10.87
CA GLY C 121 14.83 -24.35 -10.87
C GLY C 121 15.55 -25.22 -9.86
N ALA C 122 16.87 -25.19 -9.96
CA ALA C 122 17.73 -25.98 -9.10
C ALA C 122 19.00 -25.22 -8.88
N GLU C 123 19.57 -25.34 -7.68
CA GLU C 123 20.78 -24.62 -7.33
C GLU C 123 21.71 -25.46 -6.46
N ILE C 124 23.02 -25.28 -6.65
CA ILE C 124 24.05 -25.94 -5.85
C ILE C 124 24.87 -24.86 -5.18
N PHE C 125 24.96 -24.92 -3.86
CA PHE C 125 25.76 -23.97 -3.08
C PHE C 125 26.98 -24.72 -2.53
N GLY C 126 28.11 -24.01 -2.43
CA GLY C 126 29.29 -24.50 -1.70
C GLY C 126 30.28 -25.34 -2.48
N CYS C 127 30.15 -25.39 -3.80
CA CYS C 127 31.13 -26.04 -4.67
C CYS C 127 31.72 -25.03 -5.67
N GLU C 128 33.03 -24.80 -5.55
CA GLU C 128 33.78 -23.92 -6.45
C GLU C 128 34.04 -24.56 -7.82
N SER C 129 33.97 -25.88 -7.87
CA SER C 129 34.41 -26.66 -9.03
C SER C 129 33.43 -26.58 -10.19
N ILE C 130 33.97 -26.57 -11.40
CA ILE C 130 33.19 -26.72 -12.64
C ILE C 130 32.31 -27.99 -12.65
N ALA C 131 32.71 -29.02 -11.90
CA ALA C 131 31.92 -30.23 -11.67
C ALA C 131 30.47 -29.99 -11.21
N ALA C 132 30.25 -28.97 -10.39
CA ALA C 132 28.92 -28.55 -9.98
C ALA C 132 28.11 -28.02 -11.17
N ASP C 133 28.74 -27.22 -12.02
CA ASP C 133 28.05 -26.71 -13.23
C ASP C 133 27.71 -27.87 -14.19
N ILE C 134 28.60 -28.84 -14.31
CA ILE C 134 28.36 -30.04 -15.13
C ILE C 134 27.24 -30.93 -14.56
N GLU C 135 27.19 -31.08 -13.24
CA GLU C 135 26.08 -31.78 -12.60
C GLU C 135 24.74 -31.11 -12.91
N LEU C 136 24.70 -29.79 -12.90
CA LEU C 136 23.46 -29.07 -13.19
C LEU C 136 22.99 -29.31 -14.62
N ILE C 137 23.94 -29.32 -15.56
CA ILE C 137 23.67 -29.65 -16.96
C ILE C 137 23.08 -31.05 -17.07
N ASP C 138 23.71 -32.03 -16.40
CA ASP C 138 23.21 -33.42 -16.38
C ASP C 138 21.78 -33.52 -15.91
N VAL C 139 21.49 -32.78 -14.86
CA VAL C 139 20.15 -32.73 -14.31
C VAL C 139 19.20 -32.07 -15.31
N LEU C 140 19.58 -30.90 -15.83
CA LEU C 140 18.78 -30.15 -16.80
C LEU C 140 18.43 -30.98 -18.05
N PHE C 141 19.43 -31.62 -18.65
CA PHE C 141 19.19 -32.37 -19.89
C PHE C 141 18.50 -33.72 -19.67
N SER C 142 18.67 -34.30 -18.50
CA SER C 142 17.87 -35.44 -18.10
C SER C 142 16.38 -35.06 -18.08
N MET C 143 16.07 -33.92 -17.48
CA MET C 143 14.71 -33.37 -17.45
C MET C 143 14.15 -33.09 -18.85
N ILE C 144 14.96 -32.44 -19.69
CA ILE C 144 14.55 -32.08 -21.06
C ILE C 144 14.29 -33.34 -21.91
N ASN C 145 15.16 -34.34 -21.79
CA ASN C 145 14.96 -35.60 -22.54
C ASN C 145 13.71 -36.33 -22.09
N SER C 146 13.37 -36.29 -20.80
CA SER C 146 12.12 -36.90 -20.31
C SER C 146 10.86 -36.25 -20.90
N LEU C 147 10.96 -35.00 -21.35
CA LEU C 147 9.83 -34.30 -21.99
C LEU C 147 9.47 -34.78 -23.40
N ASP C 148 10.34 -35.56 -24.05
CA ASP C 148 10.06 -36.10 -25.38
C ASP C 148 9.55 -35.03 -26.36
N MET C 149 10.27 -33.92 -26.44
CA MET C 149 9.91 -32.83 -27.34
C MET C 149 10.47 -33.11 -28.72
N SER C 150 9.81 -32.57 -29.74
CA SER C 150 10.39 -32.46 -31.08
C SER C 150 11.24 -31.18 -31.19
N ALA C 151 10.88 -30.15 -30.42
CA ALA C 151 11.62 -28.89 -30.40
C ALA C 151 13.07 -29.09 -29.92
N VAL C 152 13.96 -28.27 -30.45
CA VAL C 152 15.40 -28.41 -30.23
C VAL C 152 15.91 -27.32 -29.31
N LEU C 153 16.66 -27.72 -28.28
CA LEU C 153 17.25 -26.81 -27.33
C LEU C 153 18.66 -26.46 -27.81
N HIS C 154 18.86 -25.20 -28.21
CA HIS C 154 20.20 -24.67 -28.51
C HIS C 154 20.74 -23.98 -27.25
N VAL C 155 22.00 -24.22 -26.93
CA VAL C 155 22.62 -23.65 -25.74
C VAL C 155 23.69 -22.63 -26.12
N ASP C 156 23.57 -21.44 -25.54
CA ASP C 156 24.61 -20.41 -25.60
C ASP C 156 25.38 -20.45 -24.28
N LEU C 157 26.70 -20.57 -24.34
CA LEU C 157 27.56 -20.45 -23.18
C LEU C 157 28.34 -19.16 -23.26
N GLY C 158 28.39 -18.45 -22.13
CA GLY C 158 29.26 -17.30 -21.94
C GLY C 158 30.05 -17.46 -20.64
N HIS C 159 30.88 -16.47 -20.35
CA HIS C 159 31.66 -16.46 -19.12
C HIS C 159 32.09 -15.02 -18.82
N VAL C 160 31.39 -14.38 -17.88
CA VAL C 160 31.59 -12.95 -17.63
C VAL C 160 32.99 -12.59 -17.12
N THR C 161 33.66 -13.55 -16.47
CA THR C 161 34.99 -13.37 -15.91
C THR C 161 35.99 -12.85 -16.94
N ILE C 162 35.89 -13.34 -18.18
CA ILE C 162 36.85 -13.00 -19.23
C ILE C 162 36.88 -11.48 -19.44
N PHE C 163 35.71 -10.91 -19.70
CA PHE C 163 35.58 -9.46 -19.88
C PHE C 163 35.92 -8.67 -18.62
N LYS C 164 35.43 -9.13 -17.46
CA LYS C 164 35.75 -8.48 -16.19
C LYS C 164 37.26 -8.43 -15.91
N ARG C 165 37.96 -9.53 -16.16
CA ARG C 165 39.41 -9.58 -15.97
C ARG C 165 40.16 -8.66 -16.93
N LEU C 166 39.78 -8.66 -18.20
CA LEU C 166 40.34 -7.72 -19.16
C LEU C 166 40.12 -6.27 -18.72
N ALA C 167 38.92 -5.95 -18.25
CA ALA C 167 38.58 -4.60 -17.81
C ALA C 167 39.45 -4.12 -16.64
N GLU C 168 39.69 -5.01 -15.68
CA GLU C 168 40.62 -4.75 -14.57
C GLU C 168 42.07 -4.58 -15.03
N LEU C 169 42.57 -5.50 -15.84
CA LEU C 169 43.93 -5.41 -16.40
C LEU C 169 44.13 -4.20 -17.34
N ALA C 170 43.06 -3.77 -17.99
CA ALA C 170 43.08 -2.62 -18.89
C ALA C 170 42.81 -1.31 -18.16
N ALA C 171 42.52 -1.36 -16.86
CA ALA C 171 42.21 -0.16 -16.08
C ALA C 171 41.12 0.69 -16.75
N LEU C 172 40.07 0.03 -17.23
CA LEU C 172 38.95 0.71 -17.85
C LEU C 172 38.17 1.51 -16.84
N SER C 173 37.79 2.73 -17.21
CA SER C 173 36.85 3.52 -16.43
C SER C 173 35.45 2.90 -16.51
N ALA C 174 34.58 3.30 -15.58
CA ALA C 174 33.17 2.92 -15.63
C ALA C 174 32.53 3.32 -16.96
N SER C 175 32.85 4.53 -17.41
CA SER C 175 32.36 5.05 -18.68
C SER C 175 32.72 4.17 -19.91
N ASP C 176 33.99 3.80 -20.03
CA ASP C 176 34.45 2.93 -21.12
C ASP C 176 33.86 1.52 -21.00
N THR C 177 33.75 1.02 -19.78
CA THR C 177 33.17 -0.29 -19.50
C THR C 177 31.71 -0.34 -19.98
N GLU C 178 30.93 0.66 -19.61
CA GLU C 178 29.54 0.81 -20.07
C GLU C 178 29.45 0.87 -21.60
N GLN C 179 30.32 1.65 -22.23
CA GLN C 179 30.32 1.80 -23.68
C GLN C 179 30.58 0.47 -24.40
N LEU C 180 31.56 -0.29 -23.90
CA LEU C 180 31.85 -1.60 -24.47
C LEU C 180 30.68 -2.57 -24.31
N MET C 181 30.02 -2.55 -23.16
CA MET C 181 28.87 -3.44 -22.94
C MET C 181 27.71 -3.15 -23.89
N GLN C 182 27.38 -1.87 -24.07
CA GLN C 182 26.37 -1.41 -25.03
C GLN C 182 26.65 -1.91 -26.43
N LEU C 183 27.89 -1.74 -26.88
CA LEU C 183 28.34 -2.16 -28.22
C LEU C 183 28.34 -3.67 -28.42
N TYR C 184 28.70 -4.41 -27.38
CA TYR C 184 28.60 -5.87 -27.38
C TYR C 184 27.15 -6.34 -27.48
N ALA C 185 26.30 -5.79 -26.62
CA ALA C 185 24.87 -6.07 -26.63
C ALA C 185 24.20 -5.78 -27.99
N ASN C 186 24.67 -4.74 -28.69
CA ASN C 186 24.10 -4.34 -30.00
C ASN C 186 24.80 -4.92 -31.22
N LYS C 187 25.84 -5.73 -31.01
CA LYS C 187 26.62 -6.38 -32.08
C LYS C 187 27.24 -5.38 -33.06
N ASN C 188 27.52 -4.17 -32.58
CA ASN C 188 28.10 -3.12 -33.41
C ASN C 188 29.61 -3.33 -33.43
N LEU C 189 30.08 -4.16 -34.37
CA LEU C 189 31.52 -4.42 -34.55
C LEU C 189 32.32 -3.19 -35.03
N PRO C 190 31.80 -2.43 -36.01
CA PRO C 190 32.55 -1.26 -36.54
C PRO C 190 32.89 -0.17 -35.51
N GLU C 191 31.94 0.16 -34.65
CA GLU C 191 32.16 1.13 -33.58
C GLU C 191 33.03 0.52 -32.46
N LEU C 192 32.87 -0.77 -32.20
CA LEU C 192 33.74 -1.45 -31.24
C LEU C 192 35.20 -1.34 -31.68
N LYS C 193 35.43 -1.64 -32.94
CA LYS C 193 36.75 -1.56 -33.57
C LYS C 193 37.39 -0.17 -33.40
N GLN C 194 36.62 0.89 -33.68
CA GLN C 194 37.08 2.28 -33.51
C GLN C 194 37.41 2.64 -32.06
N VAL C 195 36.50 2.31 -31.16
CA VAL C 195 36.67 2.57 -29.73
C VAL C 195 37.86 1.81 -29.12
N CYS C 196 38.10 0.60 -29.61
CA CYS C 196 39.20 -0.24 -29.15
C CYS C 196 40.58 0.27 -29.56
N GLN C 197 40.66 1.03 -30.66
CA GLN C 197 41.94 1.62 -31.12
C GLN C 197 42.56 2.57 -30.09
N VAL C 198 41.74 3.23 -29.27
CA VAL C 198 42.23 4.16 -28.25
C VAL C 198 42.11 3.64 -26.80
N LEU C 199 41.92 2.33 -26.61
CA LEU C 199 41.85 1.74 -25.27
C LEU C 199 43.06 0.85 -24.99
N PRO C 200 43.50 0.81 -23.71
CA PRO C 200 44.55 -0.14 -23.35
C PRO C 200 44.03 -1.56 -23.47
N MET C 201 44.83 -2.43 -24.07
CA MET C 201 44.41 -3.80 -24.43
C MET C 201 43.15 -3.79 -25.31
N GLY C 202 43.00 -2.75 -26.15
CA GLY C 202 41.85 -2.62 -27.03
C GLY C 202 41.67 -3.81 -27.95
N SER C 203 42.78 -4.30 -28.51
CA SER C 203 42.71 -5.46 -29.40
C SER C 203 42.07 -6.69 -28.73
N ASP C 204 42.24 -6.86 -27.42
CA ASP C 204 41.62 -7.96 -26.68
C ASP C 204 40.10 -7.86 -26.62
N PHE C 205 39.58 -6.65 -26.37
CA PHE C 205 38.14 -6.44 -26.34
C PHE C 205 37.52 -6.67 -27.72
N TYR C 206 38.24 -6.27 -28.77
CA TYR C 206 37.84 -6.58 -30.13
C TYR C 206 37.87 -8.07 -30.41
N THR C 207 38.92 -8.74 -29.94
CA THR C 207 39.09 -10.17 -30.16
C THR C 207 37.94 -10.98 -29.53
N LEU C 208 37.45 -10.58 -28.35
CA LEU C 208 36.30 -11.25 -27.74
C LEU C 208 35.09 -11.27 -28.67
N ALA C 209 34.75 -10.13 -29.24
CA ALA C 209 33.57 -10.00 -30.10
C ALA C 209 33.72 -10.72 -31.45
N ARG C 210 34.88 -10.54 -32.07
CA ARG C 210 35.15 -11.04 -33.40
C ARG C 210 35.39 -12.55 -33.43
N PHE C 211 36.14 -13.07 -32.46
CA PHE C 211 36.64 -14.44 -32.47
C PHE C 211 36.25 -15.30 -31.25
N GLY C 212 35.50 -14.74 -30.30
CA GLY C 212 35.11 -15.47 -29.08
C GLY C 212 34.27 -16.73 -29.29
N HIS C 213 33.53 -16.78 -30.39
CA HIS C 213 32.78 -17.98 -30.80
C HIS C 213 33.66 -19.24 -31.03
N ASP C 214 34.95 -19.03 -31.34
CA ASP C 214 35.89 -20.12 -31.62
C ASP C 214 36.76 -20.38 -30.37
N ILE C 215 36.13 -20.98 -29.35
CA ILE C 215 36.72 -21.09 -28.00
C ILE C 215 37.98 -21.95 -27.92
N ALA C 216 38.14 -22.90 -28.84
CA ALA C 216 39.32 -23.74 -28.91
C ALA C 216 40.60 -22.94 -29.23
N ASN C 217 40.45 -21.86 -29.99
CA ASN C 217 41.59 -21.01 -30.36
C ASN C 217 41.63 -19.64 -29.69
N LEU C 218 40.64 -19.33 -28.85
CA LEU C 218 40.54 -17.98 -28.27
C LEU C 218 41.73 -17.58 -27.42
N LEU C 219 42.25 -18.49 -26.60
CA LEU C 219 43.36 -18.16 -25.71
C LEU C 219 44.60 -17.72 -26.49
N GLY C 220 44.98 -18.50 -27.50
CA GLY C 220 46.09 -18.17 -28.39
C GLY C 220 45.92 -16.90 -29.22
N ARG C 221 44.68 -16.42 -29.37
CA ARG C 221 44.39 -15.14 -30.04
C ARG C 221 44.54 -13.90 -29.15
N LEU C 222 44.65 -14.08 -27.84
CA LEU C 222 44.70 -12.95 -26.93
C LEU C 222 46.12 -12.45 -26.73
N SER C 223 46.24 -11.25 -26.17
CA SER C 223 47.55 -10.62 -25.91
C SER C 223 48.33 -11.44 -24.89
N GLU C 224 49.63 -11.20 -24.82
CA GLU C 224 50.50 -11.96 -23.94
C GLU C 224 50.01 -11.90 -22.48
N ASN C 225 49.68 -10.71 -22.00
CA ASN C 225 49.18 -10.52 -20.64
C ASN C 225 47.82 -11.22 -20.35
N ALA C 226 46.88 -11.13 -21.28
CA ALA C 226 45.58 -11.79 -21.14
C ALA C 226 45.69 -13.31 -21.26
N GLN C 227 46.56 -13.80 -22.16
CA GLN C 227 46.87 -15.24 -22.28
C GLN C 227 47.37 -15.85 -20.98
N GLN C 228 48.20 -15.10 -20.27
CA GLN C 228 48.83 -15.59 -19.04
C GLN C 228 47.93 -15.43 -17.81
N ASP C 229 46.90 -14.59 -17.89
CA ASP C 229 46.07 -14.31 -16.72
C ASP C 229 45.31 -15.55 -16.29
N THR C 230 45.45 -15.91 -15.01
CA THR C 230 44.97 -17.19 -14.47
C THR C 230 43.46 -17.37 -14.59
N LYS C 231 42.71 -16.33 -14.22
CA LYS C 231 41.26 -16.35 -14.31
C LYS C 231 40.76 -16.43 -15.75
N ILE C 232 41.44 -15.77 -16.68
CA ILE C 232 41.10 -15.89 -18.11
C ILE C 232 41.37 -17.31 -18.62
N VAL C 233 42.53 -17.88 -18.26
CA VAL C 233 42.89 -19.24 -18.66
C VAL C 233 41.88 -20.27 -18.13
N THR C 234 41.52 -20.12 -16.85
CA THR C 234 40.56 -20.99 -16.19
C THR C 234 39.19 -20.86 -16.82
N ALA C 235 38.75 -19.62 -17.04
CA ALA C 235 37.45 -19.35 -17.64
C ALA C 235 37.29 -20.03 -19.00
N ILE C 236 38.31 -19.87 -19.86
CA ILE C 236 38.27 -20.46 -21.20
C ILE C 236 38.27 -21.99 -21.12
N ASP C 237 39.10 -22.54 -20.24
CA ASP C 237 39.09 -23.98 -19.96
C ASP C 237 37.70 -24.48 -19.50
N GLU C 238 37.06 -23.75 -18.59
CA GLU C 238 35.70 -24.04 -18.14
C GLU C 238 34.69 -24.05 -19.30
N LEU C 239 34.79 -23.09 -20.21
CA LEU C 239 33.95 -23.07 -21.41
C LEU C 239 34.15 -24.29 -22.30
N GLN C 240 35.38 -24.74 -22.43
CA GLN C 240 35.70 -25.91 -23.26
C GLN C 240 35.20 -27.24 -22.67
N ARG C 241 35.36 -27.41 -21.36
CA ARG C 241 34.86 -28.61 -20.67
C ARG C 241 33.35 -28.70 -20.72
N LEU C 242 32.69 -27.57 -20.60
CA LEU C 242 31.23 -27.53 -20.57
C LEU C 242 30.65 -27.78 -21.97
N LYS C 243 31.30 -27.20 -22.99
CA LYS C 243 30.93 -27.41 -24.39
C LYS C 243 31.03 -28.90 -24.77
N ALA C 244 32.20 -29.48 -24.51
CA ALA C 244 32.49 -30.87 -24.82
C ALA C 244 31.47 -31.82 -24.15
N HIS C 245 31.16 -31.56 -22.88
CA HIS C 245 30.19 -32.36 -22.14
C HIS C 245 28.77 -32.29 -22.74
N LEU C 246 28.36 -31.10 -23.16
CA LEU C 246 27.01 -30.94 -23.74
C LEU C 246 26.84 -31.65 -25.08
N GLN C 247 27.84 -31.52 -25.94
CA GLN C 247 27.82 -32.09 -27.28
C GLN C 247 27.96 -33.61 -27.21
N VAL C 248 28.96 -34.08 -26.46
CA VAL C 248 29.22 -35.52 -26.29
C VAL C 248 28.11 -36.20 -25.49
N GLN C 249 28.03 -35.92 -24.18
CA GLN C 249 27.12 -36.65 -23.29
C GLN C 249 25.63 -36.42 -23.64
N TRP C 250 25.28 -35.23 -24.11
CA TRP C 250 23.87 -34.86 -24.30
C TRP C 250 23.44 -34.48 -25.73
N GLN C 251 24.32 -34.64 -26.72
CA GLN C 251 23.94 -34.38 -28.12
C GLN C 251 23.33 -32.98 -28.33
N CYS C 252 23.85 -32.00 -27.59
CA CYS C 252 23.31 -30.63 -27.63
C CYS C 252 24.21 -29.73 -28.44
N ALA C 253 23.60 -28.89 -29.28
CA ALA C 253 24.31 -27.92 -30.11
C ALA C 253 24.69 -26.73 -29.25
N VAL C 254 26.00 -26.44 -29.17
CA VAL C 254 26.54 -25.38 -28.31
C VAL C 254 27.20 -24.29 -29.14
N SER C 255 26.78 -23.04 -28.93
CA SER C 255 27.49 -21.86 -29.41
C SER C 255 28.13 -21.12 -28.23
N ILE C 256 29.28 -20.50 -28.44
CA ILE C 256 29.95 -19.72 -27.41
C ILE C 256 29.78 -18.23 -27.69
N ASP C 257 29.39 -17.47 -26.67
CA ASP C 257 29.36 -16.00 -26.76
C ASP C 257 29.91 -15.41 -25.48
N VAL C 258 31.22 -15.14 -25.48
CA VAL C 258 31.89 -14.54 -24.32
C VAL C 258 31.57 -13.05 -24.15
N THR C 259 30.86 -12.45 -25.12
CA THR C 259 30.36 -11.08 -24.96
C THR C 259 28.93 -11.00 -24.40
N GLU C 260 28.37 -12.14 -23.95
CA GLU C 260 27.07 -12.16 -23.30
C GLU C 260 27.25 -11.64 -21.89
N LEU C 261 26.83 -10.40 -21.66
CA LEU C 261 27.12 -9.72 -20.40
C LEU C 261 25.88 -9.17 -19.66
N SER C 262 24.68 -9.60 -20.02
CA SER C 262 23.49 -9.23 -19.24
C SER C 262 23.59 -9.87 -17.85
N GLY C 263 23.02 -9.18 -16.86
CA GLY C 263 23.14 -9.59 -15.46
C GLY C 263 24.58 -9.53 -14.97
N TYR C 264 25.27 -8.48 -15.41
CA TYR C 264 26.69 -8.27 -15.18
C TYR C 264 27.03 -8.29 -13.69
N HIS C 265 26.13 -7.74 -12.88
CA HIS C 265 26.35 -7.63 -11.44
C HIS C 265 25.91 -8.86 -10.63
N TYR C 266 24.99 -9.69 -11.15
CA TYR C 266 24.68 -10.97 -10.46
C TYR C 266 25.54 -12.17 -10.87
N HIS C 267 25.92 -12.27 -12.14
CA HIS C 267 26.72 -13.39 -12.61
C HIS C 267 28.19 -13.19 -12.22
N THR C 268 28.84 -14.28 -11.80
CA THR C 268 30.23 -14.25 -11.32
C THR C 268 31.17 -15.20 -12.09
N GLY C 269 30.69 -15.73 -13.23
CA GLY C 269 31.46 -16.72 -13.96
C GLY C 269 30.75 -17.23 -15.19
N ILE C 270 30.74 -18.55 -15.37
CA ILE C 270 30.06 -19.18 -16.50
C ILE C 270 28.56 -18.86 -16.50
N VAL C 271 28.02 -18.64 -17.69
CA VAL C 271 26.59 -18.40 -17.88
C VAL C 271 26.10 -19.36 -18.95
N PHE C 272 24.86 -19.83 -18.79
CA PHE C 272 24.18 -20.75 -19.69
CA PHE C 272 24.23 -20.65 -19.80
C PHE C 272 22.82 -20.17 -20.09
N ASN C 273 22.49 -20.17 -21.37
CA ASN C 273 21.18 -19.75 -21.87
C ASN C 273 20.72 -20.79 -22.88
N GLY C 274 19.63 -21.49 -22.59
CA GLY C 274 19.02 -22.44 -23.51
C GLY C 274 17.89 -21.80 -24.27
N TYR C 275 17.89 -21.96 -25.59
CA TYR C 275 16.85 -21.44 -26.48
C TYR C 275 16.06 -22.59 -27.10
N ILE C 276 14.74 -22.42 -27.17
CA ILE C 276 13.85 -23.42 -27.76
C ILE C 276 13.52 -22.93 -29.18
N ASN C 277 13.81 -23.77 -30.18
CA ASN C 277 13.65 -23.41 -31.61
C ASN C 277 14.31 -22.03 -31.94
N SER C 278 13.53 -21.07 -32.44
CA SER C 278 14.03 -19.74 -32.77
C SER C 278 13.35 -18.67 -31.90
N GLU C 279 12.93 -19.04 -30.69
CA GLU C 279 12.27 -18.09 -29.78
C GLU C 279 13.33 -17.18 -29.14
N THR C 280 13.02 -15.89 -29.03
CA THR C 280 14.02 -14.88 -28.71
C THR C 280 14.49 -14.94 -27.27
N GLN C 281 13.54 -15.02 -26.33
CA GLN C 281 13.87 -15.08 -24.90
C GLN C 281 14.24 -16.52 -24.56
N PRO C 282 15.37 -16.73 -23.88
CA PRO C 282 15.71 -18.12 -23.52
C PRO C 282 14.65 -18.81 -22.64
N LEU C 283 14.52 -20.11 -22.82
CA LEU C 283 13.66 -20.92 -21.99
C LEU C 283 14.35 -21.14 -20.63
N VAL C 284 15.62 -21.46 -20.68
CA VAL C 284 16.43 -21.70 -19.49
C VAL C 284 17.54 -20.67 -19.40
N ARG C 285 17.71 -20.06 -18.23
CA ARG C 285 18.84 -19.18 -17.92
C ARG C 285 19.56 -19.77 -16.72
N GLY C 286 20.88 -19.77 -16.75
CA GLY C 286 21.65 -20.29 -15.64
C GLY C 286 23.05 -19.72 -15.53
N GLY C 287 23.70 -20.01 -14.41
CA GLY C 287 25.08 -19.62 -14.22
C GLY C 287 25.54 -19.51 -12.78
N ARG C 288 26.81 -19.13 -12.63
CA ARG C 288 27.41 -18.86 -11.34
C ARG C 288 26.92 -17.53 -10.78
N PHE C 289 26.67 -17.48 -9.47
CA PHE C 289 26.30 -16.24 -8.76
C PHE C 289 26.82 -16.33 -7.32
N ASP C 290 26.64 -15.29 -6.51
CA ASP C 290 27.12 -15.31 -5.10
C ASP C 290 26.10 -15.86 -4.12
N GLY C 291 26.55 -16.70 -3.17
CA GLY C 291 25.77 -17.03 -1.97
C GLY C 291 25.86 -15.93 -0.89
N MET C 292 26.05 -16.34 0.37
CA MET C 292 26.23 -15.43 1.53
C MET C 292 25.02 -14.51 1.76
N PRO C 302 32.29 -15.99 2.05
CA PRO C 302 32.01 -16.00 0.62
C PRO C 302 31.57 -17.40 0.14
N ARG C 303 30.28 -17.54 -0.21
CA ARG C 303 29.69 -18.84 -0.57
C ARG C 303 29.44 -19.00 -2.07
N GLN C 304 29.95 -20.08 -2.63
CA GLN C 304 29.82 -20.38 -4.05
C GLN C 304 28.38 -20.79 -4.33
N ALA C 305 27.85 -20.36 -5.47
CA ALA C 305 26.52 -20.80 -5.89
C ALA C 305 26.42 -20.92 -7.39
N THR C 306 25.69 -21.92 -7.88
CA THR C 306 25.39 -22.05 -9.31
C THR C 306 24.00 -22.68 -9.50
N GLY C 307 23.31 -22.30 -10.57
CA GLY C 307 21.92 -22.70 -10.73
C GLY C 307 21.31 -22.41 -12.08
N PHE C 308 20.08 -22.89 -12.27
CA PHE C 308 19.28 -22.51 -13.44
C PHE C 308 17.82 -22.42 -13.05
N SER C 309 17.07 -21.68 -13.85
CA SER C 309 15.62 -21.63 -13.75
C SER C 309 14.96 -21.57 -15.12
N MET C 310 13.69 -21.96 -15.17
CA MET C 310 12.88 -21.87 -16.39
C MET C 310 11.41 -21.67 -16.08
N ASP C 311 10.69 -21.07 -17.02
CA ASP C 311 9.23 -20.98 -16.96
C ASP C 311 8.63 -22.28 -17.50
N VAL C 312 8.03 -23.05 -16.61
CA VAL C 312 7.34 -24.30 -16.95
C VAL C 312 6.21 -24.09 -17.97
N SER C 313 5.51 -22.96 -17.87
CA SER C 313 4.42 -22.67 -18.81
C SER C 313 4.85 -22.53 -20.25
N ARG C 314 6.11 -22.14 -20.47
CA ARG C 314 6.67 -22.10 -21.84
C ARG C 314 6.94 -23.48 -22.47
N LEU C 315 6.96 -24.54 -21.65
CA LEU C 315 7.05 -25.91 -22.14
C LEU C 315 5.74 -26.43 -22.71
N LEU C 316 4.62 -25.80 -22.35
CA LEU C 316 3.28 -26.30 -22.76
C LEU C 316 3.13 -26.44 -24.26
N ALA C 317 3.64 -25.46 -25.00
CA ALA C 317 3.52 -25.46 -26.48
C ALA C 317 4.44 -26.47 -27.19
N HIS C 318 5.38 -27.09 -26.45
CA HIS C 318 6.35 -28.01 -27.02
C HIS C 318 6.25 -29.44 -26.50
N THR C 319 5.27 -29.71 -25.65
CA THR C 319 5.08 -31.04 -25.08
C THR C 319 3.70 -31.50 -25.41
N GLN C 320 3.51 -32.81 -25.40
CA GLN C 320 2.23 -33.45 -25.66
C GLN C 320 2.01 -34.57 -24.67
N LEU C 321 0.75 -34.74 -24.26
CA LEU C 321 0.33 -35.95 -23.57
C LEU C 321 -0.52 -36.80 -24.49
N ASP C 322 -0.68 -38.07 -24.12
CA ASP C 322 -1.59 -38.96 -24.83
C ASP C 322 -2.99 -38.44 -24.66
N ALA C 323 -3.85 -38.69 -25.63
CA ALA C 323 -5.23 -38.24 -25.55
C ALA C 323 -5.86 -38.83 -24.28
N PRO C 324 -6.65 -38.03 -23.55
CA PRO C 324 -7.25 -38.55 -22.32
C PRO C 324 -8.48 -39.40 -22.62
N PHE C 325 -8.76 -40.36 -21.76
CA PHE C 325 -10.01 -41.12 -21.82
C PHE C 325 -11.06 -40.47 -20.90
N ILE C 326 -12.11 -39.93 -21.50
CA ILE C 326 -13.17 -39.23 -20.79
C ILE C 326 -14.45 -40.08 -20.89
N VAL C 327 -14.81 -40.69 -19.76
CA VAL C 327 -15.90 -41.67 -19.67
C VAL C 327 -17.14 -41.12 -18.96
N LEU C 328 -18.31 -41.43 -19.51
CA LEU C 328 -19.60 -41.11 -18.88
C LEU C 328 -20.34 -42.40 -18.56
N ILE C 329 -20.68 -42.61 -17.29
CA ILE C 329 -21.54 -43.74 -16.88
C ILE C 329 -22.96 -43.47 -17.40
N ASP C 330 -23.59 -44.45 -18.05
CA ASP C 330 -24.99 -44.31 -18.51
C ASP C 330 -25.93 -44.09 -17.30
N TYR C 331 -26.67 -42.97 -17.32
CA TYR C 331 -27.53 -42.56 -16.21
C TYR C 331 -28.65 -43.57 -15.90
N ASP C 332 -29.44 -43.92 -16.91
CA ASP C 332 -30.60 -44.81 -16.71
C ASP C 332 -30.20 -46.18 -16.21
N ALA C 333 -29.22 -46.78 -16.86
CA ALA C 333 -28.75 -48.09 -16.46
C ALA C 333 -28.23 -48.10 -15.03
N PHE C 334 -27.52 -47.03 -14.65
CA PHE C 334 -26.95 -46.93 -13.31
C PHE C 334 -28.03 -46.88 -12.23
N ASN C 335 -29.00 -45.99 -12.41
CA ASN C 335 -30.10 -45.82 -11.46
C ASN C 335 -30.98 -47.06 -11.33
N ASN C 336 -31.01 -47.89 -12.37
CA ASN C 336 -31.71 -49.17 -12.36
C ASN C 336 -31.02 -50.28 -11.54
N LEU C 337 -29.78 -50.08 -11.12
CA LEU C 337 -29.02 -51.10 -10.38
C LEU C 337 -29.44 -51.21 -8.91
N ASP C 338 -29.34 -52.42 -8.36
CA ASP C 338 -29.44 -52.64 -6.91
C ASP C 338 -28.11 -52.29 -6.24
N SER C 339 -28.12 -52.16 -4.92
CA SER C 339 -26.96 -51.68 -4.17
C SER C 339 -25.67 -52.51 -4.38
N ALA C 340 -25.82 -53.82 -4.50
CA ALA C 340 -24.67 -54.71 -4.73
C ALA C 340 -24.08 -54.54 -6.13
N GLN C 341 -24.95 -54.40 -7.13
CA GLN C 341 -24.54 -54.10 -8.51
C GLN C 341 -23.82 -52.75 -8.58
N ARG C 342 -24.42 -51.74 -7.95
CA ARG C 342 -23.81 -50.41 -7.82
C ARG C 342 -22.40 -50.53 -7.25
N GLN C 343 -22.28 -51.26 -6.13
CA GLN C 343 -20.99 -51.53 -5.48
C GLN C 343 -19.97 -52.15 -6.46
N LEU C 344 -20.41 -53.13 -7.24
CA LEU C 344 -19.55 -53.76 -8.26
C LEU C 344 -19.10 -52.75 -9.32
N LEU C 345 -20.04 -51.95 -9.82
CA LEU C 345 -19.69 -50.91 -10.78
C LEU C 345 -18.66 -49.92 -10.21
N LEU C 346 -18.88 -49.44 -8.98
CA LEU C 346 -18.01 -48.43 -8.38
C LEU C 346 -16.60 -48.93 -8.07
N GLN C 347 -16.42 -50.24 -7.90
CA GLN C 347 -15.08 -50.85 -7.82
C GLN C 347 -14.43 -50.85 -9.20
N GLN C 348 -15.22 -51.18 -10.21
CA GLN C 348 -14.76 -51.18 -11.59
C GLN C 348 -14.35 -49.76 -12.03
N VAL C 349 -15.14 -48.77 -11.61
CA VAL C 349 -14.86 -47.35 -11.87
C VAL C 349 -13.59 -46.91 -11.14
N ALA C 350 -13.43 -47.34 -9.89
CA ALA C 350 -12.22 -47.04 -9.11
C ALA C 350 -10.94 -47.56 -9.77
N SER C 351 -11.01 -48.77 -10.33
CA SER C 351 -9.91 -49.34 -11.10
C SER C 351 -9.61 -48.51 -12.37
N LEU C 352 -10.65 -48.11 -13.10
CA LEU C 352 -10.50 -47.23 -14.27
C LEU C 352 -9.83 -45.90 -13.88
N ARG C 353 -10.31 -45.28 -12.79
CA ARG C 353 -9.75 -44.02 -12.31
C ARG C 353 -8.30 -44.14 -11.86
N GLN C 354 -7.95 -45.26 -11.23
CA GLN C 354 -6.55 -45.55 -10.88
C GLN C 354 -5.64 -45.59 -12.11
N GLN C 355 -6.18 -46.06 -13.24
CA GLN C 355 -5.46 -46.07 -14.52
C GLN C 355 -5.51 -44.72 -15.30
N GLY C 356 -6.00 -43.65 -14.67
CA GLY C 356 -6.06 -42.34 -15.30
C GLY C 356 -7.30 -42.03 -16.15
N TYR C 357 -8.27 -42.94 -16.17
CA TYR C 357 -9.55 -42.67 -16.86
C TYR C 357 -10.35 -41.65 -16.07
N ARG C 358 -10.95 -40.70 -16.79
CA ARG C 358 -11.73 -39.63 -16.19
C ARG C 358 -13.21 -40.00 -16.28
N VAL C 359 -13.74 -40.53 -15.17
CA VAL C 359 -15.07 -41.10 -15.14
C VAL C 359 -16.01 -40.17 -14.40
N THR C 360 -16.97 -39.62 -15.14
CA THR C 360 -18.03 -38.80 -14.57
C THR C 360 -19.23 -39.68 -14.18
N MET C 361 -19.71 -39.51 -12.95
CA MET C 361 -20.98 -40.06 -12.51
C MET C 361 -22.05 -39.00 -12.80
N PRO C 362 -23.02 -39.32 -13.69
CA PRO C 362 -24.01 -38.30 -14.06
C PRO C 362 -24.98 -37.89 -12.94
N LEU C 363 -25.29 -36.60 -12.87
CA LEU C 363 -26.31 -36.06 -11.97
C LEU C 363 -27.70 -36.07 -12.60
N THR C 364 -27.76 -36.05 -13.94
CA THR C 364 -29.01 -36.12 -14.71
C THR C 364 -28.80 -36.95 -15.97
N ALA C 365 -29.88 -37.14 -16.74
CA ALA C 365 -29.80 -37.73 -18.07
C ALA C 365 -29.04 -36.85 -19.09
N GLU C 366 -28.95 -35.55 -18.85
CA GLU C 366 -28.29 -34.59 -19.75
C GLU C 366 -26.85 -34.25 -19.34
N ASP C 367 -26.37 -34.80 -18.23
CA ASP C 367 -25.04 -34.50 -17.70
C ASP C 367 -23.99 -35.13 -18.62
N MET C 368 -23.29 -34.27 -19.37
CA MET C 368 -22.38 -34.69 -20.43
C MET C 368 -21.01 -34.03 -20.23
N PRO C 369 -19.96 -34.82 -19.97
CA PRO C 369 -18.63 -34.21 -19.83
C PRO C 369 -18.08 -33.66 -21.14
N VAL C 370 -17.24 -32.64 -21.01
CA VAL C 370 -16.58 -32.01 -22.15
C VAL C 370 -15.55 -32.99 -22.74
N GLY C 371 -15.54 -33.12 -24.07
CA GLY C 371 -14.57 -33.97 -24.76
C GLY C 371 -14.81 -35.46 -24.58
N LEU C 372 -16.07 -35.86 -24.41
CA LEU C 372 -16.44 -37.26 -24.20
C LEU C 372 -15.86 -38.15 -25.27
N THR C 373 -15.16 -39.20 -24.83
CA THR C 373 -14.61 -40.23 -25.71
C THR C 373 -15.33 -41.58 -25.59
N HIS C 374 -15.81 -41.93 -24.40
CA HIS C 374 -16.41 -43.25 -24.15
C HIS C 374 -17.60 -43.22 -23.21
N ARG C 375 -18.55 -44.13 -23.47
CA ARG C 375 -19.65 -44.40 -22.54
C ARG C 375 -19.38 -45.73 -21.86
N LEU C 376 -19.52 -45.78 -20.55
CA LEU C 376 -19.50 -47.03 -19.81
C LEU C 376 -20.96 -47.47 -19.72
N SER C 377 -21.32 -48.45 -20.54
CA SER C 377 -22.71 -48.86 -20.76
C SER C 377 -22.95 -50.29 -20.32
N LEU C 378 -24.17 -50.58 -19.87
CA LEU C 378 -24.58 -51.93 -19.46
C LEU C 378 -25.23 -52.65 -20.65
N ALA C 379 -24.61 -53.76 -21.07
CA ALA C 379 -25.11 -54.59 -22.19
C ALA C 379 -24.85 -56.06 -21.87
N ASP C 380 -25.93 -56.85 -21.81
CA ASP C 380 -25.87 -58.28 -21.44
C ASP C 380 -25.26 -58.48 -20.06
N ASN C 381 -25.77 -57.73 -19.09
CA ASN C 381 -25.35 -57.81 -17.68
C ASN C 381 -23.82 -57.74 -17.46
N GLN C 382 -23.17 -56.84 -18.19
CA GLN C 382 -21.73 -56.60 -18.09
C GLN C 382 -21.43 -55.17 -18.55
N TRP C 383 -20.64 -54.43 -17.75
CA TRP C 383 -20.32 -53.02 -18.04
C TRP C 383 -19.04 -52.92 -18.89
N ARG C 384 -19.16 -52.27 -20.05
CA ARG C 384 -18.04 -52.10 -20.97
C ARG C 384 -18.00 -50.70 -21.58
N LEU C 385 -16.80 -50.31 -22.02
CA LEU C 385 -16.58 -49.04 -22.71
C LEU C 385 -16.93 -49.15 -24.18
N HIS C 386 -17.63 -48.14 -24.72
CA HIS C 386 -17.84 -48.02 -26.16
C HIS C 386 -17.46 -46.60 -26.58
N ALA C 387 -16.72 -46.49 -27.68
CA ALA C 387 -16.36 -45.19 -28.25
C ALA C 387 -17.61 -44.49 -28.78
N VAL C 388 -17.66 -43.17 -28.64
CA VAL C 388 -18.82 -42.39 -29.13
C VAL C 388 -18.84 -42.27 -30.66
N GLY D 1 15.29 16.56 -6.80
CA GLY D 1 14.61 15.22 -6.90
C GLY D 1 13.19 15.32 -7.44
N MET D 2 12.74 14.27 -8.12
CA MET D 2 11.42 14.28 -8.75
C MET D 2 10.34 13.96 -7.72
N LEU D 3 9.20 14.65 -7.86
CA LEU D 3 8.05 14.43 -6.99
C LEU D 3 6.99 13.60 -7.73
N PRO D 4 6.05 12.98 -6.98
CA PRO D 4 4.95 12.29 -7.64
C PRO D 4 4.11 13.25 -8.44
N ASP D 5 3.41 12.74 -9.45
CA ASP D 5 2.54 13.58 -10.26
C ASP D 5 1.42 14.14 -9.39
N GLY D 6 1.09 15.42 -9.61
CA GLY D 6 0.09 16.12 -8.82
C GLY D 6 0.54 16.52 -7.42
N VAL D 7 1.86 16.46 -7.17
CA VAL D 7 2.45 16.81 -5.88
C VAL D 7 3.52 17.85 -6.17
N ALA D 8 3.29 19.08 -5.72
CA ALA D 8 4.19 20.20 -6.00
C ALA D 8 4.66 20.88 -4.73
N ASP D 9 5.92 21.30 -4.72
CA ASP D 9 6.43 22.25 -3.73
C ASP D 9 5.78 23.61 -3.98
N VAL D 10 5.51 24.36 -2.91
CA VAL D 10 5.22 25.78 -3.05
C VAL D 10 6.37 26.50 -2.38
N LEU D 11 7.13 27.28 -3.15
CA LEU D 11 8.45 27.80 -2.72
C LEU D 11 8.57 29.31 -2.75
N PHE D 12 9.23 29.84 -1.72
CA PHE D 12 9.76 31.20 -1.72
C PHE D 12 8.63 32.22 -1.77
N GLU D 13 8.60 33.12 -2.75
CA GLU D 13 7.53 34.13 -2.82
C GLU D 13 6.14 33.51 -2.95
N ASP D 14 6.05 32.36 -3.62
CA ASP D 14 4.76 31.65 -3.70
C ASP D 14 4.32 31.11 -2.35
N ALA D 15 5.27 30.63 -1.55
CA ALA D 15 4.99 30.14 -0.19
C ALA D 15 4.53 31.29 0.71
N HIS D 16 5.23 32.42 0.62
CA HIS D 16 4.86 33.63 1.35
C HIS D 16 3.44 34.06 0.99
N LYS D 17 3.15 34.08 -0.30
CA LYS D 17 1.84 34.44 -0.82
C LYS D 17 0.75 33.46 -0.37
N GLN D 18 1.03 32.15 -0.45
CA GLN D 18 0.12 31.14 0.07
C GLN D 18 -0.21 31.35 1.55
N GLU D 19 0.79 31.67 2.35
CA GLU D 19 0.61 31.93 3.78
C GLU D 19 -0.24 33.19 4.03
N VAL D 20 0.02 34.24 3.26
CA VAL D 20 -0.76 35.48 3.37
C VAL D 20 -2.22 35.22 2.99
N LEU D 21 -2.42 34.53 1.87
CA LEU D 21 -3.75 34.19 1.37
C LEU D 21 -4.50 33.34 2.40
N ARG D 22 -3.86 32.30 2.91
CA ARG D 22 -4.47 31.43 3.90
C ARG D 22 -4.93 32.26 5.10
N HIS D 23 -4.05 33.10 5.61
CA HIS D 23 -4.32 33.87 6.81
C HIS D 23 -5.42 34.90 6.60
N GLN D 24 -5.36 35.67 5.51
CA GLN D 24 -6.36 36.72 5.23
C GLN D 24 -7.76 36.14 5.06
N LEU D 25 -7.85 35.08 4.26
CA LEU D 25 -9.10 34.41 3.99
C LEU D 25 -9.70 33.80 5.26
N THR D 26 -8.86 33.17 6.07
CA THR D 26 -9.29 32.61 7.35
C THR D 26 -9.82 33.70 8.29
N GLN D 27 -9.07 34.80 8.38
CA GLN D 27 -9.48 35.91 9.24
C GLN D 27 -10.80 36.52 8.75
N GLN D 28 -10.96 36.66 7.43
CA GLN D 28 -12.25 37.13 6.89
C GLN D 28 -13.44 36.28 7.32
N LEU D 29 -13.27 34.96 7.27
CA LEU D 29 -14.33 34.03 7.65
C LEU D 29 -14.64 34.13 9.15
N ILE D 30 -13.60 34.23 9.97
CA ILE D 30 -13.73 34.44 11.41
C ILE D 30 -14.54 35.71 11.74
N THR D 31 -14.26 36.80 11.02
CA THR D 31 -14.96 38.07 11.25
C THR D 31 -16.43 38.05 10.77
N HIS D 32 -16.79 37.10 9.92
CA HIS D 32 -18.19 36.86 9.54
C HIS D 32 -18.95 35.87 10.44
N GLY D 33 -18.33 35.48 11.56
CA GLY D 33 -18.97 34.61 12.54
C GLY D 33 -18.68 33.12 12.43
N TYR D 34 -17.75 32.74 11.55
CA TYR D 34 -17.43 31.33 11.34
C TYR D 34 -16.38 30.89 12.37
N GLN D 35 -16.66 29.81 13.11
CA GLN D 35 -15.74 29.29 14.12
C GLN D 35 -14.62 28.51 13.46
N LEU D 36 -13.38 28.93 13.67
CA LEU D 36 -12.26 28.20 13.09
C LEU D 36 -12.11 26.87 13.81
N VAL D 37 -11.90 25.79 13.04
CA VAL D 37 -11.56 24.50 13.60
C VAL D 37 -10.42 23.92 12.80
N SER D 38 -9.54 23.19 13.48
CA SER D 38 -8.39 22.58 12.85
C SER D 38 -8.37 21.11 13.22
N PRO D 39 -9.11 20.27 12.47
CA PRO D 39 -9.12 18.86 12.79
C PRO D 39 -7.84 18.21 12.28
N PRO D 40 -7.53 17.00 12.79
CA PRO D 40 -6.27 16.38 12.46
C PRO D 40 -6.25 15.81 11.03
N MET D 41 -5.03 15.58 10.54
CA MET D 41 -4.76 14.98 9.23
C MET D 41 -5.22 13.54 9.14
N ILE D 42 -5.18 12.82 10.26
CA ILE D 42 -5.51 11.41 10.28
C ILE D 42 -6.57 11.09 11.33
N GLU D 43 -7.39 10.10 11.03
CA GLU D 43 -8.42 9.59 11.93
C GLU D 43 -8.64 8.12 11.64
N PHE D 44 -9.34 7.41 12.53
CA PHE D 44 -9.83 6.06 12.20
C PHE D 44 -10.81 6.18 11.04
N THR D 45 -10.79 5.19 10.14
CA THR D 45 -11.70 5.16 8.99
C THR D 45 -13.16 5.11 9.45
N GLU D 46 -13.39 4.46 10.59
CA GLU D 46 -14.72 4.42 11.24
C GLU D 46 -15.40 5.79 11.27
N SER D 47 -14.67 6.80 11.76
CA SER D 47 -15.21 8.17 11.77
C SER D 47 -14.98 8.89 10.43
N LEU D 48 -13.76 8.85 9.92
CA LEU D 48 -13.38 9.65 8.73
C LEU D 48 -14.19 9.33 7.47
N LEU D 49 -14.54 8.06 7.32
CA LEU D 49 -15.31 7.58 6.17
C LEU D 49 -16.69 7.04 6.58
N SER D 50 -17.22 7.54 7.69
CA SER D 50 -18.59 7.22 8.09
C SER D 50 -19.55 7.75 7.01
N GLY D 51 -20.29 6.84 6.37
CA GLY D 51 -21.20 7.20 5.28
C GLY D 51 -20.53 7.84 4.07
N ALA D 52 -19.27 7.49 3.82
CA ALA D 52 -18.54 8.04 2.69
C ALA D 52 -18.95 7.32 1.42
N SER D 53 -19.05 8.07 0.33
CA SER D 53 -19.27 7.51 -1.01
C SER D 53 -18.06 6.67 -1.43
N GLU D 54 -18.24 5.89 -2.50
CA GLU D 54 -17.16 5.08 -3.03
C GLU D 54 -15.97 5.90 -3.55
N ASP D 55 -16.24 7.10 -4.07
CA ASP D 55 -15.17 7.97 -4.59
C ASP D 55 -14.30 8.54 -3.46
N LEU D 56 -14.94 9.00 -2.37
CA LEU D 56 -14.21 9.49 -1.20
C LEU D 56 -13.37 8.36 -0.58
N LYS D 57 -13.92 7.15 -0.53
CA LYS D 57 -13.18 5.99 -0.03
C LYS D 57 -11.96 5.69 -0.89
N ARG D 58 -12.14 5.64 -2.20
CA ARG D 58 -11.02 5.42 -3.14
C ARG D 58 -9.98 6.54 -3.09
N GLN D 59 -10.42 7.78 -2.89
CA GLN D 59 -9.50 8.92 -2.80
C GLN D 59 -8.67 8.98 -1.50
N THR D 60 -9.04 8.19 -0.49
CA THR D 60 -8.43 8.20 0.83
C THR D 60 -7.35 7.13 0.99
N PHE D 61 -6.09 7.56 1.19
CA PHE D 61 -5.00 6.66 1.57
C PHE D 61 -5.28 6.04 2.93
N LYS D 62 -5.13 4.72 3.04
CA LYS D 62 -5.26 4.03 4.32
C LYS D 62 -3.90 3.71 4.90
N ILE D 63 -3.83 3.72 6.22
CA ILE D 63 -2.64 3.40 6.98
C ILE D 63 -3.06 2.69 8.26
N ILE D 64 -2.12 2.00 8.87
CA ILE D 64 -2.38 1.18 10.03
C ILE D 64 -1.89 1.85 11.30
N ASP D 65 -2.79 1.98 12.26
CA ASP D 65 -2.41 2.39 13.62
C ASP D 65 -1.74 1.20 14.31
N GLN D 66 -0.43 1.27 14.48
CA GLN D 66 0.31 0.23 15.19
C GLN D 66 -0.14 0.00 16.63
N LEU D 67 -0.66 1.03 17.29
CA LEU D 67 -1.10 0.90 18.69
C LEU D 67 -2.33 0.01 18.88
N THR D 68 -3.24 0.00 17.90
CA THR D 68 -4.51 -0.76 17.98
C THR D 68 -4.75 -1.78 16.87
N GLY D 69 -3.93 -1.77 15.82
CA GLY D 69 -4.17 -2.56 14.63
C GLY D 69 -5.27 -2.04 13.71
N ARG D 70 -5.86 -0.89 14.02
CA ARG D 70 -7.02 -0.42 13.29
C ARG D 70 -6.59 0.41 12.07
N LEU D 71 -7.46 0.47 11.08
CA LEU D 71 -7.17 1.26 9.89
C LEU D 71 -7.45 2.73 10.18
N MET D 72 -6.50 3.58 9.82
CA MET D 72 -6.71 5.01 9.80
C MET D 72 -6.69 5.46 8.35
N GLY D 73 -7.21 6.65 8.10
CA GLY D 73 -7.10 7.29 6.78
C GLY D 73 -6.46 8.66 6.89
N ILE D 74 -5.78 9.08 5.81
CA ILE D 74 -5.30 10.45 5.66
C ILE D 74 -6.47 11.15 4.99
N ARG D 75 -6.95 12.26 5.56
CA ARG D 75 -8.14 12.90 5.04
C ARG D 75 -8.01 13.39 3.59
N ALA D 76 -9.04 13.11 2.79
CA ALA D 76 -9.17 13.62 1.43
C ALA D 76 -10.21 14.75 1.34
N ASP D 77 -10.90 15.01 2.45
CA ASP D 77 -11.97 16.00 2.51
C ASP D 77 -12.16 16.33 3.97
N ILE D 78 -12.22 17.62 4.29
CA ILE D 78 -12.34 18.06 5.69
C ILE D 78 -13.79 18.04 6.17
N THR D 79 -14.75 18.15 5.24
CA THR D 79 -16.18 18.20 5.56
C THR D 79 -16.68 17.07 6.47
N PRO D 80 -16.31 15.82 6.21
CA PRO D 80 -16.68 14.77 7.18
C PRO D 80 -16.21 15.03 8.62
N GLN D 81 -15.07 15.71 8.80
CA GLN D 81 -14.58 16.01 10.14
C GLN D 81 -15.37 17.15 10.80
N ILE D 82 -15.88 18.07 9.99
CA ILE D 82 -16.76 19.13 10.47
C ILE D 82 -18.09 18.55 10.97
N LEU D 83 -18.65 17.61 10.21
CA LEU D 83 -19.82 16.83 10.65
C LEU D 83 -19.63 16.23 12.03
N ARG D 84 -18.48 15.60 12.27
CA ARG D 84 -18.16 14.98 13.55
C ARG D 84 -18.08 16.02 14.67
N ILE D 85 -17.42 17.13 14.36
CA ILE D 85 -17.25 18.23 15.29
C ILE D 85 -18.61 18.85 15.62
N ASP D 86 -19.42 19.10 14.60
CA ASP D 86 -20.76 19.66 14.79
C ASP D 86 -21.67 18.74 15.59
N ALA D 87 -21.62 17.44 15.31
CA ALA D 87 -22.42 16.45 16.04
C ALA D 87 -22.16 16.51 17.54
N HIS D 88 -20.91 16.73 17.95
CA HIS D 88 -20.55 16.80 19.37
C HIS D 88 -20.70 18.20 20.01
N HIS D 89 -20.38 19.25 19.26
CA HIS D 89 -20.28 20.60 19.82
C HIS D 89 -21.41 21.58 19.41
N GLY D 90 -22.09 21.30 18.31
CA GLY D 90 -22.96 22.29 17.64
C GLY D 90 -24.41 22.46 18.07
N GLY D 91 -24.95 21.52 18.84
CA GLY D 91 -26.33 21.61 19.29
C GLY D 91 -27.35 21.53 18.19
N ASP D 92 -28.56 22.01 18.48
CA ASP D 92 -29.71 21.97 17.55
C ASP D 92 -29.90 23.27 16.76
N GLY D 93 -29.33 24.37 17.23
CA GLY D 93 -29.40 25.65 16.54
C GLY D 93 -28.44 25.78 15.36
N ILE D 94 -28.36 27.00 14.83
CA ILE D 94 -27.45 27.34 13.75
C ILE D 94 -26.02 27.34 14.26
N ALA D 95 -25.10 26.75 13.48
CA ALA D 95 -23.66 26.72 13.81
C ALA D 95 -22.84 27.00 12.55
N ARG D 96 -21.82 27.85 12.68
CA ARG D 96 -20.94 28.19 11.57
C ARG D 96 -19.50 27.75 11.84
N TYR D 97 -18.87 27.18 10.81
CA TYR D 97 -17.48 26.67 10.92
C TYR D 97 -16.68 27.10 9.71
N CYS D 98 -15.39 27.32 9.93
CA CYS D 98 -14.45 27.45 8.83
C CYS D 98 -13.17 26.69 9.15
N TYR D 99 -12.39 26.43 8.11
CA TYR D 99 -11.21 25.60 8.20
C TYR D 99 -10.27 25.85 7.04
N ALA D 100 -9.01 25.50 7.26
CA ALA D 100 -7.99 25.54 6.23
C ALA D 100 -6.93 24.53 6.59
N GLY D 101 -6.77 23.54 5.74
CA GLY D 101 -5.71 22.56 5.94
C GLY D 101 -5.45 21.76 4.70
N ASP D 102 -4.33 21.05 4.74
CA ASP D 102 -3.93 20.12 3.70
C ASP D 102 -4.84 18.90 3.69
N VAL D 103 -5.25 18.49 2.49
CA VAL D 103 -5.92 17.21 2.27
C VAL D 103 -5.09 16.46 1.23
N ILE D 104 -5.21 15.14 1.22
CA ILE D 104 -4.42 14.27 0.31
C ILE D 104 -5.35 13.37 -0.49
N HIS D 105 -5.11 13.28 -1.80
CA HIS D 105 -5.87 12.39 -2.68
C HIS D 105 -4.96 11.30 -3.26
N THR D 106 -5.49 10.09 -3.44
CA THR D 106 -4.74 8.98 -4.05
C THR D 106 -4.51 9.20 -5.52
N LEU D 107 -5.56 9.67 -6.21
CA LEU D 107 -5.48 10.03 -7.63
C LEU D 107 -5.84 11.50 -7.82
N PRO D 108 -5.28 12.16 -8.87
CA PRO D 108 -5.78 13.49 -9.22
C PRO D 108 -7.20 13.39 -9.74
N SER D 109 -8.06 14.36 -9.39
CA SER D 109 -9.37 14.47 -10.02
C SER D 109 -9.17 15.38 -11.24
N GLY D 110 -9.47 14.84 -12.42
CA GLY D 110 -9.39 15.61 -13.66
C GLY D 110 -7.98 15.87 -14.17
N LEU D 111 -7.93 16.52 -15.34
CA LEU D 111 -6.70 16.75 -16.11
C LEU D 111 -5.64 17.51 -15.31
N PHE D 112 -4.53 16.83 -14.99
CA PHE D 112 -3.39 17.43 -14.28
C PHE D 112 -3.73 18.06 -12.91
N GLY D 113 -4.73 17.50 -12.24
CA GLY D 113 -5.15 17.99 -10.94
C GLY D 113 -4.11 17.73 -9.85
N SER D 114 -4.19 18.51 -8.79
CA SER D 114 -3.33 18.35 -7.62
C SER D 114 -3.87 17.24 -6.74
N ARG D 115 -2.96 16.55 -6.08
CA ARG D 115 -3.29 15.56 -5.06
C ARG D 115 -3.05 16.06 -3.63
N THR D 116 -2.46 17.26 -3.48
CA THR D 116 -2.17 17.85 -2.16
C THR D 116 -2.67 19.30 -2.09
N PRO D 117 -3.99 19.51 -2.23
CA PRO D 117 -4.51 20.86 -2.15
C PRO D 117 -4.55 21.37 -0.70
N LEU D 118 -4.38 22.68 -0.54
CA LEU D 118 -4.61 23.35 0.74
C LEU D 118 -6.09 23.75 0.74
N GLN D 119 -6.91 22.92 1.36
CA GLN D 119 -8.35 23.05 1.30
C GLN D 119 -8.85 24.04 2.35
N LEU D 120 -9.45 25.12 1.88
CA LEU D 120 -10.03 26.15 2.72
C LEU D 120 -11.53 26.15 2.46
N GLY D 121 -12.32 26.32 3.53
CA GLY D 121 -13.77 26.25 3.40
C GLY D 121 -14.57 26.80 4.57
N ALA D 122 -15.87 26.92 4.35
CA ALA D 122 -16.81 27.38 5.37
C ALA D 122 -18.11 26.62 5.23
N GLU D 123 -18.75 26.39 6.37
CA GLU D 123 -19.98 25.60 6.43
C GLU D 123 -20.99 26.17 7.44
N ILE D 124 -22.26 26.18 7.07
CA ILE D 124 -23.35 26.58 7.99
C ILE D 124 -24.23 25.35 8.21
N PHE D 125 -24.42 24.99 9.48
CA PHE D 125 -25.28 23.88 9.87
C PHE D 125 -26.52 24.41 10.57
N GLY D 126 -27.64 23.71 10.40
CA GLY D 126 -28.88 24.00 11.13
C GLY D 126 -29.87 25.03 10.60
N CYS D 127 -29.71 25.45 9.34
CA CYS D 127 -30.64 26.40 8.69
C CYS D 127 -31.15 25.86 7.34
N GLU D 128 -32.43 25.50 7.30
CA GLU D 128 -33.08 25.04 6.08
C GLU D 128 -33.25 26.11 5.00
N SER D 129 -33.35 27.37 5.40
CA SER D 129 -33.66 28.47 4.49
C SER D 129 -32.56 28.65 3.44
N ILE D 130 -32.98 29.03 2.24
CA ILE D 130 -32.10 29.48 1.15
C ILE D 130 -31.25 30.70 1.59
N ALA D 131 -31.63 31.35 2.69
CA ALA D 131 -30.86 32.46 3.28
C ALA D 131 -29.42 32.09 3.69
N ALA D 132 -29.22 30.85 4.14
CA ALA D 132 -27.88 30.35 4.49
C ALA D 132 -27.00 30.23 3.25
N ASP D 133 -27.59 29.72 2.17
CA ASP D 133 -26.90 29.60 0.90
C ASP D 133 -26.52 30.98 0.36
N ILE D 134 -27.43 31.95 0.54
CA ILE D 134 -27.18 33.33 0.15
C ILE D 134 -26.05 33.94 0.98
N GLU D 135 -26.06 33.69 2.29
CA GLU D 135 -24.97 34.17 3.17
C GLU D 135 -23.59 33.63 2.76
N LEU D 136 -23.52 32.35 2.39
CA LEU D 136 -22.27 31.73 1.97
C LEU D 136 -21.75 32.33 0.66
N ILE D 137 -22.66 32.52 -0.29
CA ILE D 137 -22.32 33.18 -1.54
C ILE D 137 -21.75 34.58 -1.32
N ASP D 138 -22.41 35.37 -0.47
CA ASP D 138 -21.97 36.73 -0.15
C ASP D 138 -20.61 36.78 0.53
N VAL D 139 -20.39 35.85 1.44
CA VAL D 139 -19.10 35.64 2.10
C VAL D 139 -18.04 35.23 1.07
N LEU D 140 -18.35 34.22 0.27
CA LEU D 140 -17.47 33.75 -0.78
C LEU D 140 -17.03 34.89 -1.67
N PHE D 141 -18.01 35.64 -2.20
CA PHE D 141 -17.72 36.73 -3.15
C PHE D 141 -16.98 37.90 -2.49
N SER D 142 -17.31 38.18 -1.23
CA SER D 142 -16.55 39.17 -0.46
C SER D 142 -15.06 38.74 -0.31
N MET D 143 -14.82 37.45 -0.07
CA MET D 143 -13.45 36.89 -0.06
C MET D 143 -12.76 36.97 -1.42
N ILE D 144 -13.46 36.58 -2.50
CA ILE D 144 -12.92 36.61 -3.86
C ILE D 144 -12.51 38.04 -4.24
N ASN D 145 -13.42 39.00 -4.04
CA ASN D 145 -13.17 40.41 -4.36
C ASN D 145 -11.99 41.00 -3.58
N SER D 146 -11.86 40.65 -2.31
CA SER D 146 -10.71 41.10 -1.48
C SER D 146 -9.34 40.72 -2.05
N LEU D 147 -9.28 39.65 -2.84
CA LEU D 147 -8.02 39.21 -3.49
C LEU D 147 -7.58 40.12 -4.65
N ASP D 148 -8.49 40.95 -5.16
CA ASP D 148 -8.22 41.91 -6.23
C ASP D 148 -7.60 41.27 -7.48
N MET D 149 -8.13 40.12 -7.86
CA MET D 149 -7.68 39.40 -9.05
C MET D 149 -8.23 40.07 -10.31
N SER D 150 -7.48 39.98 -11.40
CA SER D 150 -7.97 40.36 -12.73
C SER D 150 -8.71 39.19 -13.39
N ALA D 151 -8.39 37.97 -12.96
CA ALA D 151 -9.12 36.77 -13.33
C ALA D 151 -10.58 36.82 -12.87
N VAL D 152 -11.44 36.14 -13.61
CA VAL D 152 -12.90 36.22 -13.42
C VAL D 152 -13.47 34.86 -13.00
N LEU D 153 -14.42 34.89 -12.07
CA LEU D 153 -15.10 33.68 -11.62
C LEU D 153 -16.40 33.49 -12.40
N HIS D 154 -16.56 32.32 -13.04
CA HIS D 154 -17.85 31.93 -13.62
C HIS D 154 -18.49 30.89 -12.73
N VAL D 155 -19.76 31.10 -12.40
CA VAL D 155 -20.50 30.20 -11.54
C VAL D 155 -21.45 29.32 -12.35
N ASP D 156 -21.41 28.02 -12.08
CA ASP D 156 -22.31 27.04 -12.66
C ASP D 156 -23.15 26.47 -11.52
N LEU D 157 -24.47 26.64 -11.59
CA LEU D 157 -25.40 26.11 -10.57
C LEU D 157 -26.13 24.86 -11.01
N GLY D 158 -26.28 23.94 -10.06
CA GLY D 158 -27.02 22.71 -10.25
C GLY D 158 -27.92 22.47 -9.06
N HIS D 159 -28.67 21.38 -9.11
CA HIS D 159 -29.60 21.02 -8.04
C HIS D 159 -29.97 19.55 -8.19
N VAL D 160 -29.38 18.71 -7.33
CA VAL D 160 -29.53 17.27 -7.49
C VAL D 160 -30.95 16.77 -7.22
N THR D 161 -31.70 17.50 -6.40
CA THR D 161 -33.09 17.16 -6.09
C THR D 161 -33.98 16.93 -7.31
N ILE D 162 -33.78 17.67 -8.38
CA ILE D 162 -34.63 17.57 -9.57
C ILE D 162 -34.54 16.16 -10.16
N PHE D 163 -33.33 15.65 -10.37
CA PHE D 163 -33.12 14.31 -10.94
C PHE D 163 -33.50 13.22 -9.94
N LYS D 164 -33.11 13.39 -8.68
CA LYS D 164 -33.46 12.43 -7.62
C LYS D 164 -34.97 12.20 -7.50
N ARG D 165 -35.76 13.27 -7.65
CA ARG D 165 -37.21 13.16 -7.59
C ARG D 165 -37.76 12.44 -8.82
N LEU D 166 -37.34 12.86 -10.01
CA LEU D 166 -37.73 12.19 -11.25
C LEU D 166 -37.40 10.70 -11.23
N ALA D 167 -36.25 10.34 -10.64
CA ALA D 167 -35.83 8.94 -10.55
C ALA D 167 -36.72 8.12 -9.62
N GLU D 168 -37.10 8.70 -8.48
CA GLU D 168 -38.05 8.06 -7.56
C GLU D 168 -39.43 7.91 -8.19
N LEU D 169 -39.94 8.99 -8.78
CA LEU D 169 -41.24 8.99 -9.45
C LEU D 169 -41.33 7.98 -10.59
N ALA D 170 -40.26 7.85 -11.36
CA ALA D 170 -40.16 6.90 -12.47
C ALA D 170 -39.76 5.48 -12.02
N ALA D 171 -39.42 5.32 -10.74
CA ALA D 171 -39.05 4.02 -10.16
C ALA D 171 -37.87 3.35 -10.89
N LEU D 172 -36.84 4.13 -11.18
CA LEU D 172 -35.66 3.62 -11.89
C LEU D 172 -34.86 2.63 -11.04
N SER D 173 -34.27 1.64 -11.70
CA SER D 173 -33.36 0.72 -11.06
C SER D 173 -32.02 1.42 -10.85
N ALA D 174 -31.14 0.77 -10.11
CA ALA D 174 -29.78 1.27 -9.88
C ALA D 174 -29.01 1.40 -11.19
N SER D 175 -29.05 0.36 -12.02
CA SER D 175 -28.33 0.32 -13.28
C SER D 175 -28.79 1.35 -14.32
N ASP D 176 -30.09 1.63 -14.34
CA ASP D 176 -30.67 2.68 -15.22
C ASP D 176 -30.26 4.07 -14.78
N THR D 177 -30.38 4.31 -13.47
CA THR D 177 -29.91 5.54 -12.84
C THR D 177 -28.42 5.80 -13.16
N GLU D 178 -27.58 4.80 -12.92
CA GLU D 178 -26.14 4.89 -13.23
C GLU D 178 -25.83 5.16 -14.71
N GLN D 179 -26.58 4.51 -15.60
CA GLN D 179 -26.44 4.72 -17.04
C GLN D 179 -26.77 6.19 -17.40
N LEU D 180 -27.85 6.73 -16.83
CA LEU D 180 -28.21 8.14 -17.03
C LEU D 180 -27.14 9.12 -16.52
N MET D 181 -26.50 8.79 -15.40
CA MET D 181 -25.44 9.64 -14.85
C MET D 181 -24.20 9.69 -15.73
N GLN D 182 -23.79 8.52 -16.24
CA GLN D 182 -22.69 8.43 -17.21
C GLN D 182 -22.96 9.26 -18.46
N LEU D 183 -24.19 9.11 -19.00
CA LEU D 183 -24.60 9.86 -20.18
C LEU D 183 -24.69 11.37 -19.89
N TYR D 184 -25.21 11.72 -18.72
CA TYR D 184 -25.21 13.10 -18.27
C TYR D 184 -23.80 13.66 -18.09
N ALA D 185 -22.90 12.85 -17.51
CA ALA D 185 -21.51 13.28 -17.22
C ALA D 185 -20.75 13.88 -18.42
N ASN D 186 -20.98 13.35 -19.61
CA ASN D 186 -20.41 13.94 -20.83
C ASN D 186 -21.50 14.33 -21.84
N LYS D 187 -22.68 14.67 -21.32
CA LYS D 187 -23.83 15.15 -22.08
C LYS D 187 -23.96 14.49 -23.47
N ASN D 188 -23.98 13.16 -23.47
CA ASN D 188 -24.08 12.39 -24.70
C ASN D 188 -25.54 12.41 -25.15
N LEU D 189 -25.95 13.47 -25.85
CA LEU D 189 -27.36 13.64 -26.22
C LEU D 189 -27.91 12.58 -27.20
N PRO D 190 -27.13 12.21 -28.25
CA PRO D 190 -27.61 11.17 -29.17
C PRO D 190 -27.93 9.84 -28.46
N GLU D 191 -26.99 9.34 -27.66
CA GLU D 191 -27.20 8.10 -26.91
C GLU D 191 -28.22 8.24 -25.77
N LEU D 192 -28.28 9.44 -25.17
CA LEU D 192 -29.30 9.73 -24.16
C LEU D 192 -30.70 9.70 -24.78
N LYS D 193 -30.83 10.20 -26.00
CA LYS D 193 -32.10 10.13 -26.74
C LYS D 193 -32.59 8.67 -26.88
N GLN D 194 -31.68 7.79 -27.28
CA GLN D 194 -31.99 6.36 -27.44
C GLN D 194 -32.38 5.69 -26.11
N VAL D 195 -31.56 5.88 -25.09
CA VAL D 195 -31.81 5.27 -23.77
C VAL D 195 -33.11 5.80 -23.13
N CYS D 196 -33.40 7.08 -23.32
CA CYS D 196 -34.60 7.69 -22.73
C CYS D 196 -35.91 7.18 -23.34
N GLN D 197 -35.91 6.89 -24.64
CA GLN D 197 -37.09 6.33 -25.32
C GLN D 197 -37.63 5.03 -24.71
N VAL D 198 -36.76 4.18 -24.17
CA VAL D 198 -37.21 2.92 -23.53
C VAL D 198 -37.54 3.05 -22.03
N LEU D 199 -37.22 4.19 -21.41
CA LEU D 199 -37.38 4.38 -19.96
C LEU D 199 -38.67 5.11 -19.58
N PRO D 200 -39.21 4.83 -18.38
CA PRO D 200 -40.37 5.60 -17.91
C PRO D 200 -39.99 7.05 -17.59
N MET D 201 -40.88 7.98 -17.93
CA MET D 201 -40.62 9.43 -17.86
C MET D 201 -39.33 9.84 -18.58
N GLY D 202 -39.02 9.13 -19.66
CA GLY D 202 -37.78 9.33 -20.39
C GLY D 202 -37.61 10.69 -21.01
N SER D 203 -38.73 11.30 -21.43
CA SER D 203 -38.67 12.63 -22.03
C SER D 203 -38.31 13.69 -20.98
N ASP D 204 -38.66 13.45 -19.71
CA ASP D 204 -38.21 14.32 -18.60
C ASP D 204 -36.69 14.25 -18.41
N PHE D 205 -36.14 13.03 -18.42
CA PHE D 205 -34.70 12.82 -18.27
C PHE D 205 -33.92 13.38 -19.46
N TYR D 206 -34.49 13.29 -20.67
CA TYR D 206 -33.89 13.94 -21.84
C TYR D 206 -34.01 15.47 -21.75
N THR D 207 -35.13 15.96 -21.21
CA THR D 207 -35.36 17.40 -21.09
C THR D 207 -34.34 18.08 -20.15
N LEU D 208 -33.92 17.38 -19.09
CA LEU D 208 -32.93 17.91 -18.16
C LEU D 208 -31.62 18.22 -18.87
N ALA D 209 -31.09 17.25 -19.61
CA ALA D 209 -29.83 17.43 -20.33
C ALA D 209 -29.94 18.43 -21.49
N ARG D 210 -31.10 18.47 -22.13
CA ARG D 210 -31.31 19.25 -23.35
C ARG D 210 -31.75 20.70 -23.08
N PHE D 211 -32.65 20.88 -22.12
CA PHE D 211 -33.21 22.20 -21.81
C PHE D 211 -33.01 22.63 -20.34
N GLY D 212 -32.13 21.95 -19.60
CA GLY D 212 -31.86 22.29 -18.19
C GLY D 212 -31.21 23.65 -17.99
N HIS D 213 -30.38 24.05 -18.96
CA HIS D 213 -29.75 25.37 -18.97
C HIS D 213 -30.71 26.58 -18.93
N ASP D 214 -31.92 26.41 -19.46
CA ASP D 214 -32.93 27.48 -19.50
C ASP D 214 -33.92 27.30 -18.34
N ILE D 215 -33.47 27.73 -17.16
CA ILE D 215 -34.19 27.46 -15.91
C ILE D 215 -35.56 28.14 -15.78
N ALA D 216 -35.73 29.29 -16.43
CA ALA D 216 -37.03 29.99 -16.43
C ALA D 216 -38.17 29.19 -17.07
N ASN D 217 -37.84 28.36 -18.07
CA ASN D 217 -38.82 27.54 -18.81
C ASN D 217 -38.75 26.03 -18.52
N LEU D 218 -37.88 25.60 -17.62
CA LEU D 218 -37.68 24.17 -17.38
C LEU D 218 -38.93 23.48 -16.84
N LEU D 219 -39.62 24.13 -15.90
CA LEU D 219 -40.84 23.57 -15.31
C LEU D 219 -41.93 23.31 -16.36
N GLY D 220 -42.12 24.28 -17.26
CA GLY D 220 -43.09 24.17 -18.35
C GLY D 220 -42.85 23.04 -19.33
N ARG D 221 -41.60 22.56 -19.43
CA ARG D 221 -41.23 21.46 -20.34
C ARG D 221 -41.33 20.07 -19.71
N LEU D 222 -41.43 19.98 -18.39
CA LEU D 222 -41.51 18.68 -17.73
C LEU D 222 -42.93 18.15 -17.82
N SER D 223 -43.06 16.83 -17.68
CA SER D 223 -44.36 16.16 -17.66
C SER D 223 -45.27 16.69 -16.56
N GLU D 224 -46.55 16.34 -16.65
CA GLU D 224 -47.56 16.79 -15.70
C GLU D 224 -47.29 16.23 -14.29
N ASN D 225 -46.84 14.98 -14.20
CA ASN D 225 -46.51 14.36 -12.90
C ASN D 225 -45.34 15.07 -12.19
N ALA D 226 -44.28 15.35 -12.94
CA ALA D 226 -43.13 16.10 -12.42
C ALA D 226 -43.51 17.53 -11.99
N GLN D 227 -44.37 18.18 -12.78
CA GLN D 227 -44.84 19.53 -12.45
C GLN D 227 -45.67 19.60 -11.16
N GLN D 228 -46.38 18.53 -10.83
CA GLN D 228 -47.13 18.45 -9.57
C GLN D 228 -46.24 18.14 -8.35
N ASP D 229 -45.04 17.61 -8.58
CA ASP D 229 -44.11 17.29 -7.49
C ASP D 229 -43.53 18.57 -6.82
N THR D 230 -43.87 18.74 -5.54
CA THR D 230 -43.52 19.96 -4.78
C THR D 230 -42.02 20.20 -4.65
N LYS D 231 -41.25 19.12 -4.45
CA LYS D 231 -39.79 19.23 -4.30
C LYS D 231 -39.11 19.67 -5.59
N ILE D 232 -39.60 19.21 -6.74
CA ILE D 232 -39.12 19.67 -8.04
C ILE D 232 -39.39 21.17 -8.25
N VAL D 233 -40.58 21.63 -7.86
CA VAL D 233 -40.96 23.03 -8.01
C VAL D 233 -40.07 23.91 -7.11
N THR D 234 -39.86 23.49 -5.87
CA THR D 234 -38.99 24.22 -4.94
C THR D 234 -37.55 24.30 -5.45
N ALA D 235 -37.03 23.17 -5.95
CA ALA D 235 -35.66 23.11 -6.44
C ALA D 235 -35.42 24.08 -7.60
N ILE D 236 -36.36 24.09 -8.55
CA ILE D 236 -36.28 24.98 -9.72
C ILE D 236 -36.38 26.44 -9.26
N ASP D 237 -37.22 26.68 -8.27
CA ASP D 237 -37.35 28.00 -7.68
C ASP D 237 -36.07 28.47 -6.97
N GLU D 238 -35.44 27.55 -6.23
CA GLU D 238 -34.15 27.82 -5.57
C GLU D 238 -33.06 28.25 -6.57
N LEU D 239 -32.96 27.52 -7.68
CA LEU D 239 -32.04 27.87 -8.77
C LEU D 239 -32.29 29.26 -9.37
N GLN D 240 -33.56 29.61 -9.55
CA GLN D 240 -33.93 30.95 -10.05
C GLN D 240 -33.57 32.06 -9.08
N ARG D 241 -33.80 31.82 -7.79
CA ARG D 241 -33.47 32.79 -6.74
C ARG D 241 -31.98 33.07 -6.65
N LEU D 242 -31.17 32.02 -6.61
CA LEU D 242 -29.71 32.16 -6.48
C LEU D 242 -29.07 32.80 -7.72
N LYS D 243 -29.56 32.43 -8.89
CA LYS D 243 -29.16 33.05 -10.15
C LYS D 243 -29.43 34.56 -10.14
N ALA D 244 -30.64 34.93 -9.71
CA ALA D 244 -31.02 36.34 -9.59
C ALA D 244 -30.18 37.04 -8.53
N HIS D 245 -29.96 36.40 -7.38
CA HIS D 245 -29.12 37.00 -6.35
C HIS D 245 -27.71 37.26 -6.86
N LEU D 246 -27.11 36.26 -7.49
CA LEU D 246 -25.77 36.40 -8.05
C LEU D 246 -25.67 37.51 -9.11
N GLN D 247 -26.67 37.57 -10.00
CA GLN D 247 -26.70 38.64 -11.03
C GLN D 247 -26.89 40.04 -10.44
N VAL D 248 -27.89 40.20 -9.57
CA VAL D 248 -28.23 41.52 -9.03
C VAL D 248 -27.17 42.02 -8.05
N GLN D 249 -26.86 41.20 -7.06
CA GLN D 249 -25.89 41.58 -6.01
C GLN D 249 -24.43 41.63 -6.49
N TRP D 250 -24.02 40.68 -7.34
CA TRP D 250 -22.59 40.48 -7.64
C TRP D 250 -22.19 40.64 -9.12
N GLN D 251 -23.14 40.94 -10.02
CA GLN D 251 -22.90 41.07 -11.47
C GLN D 251 -22.28 39.81 -12.08
N CYS D 252 -22.67 38.66 -11.53
CA CYS D 252 -22.05 37.39 -11.85
C CYS D 252 -22.75 36.68 -12.99
N ALA D 253 -21.96 36.34 -14.02
CA ALA D 253 -22.39 35.47 -15.12
C ALA D 253 -22.61 34.06 -14.56
N VAL D 254 -23.86 33.61 -14.60
CA VAL D 254 -24.25 32.31 -14.06
C VAL D 254 -24.75 31.41 -15.19
N SER D 255 -24.24 30.17 -15.23
CA SER D 255 -24.81 29.11 -16.06
C SER D 255 -25.56 28.13 -15.16
N ILE D 256 -26.59 27.48 -15.72
CA ILE D 256 -27.35 26.44 -15.03
C ILE D 256 -27.10 25.11 -15.72
N ASP D 257 -26.82 24.07 -14.95
CA ASP D 257 -26.79 22.70 -15.44
C ASP D 257 -27.41 21.83 -14.36
N VAL D 258 -28.66 21.46 -14.57
CA VAL D 258 -29.40 20.63 -13.59
C VAL D 258 -29.06 19.16 -13.67
N THR D 259 -28.21 18.76 -14.62
CA THR D 259 -27.65 17.41 -14.70
C THR D 259 -26.22 17.31 -14.15
N GLU D 260 -25.74 18.35 -13.47
CA GLU D 260 -24.48 18.29 -12.72
C GLU D 260 -24.70 17.40 -11.50
N LEU D 261 -24.28 16.13 -11.62
CA LEU D 261 -24.58 15.11 -10.60
C LEU D 261 -23.35 14.41 -10.02
N SER D 262 -22.15 14.97 -10.22
CA SER D 262 -20.96 14.46 -9.51
C SER D 262 -21.14 14.70 -8.01
N GLY D 263 -20.74 13.72 -7.21
CA GLY D 263 -21.03 13.74 -5.77
C GLY D 263 -22.52 13.58 -5.49
N TYR D 264 -23.16 12.70 -6.28
CA TYR D 264 -24.59 12.40 -6.16
C TYR D 264 -24.99 11.96 -4.75
N HIS D 265 -24.11 11.21 -4.09
CA HIS D 265 -24.40 10.63 -2.77
C HIS D 265 -24.25 11.55 -1.56
N TYR D 266 -23.43 12.59 -1.65
CA TYR D 266 -23.34 13.57 -0.55
C TYR D 266 -24.19 14.84 -0.76
N HIS D 267 -24.43 15.27 -2.00
CA HIS D 267 -25.24 16.46 -2.24
C HIS D 267 -26.74 16.17 -2.08
N THR D 268 -27.44 17.03 -1.34
CA THR D 268 -28.87 16.86 -1.08
C THR D 268 -29.72 18.00 -1.64
N GLY D 269 -29.15 18.80 -2.54
CA GLY D 269 -29.89 19.93 -3.08
C GLY D 269 -29.08 20.79 -4.01
N ILE D 270 -29.08 22.08 -3.74
CA ILE D 270 -28.38 23.04 -4.57
C ILE D 270 -26.87 22.70 -4.59
N VAL D 271 -26.26 22.81 -5.77
CA VAL D 271 -24.83 22.62 -5.93
C VAL D 271 -24.26 23.78 -6.72
N PHE D 272 -23.00 24.08 -6.42
CA PHE D 272 -22.36 25.31 -6.83
C PHE D 272 -20.96 24.96 -7.32
N ASN D 273 -20.62 25.41 -8.52
CA ASN D 273 -19.29 25.21 -9.08
C ASN D 273 -18.77 26.54 -9.63
N GLY D 274 -17.65 27.00 -9.08
CA GLY D 274 -17.00 28.23 -9.53
C GLY D 274 -15.76 27.92 -10.34
N TYR D 275 -15.68 28.48 -11.54
CA TYR D 275 -14.55 28.28 -12.44
C TYR D 275 -13.76 29.58 -12.56
N ILE D 276 -12.43 29.47 -12.43
CA ILE D 276 -11.51 30.60 -12.63
C ILE D 276 -11.06 30.61 -14.10
N ASN D 277 -11.21 31.77 -14.75
CA ASN D 277 -10.98 31.91 -16.20
C ASN D 277 -11.57 30.72 -17.00
N SER D 278 -10.75 30.01 -17.76
CA SER D 278 -11.21 28.87 -18.56
C SER D 278 -10.69 27.55 -18.00
N GLU D 279 -10.24 27.53 -16.74
CA GLU D 279 -9.57 26.36 -16.18
C GLU D 279 -10.57 25.23 -15.92
N THR D 280 -10.12 24.01 -16.20
CA THR D 280 -11.01 22.85 -16.31
C THR D 280 -11.63 22.43 -15.00
N GLN D 281 -10.83 22.41 -13.94
CA GLN D 281 -11.31 22.01 -12.62
C GLN D 281 -11.86 23.25 -11.93
N PRO D 282 -13.08 23.17 -11.37
CA PRO D 282 -13.58 24.34 -10.65
C PRO D 282 -12.68 24.73 -9.49
N LEU D 283 -12.52 26.02 -9.28
CA LEU D 283 -11.82 26.51 -8.09
C LEU D 283 -12.64 26.30 -6.83
N VAL D 284 -13.93 26.57 -6.91
CA VAL D 284 -14.82 26.50 -5.76
C VAL D 284 -15.88 25.43 -6.04
N ARG D 285 -16.01 24.50 -5.11
CA ARG D 285 -17.08 23.52 -5.12
C ARG D 285 -17.89 23.80 -3.87
N GLY D 286 -19.20 23.71 -3.99
CA GLY D 286 -20.08 23.87 -2.84
C GLY D 286 -21.45 23.28 -3.07
N GLY D 287 -22.24 23.24 -2.00
CA GLY D 287 -23.58 22.67 -2.08
C GLY D 287 -24.18 22.28 -0.76
N ARG D 288 -25.46 21.97 -0.81
CA ARG D 288 -26.20 21.43 0.34
C ARG D 288 -25.78 19.99 0.56
N PHE D 289 -25.75 19.58 1.83
CA PHE D 289 -25.41 18.20 2.19
C PHE D 289 -26.01 17.88 3.56
N ASP D 290 -25.88 16.62 3.98
CA ASP D 290 -26.54 16.12 5.19
C ASP D 290 -25.68 16.30 6.44
N GLY D 291 -26.33 16.60 7.57
CA GLY D 291 -25.66 16.77 8.88
C GLY D 291 -25.95 15.63 9.84
N PRO D 302 -32.32 14.88 12.07
CA PRO D 302 -32.05 15.41 10.73
C PRO D 302 -31.53 16.84 10.76
N ARG D 303 -30.29 17.05 10.29
CA ARG D 303 -29.59 18.35 10.41
C ARG D 303 -29.16 18.90 9.06
N GLN D 304 -29.67 20.10 8.73
CA GLN D 304 -29.32 20.78 7.48
C GLN D 304 -27.87 21.30 7.52
N ALA D 305 -27.20 21.24 6.37
CA ALA D 305 -25.85 21.79 6.21
C ALA D 305 -25.62 22.28 4.78
N THR D 306 -24.81 23.31 4.65
CA THR D 306 -24.41 23.81 3.33
C THR D 306 -23.03 24.45 3.44
N GLY D 307 -22.25 24.42 2.38
CA GLY D 307 -20.88 24.92 2.44
C GLY D 307 -20.13 24.94 1.14
N PHE D 308 -18.93 25.50 1.16
CA PHE D 308 -18.01 25.44 0.03
C PHE D 308 -16.58 25.19 0.51
N SER D 309 -15.75 24.73 -0.41
CA SER D 309 -14.32 24.67 -0.20
C SER D 309 -13.59 25.04 -1.48
N MET D 310 -12.32 25.37 -1.34
CA MET D 310 -11.44 25.70 -2.46
C MET D 310 -10.01 25.32 -2.13
N ASP D 311 -9.22 25.10 -3.17
CA ASP D 311 -7.78 24.90 -3.04
C ASP D 311 -7.09 26.27 -3.09
N VAL D 312 -6.57 26.70 -1.94
CA VAL D 312 -5.88 27.98 -1.81
C VAL D 312 -4.67 28.10 -2.76
N SER D 313 -3.98 27.00 -3.03
CA SER D 313 -2.82 26.98 -3.93
C SER D 313 -3.13 27.34 -5.37
N ARG D 314 -4.38 27.17 -5.78
CA ARG D 314 -4.81 27.56 -7.12
C ARG D 314 -5.02 29.06 -7.28
N LEU D 315 -5.09 29.81 -6.18
CA LEU D 315 -5.12 31.27 -6.24
C LEU D 315 -3.75 31.90 -6.52
N LEU D 316 -2.67 31.12 -6.41
CA LEU D 316 -1.31 31.68 -6.45
C LEU D 316 -0.96 32.29 -7.82
N ALA D 317 -1.32 31.61 -8.91
CA ALA D 317 -1.12 32.15 -10.26
C ALA D 317 -1.94 33.42 -10.59
N HIS D 318 -3.02 33.67 -9.84
CA HIS D 318 -3.95 34.78 -10.14
C HIS D 318 -3.91 35.95 -9.16
N THR D 319 -3.02 35.91 -8.17
CA THR D 319 -2.91 36.94 -7.14
C THR D 319 -1.48 37.48 -7.07
N GLN D 320 -1.34 38.69 -6.55
CA GLN D 320 -0.05 39.35 -6.42
C GLN D 320 0.06 40.10 -5.11
N LEU D 321 1.24 40.04 -4.50
CA LEU D 321 1.56 40.88 -3.35
C LEU D 321 2.51 41.98 -3.80
N ASP D 322 2.62 42.99 -2.95
CA ASP D 322 3.58 44.06 -3.18
C ASP D 322 5.00 43.50 -3.14
N ALA D 323 5.90 44.11 -3.91
CA ALA D 323 7.29 43.70 -3.94
C ALA D 323 7.89 43.80 -2.54
N PRO D 324 8.61 42.75 -2.10
CA PRO D 324 9.19 42.79 -0.75
C PRO D 324 10.46 43.64 -0.67
N PHE D 325 10.73 44.14 0.52
CA PHE D 325 11.93 44.91 0.81
C PHE D 325 12.92 43.96 1.47
N ILE D 326 14.04 43.71 0.79
CA ILE D 326 15.01 42.71 1.21
C ILE D 326 16.33 43.44 1.44
N VAL D 327 16.71 43.54 2.72
CA VAL D 327 17.75 44.41 3.20
C VAL D 327 18.92 43.59 3.70
N LEU D 328 20.14 43.98 3.32
CA LEU D 328 21.38 43.39 3.84
C LEU D 328 22.18 44.46 4.59
N ILE D 329 22.54 44.18 5.83
CA ILE D 329 23.43 45.03 6.62
C ILE D 329 24.87 44.86 6.13
N ASP D 330 25.65 45.94 6.03
CA ASP D 330 27.02 45.87 5.54
CA ASP D 330 27.04 45.88 5.55
C ASP D 330 27.90 45.14 6.55
N TYR D 331 28.51 44.05 6.11
CA TYR D 331 29.32 43.17 6.96
C TYR D 331 30.43 43.91 7.71
N ASP D 332 31.22 44.70 6.98
CA ASP D 332 32.44 45.31 7.54
C ASP D 332 32.13 46.43 8.54
N ALA D 333 31.22 47.33 8.18
CA ALA D 333 30.74 48.36 9.10
C ALA D 333 30.16 47.74 10.38
N PHE D 334 29.37 46.66 10.25
CA PHE D 334 28.83 46.00 11.43
C PHE D 334 29.91 45.46 12.37
N ASN D 335 30.93 44.80 11.81
CA ASN D 335 32.00 44.22 12.61
C ASN D 335 32.90 45.23 13.30
N ASN D 336 33.08 46.40 12.67
CA ASN D 336 33.84 47.49 13.29
C ASN D 336 33.13 48.19 14.46
N LEU D 337 31.80 48.01 14.59
CA LEU D 337 31.05 48.60 15.69
C LEU D 337 31.43 48.01 17.06
N ASP D 338 31.47 48.87 18.08
CA ASP D 338 31.62 48.43 19.46
C ASP D 338 30.30 47.88 19.97
N SER D 339 30.37 47.24 21.14
CA SER D 339 29.21 46.58 21.75
C SER D 339 27.96 47.47 21.92
N ALA D 340 28.16 48.74 22.29
CA ALA D 340 27.04 49.68 22.47
C ALA D 340 26.43 50.09 21.15
N GLN D 341 27.28 50.33 20.16
CA GLN D 341 26.84 50.65 18.80
C GLN D 341 26.09 49.47 18.18
N ARG D 342 26.55 48.25 18.44
CA ARG D 342 25.87 47.03 17.97
C ARG D 342 24.43 46.99 18.47
N GLN D 343 24.23 47.24 19.75
CA GLN D 343 22.87 47.23 20.33
C GLN D 343 21.95 48.33 19.77
N LEU D 344 22.52 49.45 19.35
CA LEU D 344 21.72 50.50 18.70
C LEU D 344 21.30 50.09 17.30
N LEU D 345 22.21 49.49 16.54
CA LEU D 345 21.86 48.98 15.22
C LEU D 345 20.77 47.92 15.34
N LEU D 346 20.93 46.98 16.28
CA LEU D 346 19.97 45.89 16.46
C LEU D 346 18.57 46.41 16.80
N GLN D 347 18.50 47.44 17.62
CA GLN D 347 17.27 48.17 17.91
C GLN D 347 16.63 48.78 16.66
N GLN D 348 17.47 49.38 15.82
CA GLN D 348 17.07 49.96 14.54
C GLN D 348 16.60 48.88 13.56
N VAL D 349 17.30 47.74 13.57
CA VAL D 349 16.94 46.57 12.75
C VAL D 349 15.62 45.96 13.24
N ALA D 350 15.43 45.83 14.54
CA ALA D 350 14.17 45.31 15.10
C ALA D 350 12.97 46.16 14.67
N SER D 351 13.18 47.47 14.50
CA SER D 351 12.14 48.36 14.04
C SER D 351 11.83 48.15 12.56
N LEU D 352 12.86 48.02 11.73
CA LEU D 352 12.69 47.69 10.30
C LEU D 352 11.91 46.38 10.12
N ARG D 353 12.23 45.37 10.93
CA ARG D 353 11.52 44.08 10.85
C ARG D 353 10.06 44.19 11.24
N GLN D 354 9.76 44.97 12.28
CA GLN D 354 8.37 45.23 12.70
C GLN D 354 7.54 45.89 11.58
N GLN D 355 8.19 46.70 10.75
CA GLN D 355 7.56 47.29 9.56
C GLN D 355 7.41 46.35 8.35
N GLY D 356 8.01 45.17 8.41
CA GLY D 356 7.92 44.17 7.34
C GLY D 356 9.13 44.06 6.43
N TYR D 357 10.20 44.80 6.70
CA TYR D 357 11.46 44.62 5.99
C TYR D 357 12.06 43.27 6.39
N ARG D 358 12.67 42.62 5.40
CA ARG D 358 13.38 41.39 5.61
C ARG D 358 14.86 41.70 5.70
N VAL D 359 15.41 41.63 6.90
CA VAL D 359 16.75 42.12 7.16
C VAL D 359 17.66 40.95 7.50
N THR D 360 18.71 40.80 6.68
CA THR D 360 19.71 39.80 6.90
C THR D 360 20.88 40.45 7.63
N MET D 361 21.24 39.85 8.75
CA MET D 361 22.49 40.12 9.44
C MET D 361 23.51 39.15 8.82
N PRO D 362 24.54 39.68 8.10
CA PRO D 362 25.48 38.81 7.39
C PRO D 362 26.38 37.98 8.29
N LEU D 363 26.58 36.72 7.93
CA LEU D 363 27.55 35.83 8.57
C LEU D 363 28.97 36.01 8.02
N THR D 364 29.06 36.42 6.75
CA THR D 364 30.31 36.65 6.05
C THR D 364 30.14 37.88 5.19
N ALA D 365 31.25 38.36 4.62
CA ALA D 365 31.20 39.48 3.66
C ALA D 365 30.52 39.07 2.34
N GLU D 366 30.46 37.77 2.06
CA GLU D 366 29.83 37.24 0.84
C GLU D 366 28.34 36.83 1.02
N ASP D 367 27.84 36.86 2.27
CA ASP D 367 26.46 36.47 2.62
C ASP D 367 25.45 37.42 1.99
N MET D 368 24.73 36.93 0.97
CA MET D 368 23.83 37.74 0.15
C MET D 368 22.42 37.14 0.15
N PRO D 369 21.40 37.90 0.60
CA PRO D 369 20.04 37.38 0.46
C PRO D 369 19.56 37.37 -1.00
N VAL D 370 18.68 36.42 -1.30
CA VAL D 370 18.08 36.29 -2.64
C VAL D 370 17.14 37.48 -2.83
N GLY D 371 17.19 38.12 -4.00
CA GLY D 371 16.33 39.26 -4.32
C GLY D 371 16.65 40.57 -3.60
N LEU D 372 17.93 40.77 -3.28
CA LEU D 372 18.39 41.97 -2.55
C LEU D 372 17.86 43.26 -3.18
N THR D 373 17.17 44.08 -2.38
CA THR D 373 16.69 45.39 -2.85
C THR D 373 17.46 46.57 -2.21
N HIS D 374 17.78 46.47 -0.92
CA HIS D 374 18.43 47.56 -0.18
C HIS D 374 19.61 47.08 0.65
N ARG D 375 20.61 47.94 0.79
CA ARG D 375 21.70 47.75 1.74
C ARG D 375 21.49 48.74 2.89
N LEU D 376 21.83 48.32 4.11
CA LEU D 376 21.85 49.21 5.25
C LEU D 376 23.32 49.51 5.50
N SER D 377 23.69 50.78 5.37
CA SER D 377 25.10 51.22 5.29
C SER D 377 25.43 52.31 6.30
N LEU D 378 26.64 52.25 6.85
CA LEU D 378 27.11 53.20 7.86
C LEU D 378 27.82 54.40 7.21
N ALA D 379 27.18 55.56 7.27
CA ALA D 379 27.77 56.82 6.80
C ALA D 379 27.67 57.87 7.90
N ASP D 380 28.79 58.51 8.23
CA ASP D 380 28.91 59.51 9.31
C ASP D 380 28.11 59.20 10.60
N ASN D 381 28.52 58.11 11.25
CA ASN D 381 27.93 57.63 12.52
C ASN D 381 26.39 57.53 12.48
N GLN D 382 25.88 57.03 11.35
CA GLN D 382 24.45 56.92 11.11
C GLN D 382 24.18 55.79 10.09
N TRP D 383 23.15 54.97 10.33
CA TRP D 383 22.78 53.89 9.41
C TRP D 383 21.59 54.27 8.55
N ARG D 384 21.73 54.11 7.23
CA ARG D 384 20.67 54.48 6.28
C ARG D 384 20.48 53.42 5.18
N LEU D 385 19.26 53.33 4.67
CA LEU D 385 18.92 52.41 3.57
C LEU D 385 19.25 53.03 2.21
N HIS D 386 19.97 52.28 1.36
CA HIS D 386 20.22 52.66 -0.04
C HIS D 386 19.77 51.51 -0.94
N ALA D 387 19.04 51.82 -2.01
CA ALA D 387 18.72 50.86 -3.06
C ALA D 387 20.00 50.42 -3.77
N VAL D 388 20.07 49.16 -4.21
CA VAL D 388 21.25 48.63 -4.90
C VAL D 388 21.34 49.12 -6.35
N PHE E 22 -8.10 35.94 -27.71
CA PHE E 22 -9.28 35.70 -28.64
C PHE E 22 -10.55 35.36 -27.83
N LEU E 23 -11.56 36.21 -27.96
CA LEU E 23 -12.78 36.13 -27.15
C LEU E 23 -13.89 35.26 -27.77
N GLY E 24 -13.74 34.91 -29.05
CA GLY E 24 -14.71 34.07 -29.74
C GLY E 24 -14.52 32.59 -29.52
N LEU E 25 -15.10 31.79 -30.42
CA LEU E 25 -15.02 30.34 -30.39
C LEU E 25 -13.94 29.85 -31.34
N THR E 26 -13.14 28.88 -30.88
CA THR E 26 -12.13 28.21 -31.71
C THR E 26 -12.68 26.82 -32.07
N LEU E 27 -12.82 26.54 -33.36
CA LEU E 27 -13.37 25.29 -33.87
C LEU E 27 -12.28 24.38 -34.42
N ALA E 28 -12.13 23.19 -33.84
CA ALA E 28 -11.19 22.17 -34.32
C ALA E 28 -11.84 21.28 -35.37
N LEU E 29 -11.22 21.19 -36.54
CA LEU E 29 -11.68 20.30 -37.61
C LEU E 29 -10.59 19.32 -38.04
N SER E 30 -11.03 18.21 -38.64
CA SER E 30 -10.14 17.14 -39.13
C SER E 30 -9.82 17.36 -40.61
N LYS E 31 -8.75 16.70 -41.06
CA LYS E 31 -7.99 17.12 -42.24
C LYS E 31 -8.55 16.70 -43.61
N GLY E 32 -9.21 15.55 -43.69
CA GLY E 32 -9.65 14.97 -44.99
C GLY E 32 -11.15 14.94 -45.26
N ARG E 33 -11.74 13.76 -45.07
CA ARG E 33 -13.18 13.51 -45.34
C ARG E 33 -14.10 14.37 -44.48
N ILE E 34 -13.77 14.48 -43.20
CA ILE E 34 -14.54 15.28 -42.23
C ILE E 34 -14.64 16.74 -42.68
N LEU E 35 -13.53 17.31 -43.14
CA LEU E 35 -13.49 18.70 -43.61
C LEU E 35 -14.48 18.94 -44.74
N GLU E 36 -14.44 18.09 -45.77
CA GLU E 36 -15.26 18.28 -46.98
C GLU E 36 -16.75 18.21 -46.68
N GLU E 37 -17.16 17.17 -45.96
CA GLU E 37 -18.58 16.96 -45.59
C GLU E 37 -19.12 17.94 -44.54
N THR E 38 -18.24 18.62 -43.80
CA THR E 38 -18.64 19.64 -42.82
C THR E 38 -18.87 21.05 -43.40
N MET E 39 -18.17 21.38 -44.49
CA MET E 39 -18.28 22.72 -45.13
C MET E 39 -19.72 23.22 -45.37
N PRO E 40 -20.64 22.33 -45.85
CA PRO E 40 -22.05 22.75 -45.95
C PRO E 40 -22.71 23.09 -44.60
N LEU E 41 -22.46 22.29 -43.56
CA LEU E 41 -22.96 22.55 -42.20
C LEU E 41 -22.50 23.92 -41.67
N LEU E 42 -21.23 24.25 -41.95
CA LEU E 42 -20.65 25.52 -41.56
C LEU E 42 -21.24 26.71 -42.32
N ARG E 43 -21.56 26.50 -43.60
CA ARG E 43 -22.24 27.53 -44.40
C ARG E 43 -23.57 27.94 -43.78
N ALA E 44 -24.40 26.95 -43.46
CA ALA E 44 -25.73 27.19 -42.86
C ALA E 44 -25.69 27.94 -41.52
N ALA E 45 -24.63 27.71 -40.73
CA ALA E 45 -24.39 28.42 -39.47
C ALA E 45 -23.63 29.75 -39.64
N GLY E 46 -23.19 30.04 -40.85
CA GLY E 46 -22.55 31.31 -41.18
C GLY E 46 -21.08 31.32 -40.85
N VAL E 47 -20.40 30.20 -41.10
CA VAL E 47 -18.99 30.00 -40.72
C VAL E 47 -18.21 29.46 -41.93
N GLU E 48 -18.17 30.25 -42.99
CA GLU E 48 -17.40 29.89 -44.18
C GLU E 48 -15.96 30.27 -43.97
N LEU E 49 -15.04 29.33 -44.21
CA LEU E 49 -13.60 29.65 -44.25
C LEU E 49 -13.33 30.57 -45.43
N LEU E 50 -12.46 31.55 -45.25
CA LEU E 50 -12.18 32.54 -46.28
C LEU E 50 -11.24 32.00 -47.36
N GLU E 51 -10.26 31.19 -46.95
CA GLU E 51 -9.31 30.55 -47.87
C GLU E 51 -9.60 29.05 -48.03
N ASP E 52 -8.84 28.41 -48.92
CA ASP E 52 -8.80 26.95 -49.01
C ASP E 52 -7.68 26.48 -48.07
N PRO E 53 -7.98 25.50 -47.18
CA PRO E 53 -6.93 24.93 -46.31
C PRO E 53 -5.78 24.22 -47.06
N GLU E 54 -6.12 23.49 -48.12
CA GLU E 54 -5.15 22.70 -48.89
C GLU E 54 -4.02 23.51 -49.54
N ALA E 55 -4.33 24.74 -49.97
CA ALA E 55 -3.37 25.61 -50.66
C ALA E 55 -2.80 26.70 -49.75
N SER E 56 -2.55 26.38 -48.48
CA SER E 56 -2.20 27.39 -47.46
C SER E 56 -1.19 26.90 -46.43
N ARG E 57 -0.36 27.83 -45.96
CA ARG E 57 0.60 27.61 -44.86
C ARG E 57 0.02 28.02 -43.49
N LYS E 58 -1.23 28.46 -43.44
CA LYS E 58 -1.87 28.85 -42.18
C LYS E 58 -2.32 27.64 -41.37
N LEU E 59 -2.14 27.74 -40.06
CA LEU E 59 -2.69 26.79 -39.09
C LEU E 59 -4.03 27.30 -38.51
N ILE E 60 -4.08 28.60 -38.20
CA ILE E 60 -5.28 29.26 -37.67
C ILE E 60 -5.99 30.00 -38.82
N PHE E 61 -7.24 29.57 -39.12
CA PHE E 61 -8.02 30.13 -40.23
C PHE E 61 -9.16 31.02 -39.71
N PRO E 62 -9.19 32.31 -40.12
CA PRO E 62 -10.41 33.08 -39.86
C PRO E 62 -11.59 32.63 -40.72
N THR E 63 -12.80 32.89 -40.23
CA THR E 63 -14.04 32.59 -40.96
C THR E 63 -14.86 33.86 -41.21
N SER E 64 -15.94 33.72 -41.99
CA SER E 64 -16.88 34.81 -42.28
C SER E 64 -17.55 35.37 -41.02
N ASN E 65 -17.75 34.51 -40.01
CA ASN E 65 -18.14 34.95 -38.66
C ASN E 65 -16.89 35.42 -37.93
N PRO E 66 -16.86 36.68 -37.45
CA PRO E 66 -15.67 37.16 -36.73
C PRO E 66 -15.50 36.57 -35.31
N ASN E 67 -16.56 35.98 -34.75
CA ASN E 67 -16.47 35.24 -33.47
C ASN E 67 -15.98 33.79 -33.58
N VAL E 68 -15.67 33.32 -34.80
CA VAL E 68 -15.23 31.94 -34.98
C VAL E 68 -13.92 31.91 -35.76
N ARG E 69 -12.97 31.12 -35.26
CA ARG E 69 -11.76 30.75 -36.00
C ARG E 69 -11.66 29.24 -36.02
N VAL E 70 -10.89 28.71 -36.96
CA VAL E 70 -10.83 27.29 -37.24
C VAL E 70 -9.39 26.76 -37.15
N LEU E 71 -9.25 25.58 -36.56
CA LEU E 71 -8.00 24.83 -36.53
C LEU E 71 -8.17 23.57 -37.38
N ILE E 72 -7.25 23.34 -38.31
CA ILE E 72 -7.21 22.11 -39.09
C ILE E 72 -6.17 21.20 -38.44
N LEU E 73 -6.64 20.10 -37.85
CA LEU E 73 -5.80 19.22 -37.05
C LEU E 73 -5.85 17.82 -37.61
N ARG E 74 -4.84 17.03 -37.25
CA ARG E 74 -4.90 15.58 -37.39
C ARG E 74 -6.10 15.08 -36.58
N ALA E 75 -6.91 14.21 -37.17
CA ALA E 75 -8.16 13.73 -36.56
C ALA E 75 -8.00 13.29 -35.10
N SER E 76 -6.92 12.54 -34.83
CA SER E 76 -6.63 12.04 -33.47
C SER E 76 -6.33 13.14 -32.44
N ASP E 77 -5.91 14.32 -32.90
CA ASP E 77 -5.63 15.46 -32.02
C ASP E 77 -6.84 16.35 -31.70
N VAL E 78 -7.96 16.14 -32.39
CA VAL E 78 -9.15 16.97 -32.19
C VAL E 78 -9.74 16.87 -30.75
N PRO E 79 -9.93 15.64 -30.22
CA PRO E 79 -10.42 15.55 -28.83
C PRO E 79 -9.45 16.08 -27.79
N THR E 80 -8.15 16.00 -28.07
CA THR E 80 -7.12 16.54 -27.18
C THR E 80 -7.24 18.05 -27.06
N TYR E 81 -7.23 18.74 -28.20
CA TYR E 81 -7.41 20.19 -28.23
C TYR E 81 -8.73 20.64 -27.56
N VAL E 82 -9.81 19.89 -27.77
CA VAL E 82 -11.11 20.27 -27.21
C VAL E 82 -11.15 20.04 -25.69
N GLU E 83 -10.69 18.88 -25.23
CA GLU E 83 -10.75 18.58 -23.78
C GLU E 83 -9.92 19.53 -22.91
N HIS E 84 -8.79 20.03 -23.44
CA HIS E 84 -7.94 21.01 -22.76
C HIS E 84 -8.36 22.48 -22.99
N GLY E 85 -9.35 22.72 -23.83
CA GLY E 85 -9.87 24.06 -24.05
C GLY E 85 -9.06 24.92 -25.00
N ALA E 86 -8.07 24.34 -25.69
CA ALA E 86 -7.38 25.05 -26.78
C ALA E 86 -8.31 25.21 -28.00
N ALA E 87 -9.32 24.35 -28.07
CA ALA E 87 -10.46 24.53 -28.94
C ALA E 87 -11.71 24.44 -28.07
N ASP E 88 -12.71 25.27 -28.37
CA ASP E 88 -13.96 25.34 -27.61
C ASP E 88 -14.91 24.23 -28.03
N PHE E 89 -14.82 23.86 -29.30
CA PHE E 89 -15.63 22.77 -29.86
C PHE E 89 -14.96 22.19 -31.10
N GLY E 90 -15.43 21.03 -31.53
CA GLY E 90 -14.80 20.37 -32.66
C GLY E 90 -15.58 19.22 -33.26
N VAL E 91 -15.15 18.83 -34.46
CA VAL E 91 -15.76 17.75 -35.21
C VAL E 91 -14.74 16.63 -35.25
N ALA E 92 -15.08 15.51 -34.63
CA ALA E 92 -14.24 14.34 -34.61
C ALA E 92 -15.09 13.11 -34.85
N GLY E 93 -14.49 12.11 -35.50
CA GLY E 93 -15.15 10.85 -35.76
C GLY E 93 -15.32 10.06 -34.48
N LYS E 94 -16.42 9.31 -34.40
CA LYS E 94 -16.73 8.48 -33.23
C LYS E 94 -15.67 7.40 -32.98
N ASP E 95 -15.01 6.97 -34.05
CA ASP E 95 -13.84 6.09 -33.95
C ASP E 95 -12.70 6.72 -33.10
N VAL E 96 -12.43 7.99 -33.33
CA VAL E 96 -11.35 8.71 -32.61
C VAL E 96 -11.74 8.93 -31.15
N LEU E 97 -13.00 9.29 -30.92
CA LEU E 97 -13.52 9.50 -29.56
C LEU E 97 -13.48 8.22 -28.73
N LEU E 98 -13.87 7.10 -29.33
CA LEU E 98 -13.79 5.80 -28.65
C LEU E 98 -12.36 5.43 -28.27
N GLU E 99 -11.44 5.61 -29.20
CA GLU E 99 -10.03 5.28 -28.98
C GLU E 99 -9.38 6.18 -27.93
N HIS E 100 -9.70 7.46 -28.01
CA HIS E 100 -9.16 8.50 -27.14
C HIS E 100 -9.81 8.50 -25.75
N GLY E 101 -11.11 8.22 -25.69
CA GLY E 101 -11.91 8.42 -24.47
C GLY E 101 -12.56 9.80 -24.52
N ALA E 102 -13.88 9.84 -24.50
CA ALA E 102 -14.67 11.10 -24.56
C ALA E 102 -15.23 11.45 -23.18
N ASN E 103 -14.38 11.36 -22.16
CA ASN E 103 -14.81 11.53 -20.77
C ASN E 103 -14.92 13.02 -20.43
N HIS E 104 -13.98 13.81 -20.94
CA HIS E 104 -13.79 15.21 -20.54
C HIS E 104 -14.41 16.23 -21.51
N VAL E 105 -15.17 15.75 -22.49
CA VAL E 105 -15.86 16.63 -23.43
C VAL E 105 -17.34 16.29 -23.43
N TYR E 106 -18.14 17.19 -24.01
CA TYR E 106 -19.55 16.95 -24.28
C TYR E 106 -19.75 16.53 -25.73
N GLU E 107 -20.33 15.34 -25.97
CA GLU E 107 -20.70 14.89 -27.32
C GLU E 107 -22.16 15.27 -27.58
N LEU E 108 -22.36 16.46 -28.13
CA LEU E 108 -23.71 17.03 -28.22
C LEU E 108 -24.49 16.52 -29.41
N LEU E 109 -23.85 16.47 -30.57
CA LEU E 109 -24.55 16.14 -31.82
C LEU E 109 -23.93 14.99 -32.61
N ASP E 110 -24.79 14.15 -33.17
CA ASP E 110 -24.43 13.19 -34.22
C ASP E 110 -24.72 13.85 -35.57
N LEU E 111 -23.66 14.30 -36.23
CA LEU E 111 -23.79 15.07 -37.48
C LEU E 111 -24.21 14.21 -38.70
N LYS E 112 -24.09 12.88 -38.59
CA LYS E 112 -24.48 11.94 -39.66
C LYS E 112 -23.74 12.18 -40.98
N ILE E 113 -22.45 12.50 -40.85
CA ILE E 113 -21.57 12.68 -42.00
C ILE E 113 -20.34 11.82 -41.79
N ALA E 114 -19.64 11.54 -42.89
CA ALA E 114 -18.48 10.66 -42.91
C ALA E 114 -18.83 9.33 -42.24
N GLN E 115 -19.94 8.74 -42.68
CA GLN E 115 -20.44 7.49 -42.11
C GLN E 115 -19.60 6.31 -42.58
N CYS E 116 -19.24 5.45 -41.62
CA CYS E 116 -18.44 4.27 -41.88
C CYS E 116 -18.59 3.28 -40.72
N LYS E 117 -17.84 2.18 -40.75
CA LYS E 117 -17.93 1.14 -39.75
C LYS E 117 -16.51 0.78 -39.28
N LEU E 118 -16.32 0.66 -37.97
CA LEU E 118 -15.11 0.04 -37.42
C LEU E 118 -15.29 -1.45 -37.62
N MET E 119 -14.30 -2.08 -38.26
CA MET E 119 -14.36 -3.52 -38.53
C MET E 119 -13.00 -4.16 -38.36
N THR E 120 -13.00 -5.47 -38.12
CA THR E 120 -11.82 -6.30 -38.27
C THR E 120 -11.69 -6.66 -39.75
N ALA E 121 -10.46 -6.90 -40.20
CA ALA E 121 -10.18 -7.29 -41.57
C ALA E 121 -8.91 -8.14 -41.66
N GLY E 122 -8.96 -9.18 -42.48
CA GLY E 122 -7.84 -10.12 -42.67
C GLY E 122 -7.51 -10.32 -44.14
N VAL E 123 -6.55 -11.20 -44.40
CA VAL E 123 -6.14 -11.52 -45.78
C VAL E 123 -7.31 -12.22 -46.49
N LYS E 124 -7.51 -11.87 -47.76
CA LYS E 124 -8.65 -12.36 -48.56
C LYS E 124 -8.69 -13.90 -48.58
N ASP E 125 -9.84 -14.46 -48.18
CA ASP E 125 -10.09 -15.92 -48.13
C ASP E 125 -9.20 -16.75 -47.18
N ALA E 126 -8.34 -16.08 -46.40
CA ALA E 126 -7.46 -16.76 -45.45
C ALA E 126 -8.28 -17.08 -44.20
N PRO E 127 -8.08 -18.27 -43.61
CA PRO E 127 -8.84 -18.63 -42.42
C PRO E 127 -8.16 -18.10 -41.15
N LEU E 128 -8.94 -17.89 -40.09
CA LEU E 128 -8.37 -17.51 -38.79
C LEU E 128 -7.54 -18.67 -38.24
N PRO E 129 -6.26 -18.43 -37.91
CA PRO E 129 -5.43 -19.53 -37.40
C PRO E 129 -5.90 -19.99 -36.01
N ASN E 130 -5.47 -21.18 -35.61
CA ASN E 130 -5.89 -21.79 -34.34
C ASN E 130 -5.31 -21.09 -33.10
N ARG E 131 -4.08 -20.57 -33.23
CA ARG E 131 -3.36 -19.90 -32.13
C ARG E 131 -3.97 -18.55 -31.66
N ARG E 132 -3.34 -17.93 -30.67
CA ARG E 132 -3.74 -16.59 -30.17
C ARG E 132 -3.61 -15.53 -31.28
N LEU E 133 -4.67 -14.76 -31.51
CA LEU E 133 -4.70 -13.77 -32.58
C LEU E 133 -3.83 -12.55 -32.29
N ARG E 134 -3.10 -12.10 -33.30
CA ARG E 134 -2.33 -10.86 -33.24
C ARG E 134 -3.07 -9.82 -34.05
N ILE E 135 -3.40 -8.70 -33.42
CA ILE E 135 -4.15 -7.62 -34.05
C ILE E 135 -3.18 -6.43 -34.18
N ALA E 136 -3.05 -5.90 -35.39
CA ALA E 136 -2.24 -4.71 -35.64
C ALA E 136 -3.22 -3.58 -35.96
N THR E 137 -3.14 -2.48 -35.21
CA THR E 137 -4.15 -1.42 -35.35
C THR E 137 -3.70 -0.10 -34.72
N LYS E 138 -4.21 0.99 -35.29
CA LYS E 138 -4.26 2.30 -34.60
C LYS E 138 -5.19 2.25 -33.40
N TYR E 139 -6.29 1.52 -33.55
CA TYR E 139 -7.40 1.57 -32.60
C TYR E 139 -7.21 0.49 -31.53
N VAL E 140 -6.21 0.70 -30.68
CA VAL E 140 -5.77 -0.29 -29.69
C VAL E 140 -6.84 -0.56 -28.60
N ASN E 141 -7.33 0.51 -27.97
CA ASN E 141 -8.37 0.39 -26.94
C ASN E 141 -9.68 -0.19 -27.47
N VAL E 142 -10.09 0.22 -28.67
CA VAL E 142 -11.26 -0.36 -29.33
C VAL E 142 -11.07 -1.86 -29.60
N ALA E 143 -9.89 -2.24 -30.09
CA ALA E 143 -9.59 -3.65 -30.34
C ALA E 143 -9.70 -4.48 -29.08
N ARG E 144 -9.10 -4.01 -27.98
CA ARG E 144 -9.14 -4.74 -26.71
C ARG E 144 -10.56 -4.84 -26.16
N ALA E 145 -11.30 -3.74 -26.25
CA ALA E 145 -12.71 -3.72 -25.82
C ALA E 145 -13.55 -4.67 -26.66
N TYR E 146 -13.34 -4.64 -27.99
CA TYR E 146 -14.07 -5.54 -28.89
C TYR E 146 -13.78 -7.01 -28.60
N PHE E 147 -12.51 -7.40 -28.61
CA PHE E 147 -12.13 -8.81 -28.48
C PHE E 147 -12.43 -9.37 -27.08
N ALA E 148 -12.37 -8.50 -26.06
CA ALA E 148 -12.83 -8.86 -24.72
C ALA E 148 -14.34 -9.16 -24.69
N SER E 149 -15.14 -8.38 -25.41
CA SER E 149 -16.60 -8.61 -25.50
C SER E 149 -16.98 -9.87 -26.31
N GLN E 150 -16.11 -10.32 -27.21
CA GLN E 150 -16.28 -11.61 -27.91
C GLN E 150 -15.67 -12.79 -27.12
N GLY E 151 -15.10 -12.52 -25.94
CA GLY E 151 -14.51 -13.57 -25.11
C GLY E 151 -13.23 -14.17 -25.66
N GLN E 152 -12.47 -13.40 -26.44
CA GLN E 152 -11.33 -13.90 -27.17
C GLN E 152 -10.04 -13.19 -26.78
N GLN E 153 -9.02 -13.98 -26.45
CA GLN E 153 -7.76 -13.45 -25.97
C GLN E 153 -6.90 -13.06 -27.19
N VAL E 154 -6.28 -11.86 -27.16
CA VAL E 154 -5.51 -11.32 -28.30
C VAL E 154 -4.20 -10.65 -27.89
N ASP E 155 -3.30 -10.50 -28.87
CA ASP E 155 -2.10 -9.68 -28.74
C ASP E 155 -2.25 -8.49 -29.67
N VAL E 156 -2.18 -7.28 -29.11
CA VAL E 156 -2.41 -6.06 -29.86
C VAL E 156 -1.09 -5.33 -30.10
N ILE E 157 -0.90 -4.87 -31.33
CA ILE E 157 0.29 -4.14 -31.75
C ILE E 157 -0.15 -2.78 -32.23
N LYS E 158 0.36 -1.72 -31.60
CA LYS E 158 0.04 -0.35 -31.96
C LYS E 158 0.72 0.00 -33.29
N LEU E 159 -0.05 0.60 -34.19
CA LEU E 159 0.46 1.24 -35.42
C LEU E 159 -0.01 2.68 -35.47
N TYR E 160 0.85 3.56 -35.98
CA TYR E 160 0.53 4.97 -36.20
C TYR E 160 0.13 5.22 -37.65
N GLY E 161 0.78 4.54 -38.59
CA GLY E 161 0.55 4.71 -40.01
C GLY E 161 -0.57 3.84 -40.55
N SER E 162 -0.46 3.53 -41.85
CA SER E 162 -1.47 2.75 -42.56
C SER E 162 -1.32 1.27 -42.21
N MET E 163 -2.46 0.63 -41.93
CA MET E 163 -2.52 -0.71 -41.37
C MET E 163 -2.65 -1.85 -42.38
N GLU E 164 -2.93 -1.52 -43.65
CA GLU E 164 -3.24 -2.54 -44.68
C GLU E 164 -2.08 -3.51 -44.91
N LEU E 165 -0.87 -2.99 -44.83
CA LEU E 165 0.33 -3.80 -44.99
C LEU E 165 0.52 -4.88 -43.92
N ALA E 166 0.03 -4.66 -42.70
CA ALA E 166 0.33 -5.55 -41.55
C ALA E 166 0.00 -7.04 -41.75
N PRO E 167 -1.21 -7.37 -42.25
CA PRO E 167 -1.47 -8.79 -42.54
C PRO E 167 -0.66 -9.38 -43.70
N LEU E 168 -0.32 -8.56 -44.70
CA LEU E 168 0.36 -9.05 -45.90
C LEU E 168 1.83 -9.42 -45.66
N VAL E 169 2.44 -8.91 -44.58
CA VAL E 169 3.81 -9.30 -44.19
C VAL E 169 3.86 -10.04 -42.86
N GLY E 170 2.70 -10.46 -42.34
CA GLY E 170 2.64 -11.31 -41.16
C GLY E 170 2.86 -10.62 -39.82
N LEU E 171 2.76 -9.29 -39.77
CA LEU E 171 2.85 -8.57 -38.49
C LEU E 171 1.66 -8.88 -37.58
N GLY E 172 0.46 -8.92 -38.17
CA GLY E 172 -0.72 -9.37 -37.45
C GLY E 172 -1.57 -10.28 -38.31
N ASP E 173 -2.49 -10.99 -37.67
CA ASP E 173 -3.47 -11.82 -38.36
C ASP E 173 -4.66 -10.99 -38.84
N LEU E 174 -5.12 -10.08 -37.98
CA LEU E 174 -6.15 -9.12 -38.34
C LEU E 174 -5.67 -7.70 -38.16
N ILE E 175 -6.42 -6.78 -38.74
CA ILE E 175 -6.36 -5.38 -38.39
C ILE E 175 -7.75 -4.94 -37.92
N VAL E 176 -7.78 -3.78 -37.27
CA VAL E 176 -9.03 -3.09 -36.95
C VAL E 176 -8.92 -1.72 -37.62
N ASP E 177 -9.91 -1.36 -38.42
CA ASP E 177 -9.88 -0.11 -39.17
C ASP E 177 -11.31 0.29 -39.56
N VAL E 178 -11.47 1.56 -39.93
CA VAL E 178 -12.75 2.07 -40.44
C VAL E 178 -12.92 1.66 -41.90
N VAL E 179 -14.12 1.19 -42.22
CA VAL E 179 -14.47 0.71 -43.56
C VAL E 179 -15.80 1.34 -43.98
N ASP E 180 -15.83 1.87 -45.20
CA ASP E 180 -17.07 2.37 -45.83
C ASP E 180 -17.48 1.45 -46.98
N THR E 181 -16.93 1.66 -48.18
CA THR E 181 -17.21 0.83 -49.36
C THR E 181 -16.54 -0.53 -49.27
N GLY E 182 -15.31 -0.55 -48.76
CA GLY E 182 -14.45 -1.72 -48.76
C GLY E 182 -13.35 -1.70 -49.83
N ASN E 183 -13.34 -0.66 -50.67
CA ASN E 183 -12.43 -0.62 -51.84
C ASN E 183 -10.94 -0.58 -51.47
N THR E 184 -10.61 0.15 -50.40
CA THR E 184 -9.22 0.21 -49.92
C THR E 184 -8.76 -1.18 -49.44
N LEU E 185 -9.63 -1.92 -48.75
CA LEU E 185 -9.32 -3.28 -48.32
C LEU E 185 -9.10 -4.21 -49.50
N ARG E 186 -10.04 -4.21 -50.46
CA ARG E 186 -9.94 -5.10 -51.62
C ARG E 186 -8.73 -4.79 -52.50
N ALA E 187 -8.44 -3.50 -52.70
CA ALA E 187 -7.23 -3.08 -53.44
C ALA E 187 -5.92 -3.59 -52.83
N ASN E 188 -5.91 -3.81 -51.51
CA ASN E 188 -4.72 -4.31 -50.79
C ASN E 188 -4.76 -5.82 -50.50
N GLY E 189 -5.67 -6.55 -51.15
CA GLY E 189 -5.81 -7.99 -50.94
C GLY E 189 -6.42 -8.40 -49.62
N LEU E 190 -7.16 -7.49 -48.99
CA LEU E 190 -7.82 -7.74 -47.70
C LEU E 190 -9.33 -7.75 -47.85
N GLU E 191 -10.02 -8.27 -46.84
CA GLU E 191 -11.48 -8.34 -46.80
C GLU E 191 -11.99 -8.02 -45.39
N ALA E 192 -13.10 -7.30 -45.29
CA ALA E 192 -13.76 -7.07 -44.01
C ALA E 192 -14.28 -8.40 -43.45
N ARG E 193 -14.34 -8.51 -42.13
CA ARG E 193 -14.76 -9.75 -41.46
C ARG E 193 -15.92 -9.46 -40.48
N ASP E 194 -15.61 -8.87 -39.33
CA ASP E 194 -16.60 -8.60 -38.27
C ASP E 194 -16.89 -7.12 -38.13
N HIS E 195 -18.16 -6.80 -37.84
CA HIS E 195 -18.61 -5.46 -37.58
C HIS E 195 -18.40 -5.19 -36.10
N ILE E 196 -17.62 -4.16 -35.77
CA ILE E 196 -17.39 -3.78 -34.38
C ILE E 196 -18.47 -2.78 -33.97
N CYS E 197 -18.55 -1.67 -34.71
CA CYS E 197 -19.60 -0.68 -34.51
C CYS E 197 -19.67 0.34 -35.63
N ASP E 198 -20.84 1.00 -35.76
CA ASP E 198 -21.03 2.10 -36.71
C ASP E 198 -20.35 3.38 -36.20
N VAL E 199 -19.91 4.19 -37.15
CA VAL E 199 -19.11 5.38 -36.89
C VAL E 199 -19.63 6.54 -37.74
N SER E 200 -19.68 7.72 -37.13
CA SER E 200 -19.94 8.98 -37.83
C SER E 200 -19.19 10.10 -37.12
N SER E 201 -19.15 11.26 -37.77
CA SER E 201 -18.63 12.46 -37.15
C SER E 201 -19.57 12.97 -36.05
N ARG E 202 -19.00 13.40 -34.93
CA ARG E 202 -19.73 13.94 -33.80
C ARG E 202 -19.27 15.37 -33.54
N LEU E 203 -20.16 16.21 -33.04
CA LEU E 203 -19.79 17.53 -32.55
C LEU E 203 -19.49 17.44 -31.06
N ILE E 204 -18.25 17.76 -30.70
CA ILE E 204 -17.79 17.73 -29.31
C ILE E 204 -17.55 19.16 -28.82
N VAL E 205 -17.85 19.39 -27.54
CA VAL E 205 -17.68 20.70 -26.90
C VAL E 205 -16.91 20.58 -25.57
N ASN E 206 -15.98 21.50 -25.37
CA ASN E 206 -15.29 21.65 -24.09
C ASN E 206 -16.32 21.98 -23.00
N GLN E 207 -16.26 21.30 -21.86
CA GLN E 207 -17.26 21.46 -20.80
C GLN E 207 -17.34 22.90 -20.25
N VAL E 208 -16.17 23.51 -20.04
CA VAL E 208 -16.10 24.88 -19.54
C VAL E 208 -16.60 25.89 -20.59
N SER E 209 -16.26 25.67 -21.86
CA SER E 209 -16.72 26.53 -22.97
C SER E 209 -18.23 26.52 -23.12
N TYR E 210 -18.83 25.34 -22.97
CA TYR E 210 -20.28 25.20 -22.99
C TYR E 210 -20.96 26.04 -21.90
N LYS E 211 -20.34 26.12 -20.72
CA LYS E 211 -20.87 26.93 -19.61
C LYS E 211 -20.65 28.44 -19.78
N ARG E 212 -19.43 28.84 -20.14
CA ARG E 212 -19.04 30.26 -20.22
C ARG E 212 -19.43 30.96 -21.52
N LYS E 213 -19.36 30.25 -22.64
CA LYS E 213 -19.56 30.83 -23.96
C LYS E 213 -20.79 30.28 -24.66
N PHE E 214 -21.80 29.89 -23.87
CA PHE E 214 -23.06 29.34 -24.38
C PHE E 214 -23.76 30.30 -25.35
N ALA E 215 -23.74 31.59 -25.02
CA ALA E 215 -24.39 32.63 -25.84
C ALA E 215 -23.88 32.60 -27.27
N LEU E 216 -22.56 32.49 -27.42
CA LEU E 216 -21.93 32.35 -28.72
C LEU E 216 -22.21 30.98 -29.36
N LEU E 217 -22.22 29.91 -28.55
CA LEU E 217 -22.40 28.54 -29.06
C LEU E 217 -23.82 28.23 -29.58
N GLU E 218 -24.84 28.68 -28.85
CA GLU E 218 -26.23 28.27 -29.13
C GLU E 218 -26.74 28.45 -30.57
N PRO E 219 -26.51 29.62 -31.21
CA PRO E 219 -26.99 29.79 -32.59
C PRO E 219 -26.33 28.83 -33.58
N ILE E 220 -25.01 28.66 -33.44
CA ILE E 220 -24.22 27.73 -34.26
C ILE E 220 -24.68 26.29 -34.04
N LEU E 221 -24.89 25.91 -32.77
CA LEU E 221 -25.41 24.56 -32.45
C LEU E 221 -26.85 24.31 -32.93
N ASP E 222 -27.67 25.35 -32.93
CA ASP E 222 -29.04 25.28 -33.49
C ASP E 222 -29.02 25.10 -35.01
N SER E 223 -28.10 25.80 -35.68
CA SER E 223 -27.92 25.64 -37.13
C SER E 223 -27.49 24.22 -37.51
N PHE E 224 -26.44 23.72 -36.84
CA PHE E 224 -25.97 22.33 -37.04
C PHE E 224 -27.08 21.29 -36.84
N LYS E 225 -27.91 21.48 -35.80
CA LYS E 225 -29.03 20.57 -35.52
C LYS E 225 -30.12 20.63 -36.60
N ASN E 226 -30.40 21.83 -37.10
CA ASN E 226 -31.38 22.04 -38.17
C ASN E 226 -30.91 21.44 -39.50
N SER E 227 -29.58 21.43 -39.73
CA SER E 227 -28.99 20.87 -40.96
C SER E 227 -28.88 19.32 -41.02
N ILE E 228 -29.31 18.61 -39.97
CA ILE E 228 -29.25 17.14 -39.94
C ILE E 228 -30.63 16.50 -39.80
N PHE F 22 1.79 16.53 48.49
CA PHE F 22 2.99 15.94 49.18
C PHE F 22 4.27 16.37 48.46
N LEU F 23 5.18 17.02 49.19
CA LEU F 23 6.38 17.64 48.61
C LEU F 23 7.59 16.72 48.59
N GLY F 24 7.56 15.63 49.36
CA GLY F 24 8.67 14.68 49.41
C GLY F 24 8.72 13.68 48.27
N LEU F 25 9.44 12.58 48.49
CA LEU F 25 9.59 11.50 47.52
C LEU F 25 8.54 10.42 47.77
N THR F 26 7.98 9.87 46.69
CA THR F 26 7.09 8.74 46.75
C THR F 26 7.85 7.57 46.15
N LEU F 27 7.98 6.49 46.93
CA LEU F 27 8.70 5.30 46.49
C LEU F 27 7.73 4.14 46.15
N ALA F 28 7.80 3.63 44.93
CA ALA F 28 6.95 2.51 44.48
C ALA F 28 7.70 1.18 44.59
N LEU F 29 7.18 0.24 45.39
CA LEU F 29 7.80 -1.06 45.60
C LEU F 29 6.91 -2.20 45.15
N SER F 30 7.52 -3.25 44.59
CA SER F 30 6.82 -4.48 44.24
C SER F 30 6.59 -5.26 45.53
N LYS F 31 5.43 -5.91 45.66
CA LYS F 31 5.15 -6.76 46.85
C LYS F 31 5.86 -8.10 46.70
N GLY F 32 6.08 -8.79 47.81
CA GLY F 32 6.66 -10.13 47.82
C GLY F 32 8.18 -10.16 48.01
N ARG F 33 8.87 -10.88 47.13
CA ARG F 33 10.32 -11.14 47.28
C ARG F 33 11.17 -9.88 47.14
N ILE F 34 10.81 -9.02 46.18
CA ILE F 34 11.46 -7.73 46.01
C ILE F 34 11.31 -6.86 47.27
N LEU F 35 10.11 -6.80 47.83
CA LEU F 35 9.88 -6.07 49.08
C LEU F 35 10.78 -6.58 50.20
N GLU F 36 10.84 -7.91 50.36
CA GLU F 36 11.64 -8.57 51.41
C GLU F 36 13.14 -8.26 51.30
N GLU F 37 13.68 -8.32 50.08
CA GLU F 37 15.11 -8.06 49.81
C GLU F 37 15.47 -6.56 49.69
N THR F 38 14.46 -5.69 49.59
CA THR F 38 14.65 -4.23 49.54
C THR F 38 14.60 -3.60 50.94
N MET F 39 13.96 -4.25 51.92
CA MET F 39 13.84 -3.69 53.28
C MET F 39 15.18 -3.29 53.93
N PRO F 40 16.24 -4.15 53.80
CA PRO F 40 17.56 -3.77 54.34
C PRO F 40 18.18 -2.52 53.70
N LEU F 41 18.14 -2.42 52.37
CA LEU F 41 18.64 -1.22 51.67
C LEU F 41 17.93 0.04 52.14
N LEU F 42 16.61 -0.05 52.29
CA LEU F 42 15.81 1.04 52.83
C LEU F 42 16.13 1.36 54.28
N ARG F 43 16.34 0.31 55.09
CA ARG F 43 16.80 0.48 56.47
C ARG F 43 18.12 1.26 56.52
N ALA F 44 19.08 0.83 55.71
CA ALA F 44 20.40 1.49 55.64
C ALA F 44 20.32 2.94 55.14
N ALA F 45 19.34 3.23 54.29
CA ALA F 45 19.11 4.61 53.78
C ALA F 45 18.22 5.48 54.67
N GLY F 46 17.92 5.03 55.88
CA GLY F 46 17.12 5.80 56.84
C GLY F 46 15.63 5.83 56.53
N VAL F 47 15.15 4.82 55.80
CA VAL F 47 13.74 4.74 55.40
C VAL F 47 13.18 3.37 55.81
N GLU F 48 12.53 3.29 56.96
CA GLU F 48 11.87 2.06 57.41
C GLU F 48 10.37 2.33 57.34
N LEU F 49 9.59 1.32 56.97
CA LEU F 49 8.13 1.41 57.11
C LEU F 49 7.76 1.32 58.60
N LEU F 50 6.71 2.03 59.02
CA LEU F 50 6.23 2.03 60.40
C LEU F 50 5.21 0.93 60.70
N GLU F 51 4.85 0.13 59.69
CA GLU F 51 4.02 -1.05 59.89
C GLU F 51 4.24 -2.08 58.80
N ASP F 52 3.68 -3.28 59.00
CA ASP F 52 3.79 -4.38 58.05
C ASP F 52 2.72 -4.17 56.96
N PRO F 53 3.15 -4.01 55.68
CA PRO F 53 2.16 -3.85 54.60
C PRO F 53 1.21 -5.05 54.41
N GLU F 54 1.73 -6.26 54.63
CA GLU F 54 0.94 -7.50 54.52
C GLU F 54 -0.26 -7.55 55.49
N ALA F 55 -0.13 -6.89 56.65
CA ALA F 55 -1.18 -6.87 57.67
C ALA F 55 -2.01 -5.56 57.68
N SER F 56 -2.07 -4.86 56.55
CA SER F 56 -2.61 -3.49 56.52
C SER F 56 -3.62 -3.27 55.40
N ARG F 57 -4.55 -2.35 55.65
CA ARG F 57 -5.51 -1.88 54.66
C ARG F 57 -5.00 -0.64 53.91
N LYS F 58 -3.99 0.04 54.46
CA LYS F 58 -3.41 1.23 53.84
C LYS F 58 -2.79 0.94 52.49
N LEU F 59 -2.87 1.94 51.61
CA LEU F 59 -2.25 1.91 50.30
C LEU F 59 -0.99 2.79 50.26
N ILE F 60 -1.04 3.95 50.92
CA ILE F 60 0.12 4.82 51.06
C ILE F 60 0.68 4.64 52.49
N PHE F 61 1.98 4.32 52.57
CA PHE F 61 2.63 4.07 53.87
C PHE F 61 3.62 5.19 54.19
N PRO F 62 3.51 5.79 55.39
CA PRO F 62 4.60 6.66 55.84
C PRO F 62 5.82 5.85 56.25
N THR F 63 6.97 6.52 56.31
CA THR F 63 8.22 5.93 56.78
C THR F 63 8.82 6.76 57.92
N SER F 64 9.92 6.26 58.48
CA SER F 64 10.68 6.97 59.51
C SER F 64 11.21 8.32 59.00
N ASN F 65 11.59 8.38 57.74
CA ASN F 65 11.89 9.64 57.06
C ASN F 65 10.55 10.29 56.65
N PRO F 66 10.23 11.48 57.20
CA PRO F 66 8.96 12.13 56.83
C PRO F 66 8.93 12.76 55.43
N ASN F 67 10.09 12.82 54.76
CA ASN F 67 10.17 13.20 53.32
C ASN F 67 9.95 12.04 52.34
N VAL F 68 9.72 10.82 52.83
CA VAL F 68 9.52 9.65 51.97
C VAL F 68 8.25 8.90 52.38
N ARG F 69 7.47 8.48 51.39
CA ARG F 69 6.36 7.56 51.59
C ARG F 69 6.46 6.44 50.56
N VAL F 70 5.77 5.34 50.84
CA VAL F 70 5.89 4.12 50.03
C VAL F 70 4.53 3.69 49.48
N LEU F 71 4.53 3.25 48.23
CA LEU F 71 3.39 2.57 47.63
C LEU F 71 3.79 1.13 47.42
N ILE F 72 2.92 0.19 47.79
CA ILE F 72 3.15 -1.24 47.55
C ILE F 72 2.25 -1.67 46.40
N LEU F 73 2.87 -2.00 45.27
CA LEU F 73 2.17 -2.23 44.01
C LEU F 73 2.45 -3.61 43.49
N ARG F 74 1.60 -4.05 42.57
CA ARG F 74 1.90 -5.23 41.77
C ARG F 74 3.10 -4.89 40.89
N ALA F 75 4.00 -5.86 40.68
CA ALA F 75 5.30 -5.62 40.02
C ALA F 75 5.20 -4.87 38.70
N SER F 76 4.25 -5.28 37.87
CA SER F 76 4.05 -4.72 36.54
C SER F 76 3.51 -3.26 36.53
N ASP F 77 3.00 -2.80 37.67
CA ASP F 77 2.52 -1.42 37.82
C ASP F 77 3.59 -0.45 38.28
N VAL F 78 4.74 -0.93 38.77
CA VAL F 78 5.79 -0.05 39.29
C VAL F 78 6.33 0.92 38.21
N PRO F 79 6.64 0.41 37.00
CA PRO F 79 7.09 1.35 35.96
C PRO F 79 6.02 2.37 35.53
N THR F 80 4.74 1.98 35.60
CA THR F 80 3.63 2.87 35.20
C THR F 80 3.47 4.07 36.12
N TYR F 81 3.50 3.81 37.42
CA TYR F 81 3.46 4.87 38.43
C TYR F 81 4.68 5.81 38.38
N VAL F 82 5.86 5.26 38.14
CA VAL F 82 7.07 6.08 38.10
C VAL F 82 7.07 6.95 36.84
N GLU F 83 6.77 6.37 35.68
CA GLU F 83 6.85 7.10 34.40
C GLU F 83 5.86 8.26 34.31
N HIS F 84 4.66 8.07 34.85
CA HIS F 84 3.65 9.15 34.94
C HIS F 84 3.84 10.16 36.10
N GLY F 85 4.84 9.95 36.96
CA GLY F 85 5.10 10.86 38.08
C GLY F 85 4.23 10.69 39.32
N ALA F 86 3.39 9.65 39.35
CA ALA F 86 2.63 9.33 40.57
C ALA F 86 3.54 8.76 41.66
N ALA F 87 4.70 8.24 41.26
CA ALA F 87 5.80 7.95 42.16
C ALA F 87 7.06 8.55 41.56
N ASP F 88 7.95 9.05 42.41
CA ASP F 88 9.18 9.70 41.97
C ASP F 88 10.24 8.69 41.61
N PHE F 89 10.19 7.53 42.26
CA PHE F 89 11.12 6.44 41.99
C PHE F 89 10.57 5.12 42.49
N GLY F 90 11.15 4.02 42.01
CA GLY F 90 10.62 2.70 42.31
C GLY F 90 11.63 1.61 42.12
N VAL F 91 11.28 0.43 42.63
CA VAL F 91 12.09 -0.78 42.52
C VAL F 91 11.30 -1.78 41.69
N ALA F 92 11.88 -2.23 40.58
CA ALA F 92 11.24 -3.23 39.71
C ALA F 92 12.26 -4.17 39.13
N GLY F 93 11.86 -5.43 38.95
CA GLY F 93 12.65 -6.42 38.23
C GLY F 93 12.91 -6.02 36.79
N LYS F 94 14.10 -6.37 36.31
CA LYS F 94 14.49 -6.15 34.92
C LYS F 94 13.55 -6.85 33.94
N ASP F 95 12.97 -7.98 34.37
CA ASP F 95 11.94 -8.68 33.58
C ASP F 95 10.72 -7.79 33.28
N VAL F 96 10.26 -7.07 34.30
CA VAL F 96 9.11 -6.16 34.18
C VAL F 96 9.45 -4.98 33.27
N LEU F 97 10.65 -4.42 33.44
CA LEU F 97 11.09 -3.26 32.66
C LEU F 97 11.29 -3.59 31.18
N LEU F 98 11.86 -4.77 30.89
CA LEU F 98 12.04 -5.20 29.50
C LEU F 98 10.70 -5.42 28.80
N GLU F 99 9.78 -6.05 29.51
CA GLU F 99 8.43 -6.30 29.00
C GLU F 99 7.61 -5.02 28.84
N HIS F 100 7.70 -4.13 29.84
CA HIS F 100 6.99 -2.86 29.82
C HIS F 100 7.57 -1.88 28.79
N GLY F 101 8.90 -1.91 28.62
CA GLY F 101 9.64 -0.88 27.89
C GLY F 101 10.03 0.19 28.89
N ALA F 102 11.34 0.39 29.08
CA ALA F 102 11.85 1.30 30.13
C ALA F 102 12.22 2.69 29.59
N ASN F 103 11.51 3.13 28.54
CA ASN F 103 11.90 4.30 27.73
C ASN F 103 11.84 5.62 28.50
N HIS F 104 10.80 5.78 29.31
CA HIS F 104 10.47 7.06 29.96
C HIS F 104 10.98 7.23 31.41
N VAL F 105 11.83 6.32 31.86
CA VAL F 105 12.38 6.39 33.21
C VAL F 105 13.89 6.20 33.11
N TYR F 106 14.61 6.69 34.11
CA TYR F 106 16.05 6.39 34.23
C TYR F 106 16.24 5.13 35.07
N GLU F 107 16.94 4.15 34.51
CA GLU F 107 17.39 2.99 35.26
C GLU F 107 18.76 3.34 35.90
N LEU F 108 18.70 4.08 37.01
CA LEU F 108 19.88 4.60 37.70
C LEU F 108 20.81 3.56 38.35
N LEU F 109 20.26 2.44 38.81
CA LEU F 109 21.01 1.50 39.66
C LEU F 109 20.56 0.07 39.50
N ASP F 110 21.53 -0.83 39.34
CA ASP F 110 21.31 -2.28 39.50
C ASP F 110 21.53 -2.60 40.98
N LEU F 111 20.45 -3.00 41.66
CA LEU F 111 20.51 -3.32 43.09
C LEU F 111 21.04 -4.73 43.44
N LYS F 112 21.20 -5.60 42.44
CA LYS F 112 21.74 -6.97 42.64
C LYS F 112 20.91 -7.80 43.64
N ILE F 113 19.60 -7.57 43.70
CA ILE F 113 18.69 -8.36 44.53
C ILE F 113 17.65 -9.04 43.64
N ALA F 114 17.02 -10.07 44.20
CA ALA F 114 15.98 -10.86 43.52
C ALA F 114 16.50 -11.37 42.18
N GLN F 115 17.70 -11.93 42.21
CA GLN F 115 18.33 -12.42 41.00
C GLN F 115 17.66 -13.70 40.53
N CYS F 116 17.47 -13.80 39.23
CA CYS F 116 16.80 -14.93 38.60
C CYS F 116 17.13 -14.87 37.12
N LYS F 117 16.54 -15.75 36.32
CA LYS F 117 16.81 -15.80 34.88
C LYS F 117 15.48 -15.82 34.14
N LEU F 118 15.36 -15.05 33.07
CA LEU F 118 14.30 -15.26 32.09
C LEU F 118 14.70 -16.44 31.23
N MET F 119 13.84 -17.46 31.18
CA MET F 119 14.10 -18.66 30.38
C MET F 119 12.87 -19.10 29.63
N THR F 120 13.09 -19.86 28.55
CA THR F 120 12.04 -20.63 27.92
C THR F 120 11.97 -21.97 28.63
N ALA F 121 10.78 -22.56 28.65
CA ALA F 121 10.58 -23.87 29.28
C ALA F 121 9.49 -24.66 28.57
N GLY F 122 9.69 -25.98 28.50
CA GLY F 122 8.76 -26.91 27.86
C GLY F 122 8.46 -28.11 28.74
N VAL F 123 7.61 -29.01 28.25
CA VAL F 123 7.28 -30.24 28.97
C VAL F 123 8.54 -31.10 28.98
N LYS F 124 8.74 -31.80 30.11
CA LYS F 124 9.90 -32.65 30.35
C LYS F 124 10.06 -33.74 29.27
N ASP F 125 11.19 -33.72 28.58
CA ASP F 125 11.57 -34.69 27.51
C ASP F 125 10.76 -34.65 26.19
N ALA F 126 9.73 -33.80 26.10
CA ALA F 126 8.89 -33.74 24.90
C ALA F 126 9.67 -33.12 23.73
N PRO F 127 9.45 -33.61 22.50
CA PRO F 127 10.16 -33.04 21.35
C PRO F 127 9.45 -31.81 20.77
N LEU F 128 10.20 -30.95 20.10
CA LEU F 128 9.63 -29.78 19.43
C LEU F 128 8.73 -30.25 18.27
N PRO F 129 7.47 -29.79 18.22
CA PRO F 129 6.60 -30.19 17.10
C PRO F 129 6.99 -29.54 15.78
N ASN F 130 6.75 -30.22 14.67
CA ASN F 130 7.21 -29.77 13.34
C ASN F 130 6.48 -28.49 12.87
N ARG F 131 5.23 -28.33 13.31
CA ARG F 131 4.47 -27.09 13.07
C ARG F 131 5.04 -25.89 13.85
N ARG F 132 4.57 -24.69 13.52
CA ARG F 132 5.05 -23.45 14.14
C ARG F 132 4.84 -23.45 15.66
N LEU F 133 5.80 -22.91 16.39
CA LEU F 133 5.79 -22.94 17.86
C LEU F 133 4.83 -21.93 18.45
N ARG F 134 4.04 -22.39 19.42
CA ARG F 134 3.18 -21.51 20.22
C ARG F 134 3.82 -21.27 21.60
N ILE F 135 3.91 -20.00 21.98
CA ILE F 135 4.50 -19.57 23.25
C ILE F 135 3.40 -18.91 24.09
N ALA F 136 3.24 -19.36 25.33
CA ALA F 136 2.27 -18.79 26.26
C ALA F 136 3.08 -18.16 27.37
N THR F 137 2.82 -16.88 27.65
CA THR F 137 3.65 -16.12 28.59
C THR F 137 3.09 -14.76 28.95
N LYS F 138 3.45 -14.30 30.15
CA LYS F 138 3.32 -12.88 30.54
C LYS F 138 4.22 -11.99 29.70
N TYR F 139 5.41 -12.50 29.42
CA TYR F 139 6.50 -11.73 28.82
C TYR F 139 6.42 -11.79 27.28
N VAL F 140 5.38 -11.15 26.75
CA VAL F 140 5.01 -11.28 25.35
C VAL F 140 6.02 -10.56 24.45
N ASN F 141 6.31 -9.30 24.75
CA ASN F 141 7.36 -8.54 24.05
C ASN F 141 8.75 -9.18 24.14
N VAL F 142 9.10 -9.72 25.31
CA VAL F 142 10.38 -10.40 25.49
C VAL F 142 10.45 -11.69 24.70
N ALA F 143 9.35 -12.44 24.70
CA ALA F 143 9.25 -13.66 23.89
C ALA F 143 9.49 -13.36 22.41
N ARG F 144 8.75 -12.38 21.86
CA ARG F 144 8.91 -12.03 20.43
C ARG F 144 10.31 -11.55 20.13
N ALA F 145 10.85 -10.69 20.98
CA ALA F 145 12.21 -10.19 20.84
C ALA F 145 13.25 -11.33 20.90
N TYR F 146 13.10 -12.26 21.84
CA TYR F 146 14.05 -13.38 21.95
C TYR F 146 14.04 -14.29 20.73
N PHE F 147 12.87 -14.79 20.37
CA PHE F 147 12.75 -15.69 19.21
C PHE F 147 13.06 -15.02 17.88
N ALA F 148 12.90 -13.70 17.82
CA ALA F 148 13.35 -12.91 16.66
C ALA F 148 14.87 -13.02 16.49
N SER F 149 15.62 -12.84 17.58
CA SER F 149 17.08 -12.94 17.53
C SER F 149 17.59 -14.36 17.20
N GLN F 150 16.78 -15.39 17.48
CA GLN F 150 17.09 -16.78 17.08
C GLN F 150 16.66 -17.17 15.67
N GLY F 151 15.97 -16.27 14.95
CA GLY F 151 15.46 -16.59 13.62
C GLY F 151 14.36 -17.64 13.59
N GLN F 152 13.56 -17.71 14.66
CA GLN F 152 12.40 -18.60 14.73
C GLN F 152 11.12 -17.77 14.71
N GLN F 153 10.13 -18.23 13.95
CA GLN F 153 8.84 -17.57 13.86
C GLN F 153 7.89 -18.24 14.85
N VAL F 154 7.25 -17.43 15.69
CA VAL F 154 6.45 -17.93 16.82
C VAL F 154 5.09 -17.25 16.93
N ASP F 155 4.09 -18.05 17.32
CA ASP F 155 2.79 -17.54 17.74
C ASP F 155 2.82 -17.35 19.26
N VAL F 156 2.41 -16.18 19.73
CA VAL F 156 2.55 -15.82 21.14
C VAL F 156 1.19 -15.53 21.75
N ILE F 157 0.92 -16.12 22.91
CA ILE F 157 -0.34 -15.97 23.60
C ILE F 157 -0.07 -15.28 24.95
N LYS F 158 -0.73 -14.15 25.16
CA LYS F 158 -0.61 -13.41 26.41
C LYS F 158 -1.34 -14.13 27.55
N LEU F 159 -0.62 -14.39 28.64
CA LEU F 159 -1.19 -14.84 29.91
C LEU F 159 -0.90 -13.81 30.99
N TYR F 160 -1.81 -13.67 31.94
CA TYR F 160 -1.66 -12.75 33.08
C TYR F 160 -1.25 -13.47 34.35
N GLY F 161 -1.69 -14.72 34.51
CA GLY F 161 -1.44 -15.51 35.72
C GLY F 161 -0.30 -16.50 35.52
N SER F 162 -0.38 -17.60 36.27
CA SER F 162 0.63 -18.65 36.22
C SER F 162 0.69 -19.30 34.85
N MET F 163 1.90 -19.66 34.44
CA MET F 163 2.16 -20.16 33.09
C MET F 163 2.47 -21.65 33.03
N GLU F 164 2.72 -22.27 34.18
CA GLU F 164 3.19 -23.66 34.23
C GLU F 164 2.16 -24.64 33.66
N LEU F 165 0.88 -24.28 33.80
CA LEU F 165 -0.22 -25.09 33.28
C LEU F 165 -0.31 -25.12 31.75
N ALA F 166 0.13 -24.04 31.08
CA ALA F 166 -0.12 -23.86 29.63
C ALA F 166 0.41 -24.99 28.73
N PRO F 167 1.67 -25.44 28.92
CA PRO F 167 2.15 -26.60 28.14
C PRO F 167 1.45 -27.92 28.43
N LEU F 168 1.02 -28.11 29.68
CA LEU F 168 0.44 -29.38 30.13
C LEU F 168 -0.94 -29.65 29.53
N VAL F 169 -1.71 -28.59 29.23
CA VAL F 169 -3.04 -28.70 28.61
C VAL F 169 -3.01 -28.26 27.15
N GLY F 170 -1.82 -28.19 26.56
CA GLY F 170 -1.67 -27.88 25.15
C GLY F 170 -1.97 -26.47 24.68
N LEU F 171 -1.99 -25.49 25.59
CA LEU F 171 -2.20 -24.10 25.19
C LEU F 171 -0.99 -23.61 24.39
N GLY F 172 0.19 -23.79 24.97
CA GLY F 172 1.44 -23.53 24.27
C GLY F 172 2.32 -24.75 24.26
N ASP F 173 3.36 -24.69 23.43
CA ASP F 173 4.42 -25.69 23.41
C ASP F 173 5.48 -25.35 24.44
N LEU F 174 5.84 -24.06 24.49
CA LEU F 174 6.77 -23.53 25.47
C LEU F 174 6.15 -22.38 26.23
N ILE F 175 6.73 -22.09 27.39
CA ILE F 175 6.49 -20.84 28.11
C ILE F 175 7.79 -20.04 28.23
N VAL F 176 7.64 -18.77 28.55
CA VAL F 176 8.74 -17.89 28.92
C VAL F 176 8.38 -17.39 30.30
N ASP F 177 9.26 -17.60 31.28
CA ASP F 177 9.02 -17.18 32.65
C ASP F 177 10.38 -16.96 33.34
N VAL F 178 10.34 -16.30 34.50
CA VAL F 178 11.49 -16.19 35.38
C VAL F 178 11.72 -17.50 36.13
N VAL F 179 12.99 -17.90 36.23
CA VAL F 179 13.42 -19.13 36.88
C VAL F 179 14.59 -18.79 37.79
N ASP F 180 14.49 -19.16 39.07
CA ASP F 180 15.60 -19.09 40.02
C ASP F 180 16.23 -20.49 40.18
N THR F 181 15.69 -21.33 41.07
CA THR F 181 16.21 -22.69 41.30
C THR F 181 15.85 -23.66 40.17
N GLY F 182 14.63 -23.50 39.64
CA GLY F 182 14.05 -24.44 38.70
C GLY F 182 13.02 -25.36 39.34
N ASN F 183 12.77 -25.18 40.64
CA ASN F 183 11.90 -26.10 41.38
C ASN F 183 10.43 -26.02 40.96
N THR F 184 9.93 -24.80 40.73
CA THR F 184 8.56 -24.63 40.25
C THR F 184 8.35 -25.31 38.89
N LEU F 185 9.33 -25.20 37.99
CA LEU F 185 9.28 -25.90 36.70
C LEU F 185 9.29 -27.44 36.85
N ARG F 186 10.20 -27.97 37.68
CA ARG F 186 10.32 -29.43 37.85
C ARG F 186 9.12 -30.04 38.58
N ALA F 187 8.58 -29.31 39.55
CA ALA F 187 7.37 -29.71 40.28
C ALA F 187 6.09 -29.77 39.43
N ASN F 188 6.11 -29.06 38.29
CA ASN F 188 4.99 -29.08 37.35
C ASN F 188 5.27 -29.91 36.09
N GLY F 189 6.34 -30.72 36.13
CA GLY F 189 6.69 -31.58 35.00
C GLY F 189 7.18 -30.82 33.79
N LEU F 190 7.98 -29.79 34.03
CA LEU F 190 8.56 -28.94 32.99
C LEU F 190 10.06 -28.86 33.21
N GLU F 191 10.77 -28.49 32.17
CA GLU F 191 12.22 -28.28 32.23
C GLU F 191 12.60 -26.97 31.57
N ALA F 192 13.63 -26.32 32.10
CA ALA F 192 14.22 -25.13 31.47
C ALA F 192 14.91 -25.52 30.17
N ARG F 193 14.69 -24.75 29.10
CA ARG F 193 15.29 -25.02 27.79
C ARG F 193 16.40 -24.00 27.49
N ASP F 194 16.05 -22.78 27.06
CA ASP F 194 17.04 -21.75 26.70
C ASP F 194 17.09 -20.62 27.72
N HIS F 195 18.28 -20.11 27.96
CA HIS F 195 18.50 -18.92 28.79
C HIS F 195 18.28 -17.68 27.92
N ILE F 196 17.32 -16.83 28.28
CA ILE F 196 17.05 -15.60 27.54
C ILE F 196 17.99 -14.50 28.05
N CYS F 197 17.94 -14.22 29.35
CA CYS F 197 18.84 -13.23 29.97
C CYS F 197 18.83 -13.30 31.50
N ASP F 198 19.71 -12.53 32.12
CA ASP F 198 19.78 -12.42 33.58
C ASP F 198 18.90 -11.28 34.09
N VAL F 199 18.24 -11.51 35.23
CA VAL F 199 17.32 -10.54 35.81
C VAL F 199 17.79 -10.18 37.21
N SER F 200 17.59 -8.93 37.56
CA SER F 200 17.72 -8.46 38.93
C SER F 200 16.86 -7.22 39.06
N SER F 201 16.63 -6.80 40.30
CA SER F 201 15.84 -5.62 40.58
C SER F 201 16.64 -4.33 40.35
N ARG F 202 15.98 -3.33 39.77
CA ARG F 202 16.60 -2.05 39.41
C ARG F 202 15.87 -0.90 40.09
N LEU F 203 16.59 0.19 40.30
CA LEU F 203 15.99 1.40 40.78
C LEU F 203 15.69 2.23 39.56
N ILE F 204 14.42 2.62 39.40
CA ILE F 204 14.00 3.51 38.33
C ILE F 204 13.56 4.85 38.92
N VAL F 205 13.80 5.91 38.16
CA VAL F 205 13.50 7.29 38.60
C VAL F 205 12.78 8.04 37.49
N ASN F 206 11.76 8.78 37.90
CA ASN F 206 11.01 9.66 37.02
C ASN F 206 11.94 10.77 36.53
N GLN F 207 11.88 11.08 35.23
CA GLN F 207 12.80 12.07 34.61
C GLN F 207 12.70 13.48 35.19
N VAL F 208 11.47 13.90 35.49
CA VAL F 208 11.21 15.20 36.11
C VAL F 208 11.76 15.18 37.53
N SER F 209 11.42 14.13 38.30
CA SER F 209 11.85 14.02 39.71
C SER F 209 13.37 14.04 39.89
N TYR F 210 14.08 13.43 38.94
CA TYR F 210 15.54 13.40 38.93
C TYR F 210 16.16 14.81 38.91
N LYS F 211 15.52 15.76 38.23
CA LYS F 211 15.98 17.16 38.21
C LYS F 211 15.48 17.98 39.40
N ARG F 212 14.15 17.97 39.59
CA ARG F 212 13.50 18.79 40.62
C ARG F 212 13.76 18.33 42.07
N LYS F 213 14.07 17.05 42.27
CA LYS F 213 14.20 16.49 43.63
C LYS F 213 15.51 15.73 43.87
N PHE F 214 16.57 16.12 43.16
CA PHE F 214 17.86 15.45 43.29
C PHE F 214 18.46 15.57 44.71
N ALA F 215 18.28 16.73 45.35
CA ALA F 215 18.73 16.95 46.73
C ALA F 215 18.17 15.92 47.70
N LEU F 216 16.87 15.66 47.60
CA LEU F 216 16.22 14.59 48.38
C LEU F 216 16.65 13.19 47.94
N LEU F 217 16.78 12.98 46.64
CA LEU F 217 17.17 11.69 46.08
C LEU F 217 18.62 11.28 46.39
N GLU F 218 19.57 12.20 46.25
CA GLU F 218 21.00 11.84 46.24
C GLU F 218 21.52 11.07 47.48
N PRO F 219 21.19 11.51 48.71
CA PRO F 219 21.59 10.74 49.90
C PRO F 219 21.10 9.29 49.86
N ILE F 220 19.85 9.10 49.43
CA ILE F 220 19.23 7.77 49.34
C ILE F 220 19.93 6.93 48.28
N LEU F 221 20.22 7.51 47.12
CA LEU F 221 20.95 6.81 46.05
C LEU F 221 22.36 6.40 46.45
N ASP F 222 23.03 7.27 47.20
CA ASP F 222 24.37 6.96 47.73
C ASP F 222 24.33 5.82 48.76
N SER F 223 23.33 5.84 49.64
CA SER F 223 23.15 4.77 50.64
C SER F 223 22.84 3.41 50.01
N PHE F 224 22.03 3.41 48.94
CA PHE F 224 21.79 2.18 48.16
C PHE F 224 23.08 1.71 47.48
N LYS F 225 23.77 2.63 46.80
CA LYS F 225 25.07 2.34 46.15
C LYS F 225 26.12 1.78 47.12
N ASN F 226 26.20 2.34 48.33
CA ASN F 226 27.15 1.87 49.34
C ASN F 226 26.75 0.50 49.92
N SER F 227 25.44 0.27 50.10
CA SER F 227 24.94 -1.03 50.58
C SER F 227 25.29 -2.18 49.61
N ILE F 228 25.23 -1.91 48.31
CA ILE F 228 25.51 -2.91 47.26
C ILE F 228 27.01 -3.24 47.10
N ASN F 229 27.89 -2.28 47.37
CA ASN F 229 29.37 -2.45 47.37
C ASN F 229 29.87 -3.71 46.65
N PHE G 22 -6.71 -35.62 26.13
CA PHE G 22 -7.85 -35.90 27.05
C PHE G 22 -9.16 -35.77 26.30
N LEU G 23 -9.93 -36.87 26.24
CA LEU G 23 -11.08 -36.95 25.35
C LEU G 23 -12.34 -36.29 25.91
N GLY G 24 -12.37 -36.02 27.21
CA GLY G 24 -13.54 -35.43 27.86
C GLY G 24 -13.63 -33.92 27.74
N LEU G 25 -14.30 -33.29 28.71
CA LEU G 25 -14.42 -31.84 28.80
C LEU G 25 -13.44 -31.26 29.83
N THR G 26 -12.81 -30.16 29.46
CA THR G 26 -11.98 -29.38 30.37
C THR G 26 -12.73 -28.07 30.73
N LEU G 27 -12.97 -27.89 32.02
CA LEU G 27 -13.68 -26.71 32.52
C LEU G 27 -12.70 -25.75 33.18
N ALA G 28 -12.66 -24.50 32.70
CA ALA G 28 -11.77 -23.49 33.25
C ALA G 28 -12.55 -22.60 34.22
N LEU G 29 -12.12 -22.60 35.49
CA LEU G 29 -12.73 -21.74 36.51
C LEU G 29 -11.77 -20.71 37.09
N SER G 30 -12.33 -19.60 37.56
CA SER G 30 -11.57 -18.53 38.22
C SER G 30 -11.48 -18.87 39.70
N LYS G 31 -10.39 -18.47 40.35
CA LYS G 31 -10.30 -18.58 41.83
C LYS G 31 -11.25 -17.59 42.50
N GLY G 32 -11.65 -17.91 43.73
CA GLY G 32 -12.40 -16.99 44.58
C GLY G 32 -13.91 -17.17 44.50
N ARG G 33 -14.61 -16.07 44.31
CA ARG G 33 -16.07 -16.04 44.34
C ARG G 33 -16.72 -16.85 43.22
N ILE G 34 -16.06 -16.90 42.06
CA ILE G 34 -16.52 -17.69 40.92
C ILE G 34 -16.50 -19.17 41.26
N LEU G 35 -15.37 -19.63 41.81
CA LEU G 35 -15.17 -21.03 42.12
C LEU G 35 -16.17 -21.50 43.16
N GLU G 36 -16.30 -20.73 44.24
CA GLU G 36 -17.16 -21.11 45.36
C GLU G 36 -18.62 -21.20 44.96
N GLU G 37 -19.07 -20.25 44.14
CA GLU G 37 -20.47 -20.23 43.67
C GLU G 37 -20.75 -21.17 42.49
N THR G 38 -19.71 -21.62 41.77
CA THR G 38 -19.88 -22.57 40.66
C THR G 38 -19.89 -24.03 41.14
N MET G 39 -19.26 -24.30 42.28
CA MET G 39 -19.20 -25.69 42.81
C MET G 39 -20.58 -26.37 42.97
N PRO G 40 -21.58 -25.68 43.57
CA PRO G 40 -22.96 -26.20 43.66
C PRO G 40 -23.60 -26.57 42.33
N LEU G 41 -23.34 -25.76 41.29
CA LEU G 41 -23.89 -26.01 39.95
C LEU G 41 -23.30 -27.28 39.36
N LEU G 42 -22.00 -27.42 39.55
CA LEU G 42 -21.29 -28.64 39.18
C LEU G 42 -21.78 -29.85 39.97
N ARG G 43 -21.99 -29.69 41.27
CA ARG G 43 -22.52 -30.75 42.12
C ARG G 43 -23.89 -31.24 41.63
N ALA G 44 -24.78 -30.30 41.30
CA ALA G 44 -26.10 -30.63 40.74
C ALA G 44 -26.02 -31.33 39.37
N ALA G 45 -25.00 -30.97 38.58
CA ALA G 45 -24.67 -31.63 37.30
C ALA G 45 -23.89 -32.95 37.43
N GLY G 46 -23.59 -33.40 38.65
CA GLY G 46 -22.93 -34.69 38.87
C GLY G 46 -21.42 -34.64 38.78
N VAL G 47 -20.86 -33.44 38.94
CA VAL G 47 -19.42 -33.20 38.89
C VAL G 47 -18.99 -32.64 40.24
N GLU G 48 -18.16 -33.40 40.93
CA GLU G 48 -17.56 -32.93 42.18
C GLU G 48 -16.05 -33.03 42.05
N LEU G 49 -15.33 -32.01 42.49
CA LEU G 49 -13.89 -32.11 42.61
C LEU G 49 -13.55 -33.18 43.65
N LEU G 50 -12.50 -33.95 43.41
CA LEU G 50 -12.09 -35.00 44.34
C LEU G 50 -11.32 -34.47 45.56
N GLU G 51 -10.84 -33.23 45.51
CA GLU G 51 -10.20 -32.59 46.67
C GLU G 51 -10.38 -31.08 46.66
N ASP G 52 -10.05 -30.46 47.79
CA ASP G 52 -10.16 -29.01 47.98
C ASP G 52 -9.06 -28.29 47.20
N PRO G 53 -9.42 -27.33 46.32
CA PRO G 53 -8.38 -26.55 45.63
C PRO G 53 -7.51 -25.67 46.54
N GLU G 54 -8.10 -25.07 47.57
CA GLU G 54 -7.37 -24.20 48.52
C GLU G 54 -6.15 -24.88 49.14
N ALA G 55 -6.31 -26.14 49.55
CA ALA G 55 -5.24 -26.90 50.21
C ALA G 55 -4.45 -27.80 49.25
N SER G 56 -4.38 -27.44 47.96
CA SER G 56 -3.75 -28.29 46.94
C SER G 56 -2.74 -27.51 46.11
N ARG G 57 -1.66 -28.20 45.71
CA ARG G 57 -0.68 -27.68 44.75
C ARG G 57 -1.10 -27.93 43.30
N LYS G 58 -2.08 -28.83 43.10
CA LYS G 58 -2.55 -29.19 41.77
C LYS G 58 -3.13 -28.02 40.97
N LEU G 59 -2.94 -28.10 39.65
CA LEU G 59 -3.48 -27.15 38.67
C LEU G 59 -4.64 -27.77 37.87
N ILE G 60 -4.46 -29.04 37.49
CA ILE G 60 -5.49 -29.87 36.86
C ILE G 60 -6.17 -30.71 37.95
N PHE G 61 -7.49 -30.64 38.01
CA PHE G 61 -8.27 -31.38 39.00
C PHE G 61 -9.23 -32.37 38.32
N PRO G 62 -9.12 -33.68 38.66
CA PRO G 62 -10.13 -34.62 38.18
C PRO G 62 -11.43 -34.46 38.97
N THR G 63 -12.51 -35.04 38.47
CA THR G 63 -13.80 -34.98 39.15
C THR G 63 -14.38 -36.37 39.35
N SER G 64 -15.53 -36.43 40.04
CA SER G 64 -16.32 -37.66 40.19
C SER G 64 -16.83 -38.17 38.84
N ASN G 65 -17.03 -37.26 37.90
CA ASN G 65 -17.31 -37.61 36.50
C ASN G 65 -15.96 -37.76 35.79
N PRO G 66 -15.63 -38.96 35.29
CA PRO G 66 -14.31 -39.16 34.67
C PRO G 66 -14.14 -38.47 33.30
N ASN G 67 -15.24 -38.05 32.67
CA ASN G 67 -15.20 -37.23 31.44
C ASN G 67 -15.01 -35.72 31.67
N VAL G 68 -14.96 -35.26 32.92
CA VAL G 68 -14.72 -33.84 33.21
C VAL G 68 -13.50 -33.62 34.09
N ARG G 69 -12.66 -32.66 33.69
CA ARG G 69 -11.56 -32.18 34.54
C ARG G 69 -11.62 -30.65 34.62
N VAL G 70 -11.09 -30.10 35.71
CA VAL G 70 -11.22 -28.67 35.99
C VAL G 70 -9.84 -28.01 36.05
N LEU G 71 -9.74 -26.83 35.44
CA LEU G 71 -8.57 -25.96 35.56
C LEU G 71 -8.89 -24.79 36.47
N ILE G 72 -7.98 -24.45 37.37
CA ILE G 72 -8.10 -23.26 38.21
C ILE G 72 -7.11 -22.19 37.73
N LEU G 73 -7.64 -21.11 37.16
CA LEU G 73 -6.86 -20.08 36.48
C LEU G 73 -7.12 -18.73 37.11
N ARG G 74 -6.26 -17.76 36.80
CA ARG G 74 -6.60 -16.36 37.09
C ARG G 74 -7.76 -16.01 36.15
N ALA G 75 -8.66 -15.17 36.63
CA ALA G 75 -9.91 -14.86 35.93
C ALA G 75 -9.71 -14.35 34.50
N SER G 76 -8.71 -13.49 34.31
CA SER G 76 -8.45 -12.88 33.00
C SER G 76 -7.91 -13.87 31.95
N ASP G 77 -7.41 -15.02 32.40
CA ASP G 77 -6.93 -16.08 31.49
C ASP G 77 -7.99 -17.07 31.06
N VAL G 78 -9.14 -17.09 31.73
CA VAL G 78 -10.19 -18.07 31.42
C VAL G 78 -10.67 -17.95 29.97
N PRO G 79 -10.96 -16.72 29.50
CA PRO G 79 -11.36 -16.62 28.07
C PRO G 79 -10.28 -17.05 27.08
N THR G 80 -9.01 -16.85 27.44
CA THR G 80 -7.89 -17.25 26.60
C THR G 80 -7.82 -18.77 26.43
N TYR G 81 -7.80 -19.48 27.55
CA TYR G 81 -7.82 -20.96 27.53
C TYR G 81 -9.02 -21.53 26.74
N VAL G 82 -10.19 -20.93 26.93
CA VAL G 82 -11.42 -21.37 26.23
C VAL G 82 -11.39 -21.09 24.73
N GLU G 83 -11.03 -19.87 24.32
CA GLU G 83 -10.99 -19.57 22.87
C GLU G 83 -9.98 -20.40 22.10
N HIS G 84 -8.82 -20.70 22.70
CA HIS G 84 -7.81 -21.59 22.07
C HIS G 84 -8.10 -23.09 22.22
N GLY G 85 -9.19 -23.46 22.89
CA GLY G 85 -9.60 -24.86 23.00
C GLY G 85 -8.85 -25.69 24.02
N ALA G 86 -7.94 -25.06 24.78
CA ALA G 86 -7.23 -25.73 25.88
C ALA G 86 -8.19 -26.01 27.03
N ALA G 87 -9.27 -25.23 27.08
CA ALA G 87 -10.47 -25.54 27.83
C ALA G 87 -11.63 -25.56 26.85
N ASP G 88 -12.55 -26.51 27.06
CA ASP G 88 -13.73 -26.64 26.20
C ASP G 88 -14.80 -25.63 26.60
N PHE G 89 -14.82 -25.29 27.88
CA PHE G 89 -15.76 -24.33 28.42
C PHE G 89 -15.24 -23.74 29.73
N GLY G 90 -15.88 -22.67 30.19
CA GLY G 90 -15.40 -21.97 31.37
C GLY G 90 -16.41 -21.00 31.94
N VAL G 91 -16.14 -20.56 33.17
CA VAL G 91 -16.95 -19.56 33.85
C VAL G 91 -16.10 -18.31 34.03
N ALA G 92 -16.66 -17.18 33.58
CA ALA G 92 -15.91 -15.92 33.50
C ALA G 92 -16.82 -14.72 33.71
N GLY G 93 -16.33 -13.71 34.43
CA GLY G 93 -17.05 -12.47 34.63
C GLY G 93 -17.29 -11.74 33.31
N LYS G 94 -18.46 -11.12 33.18
CA LYS G 94 -18.79 -10.37 31.97
C LYS G 94 -17.83 -9.19 31.76
N ASP G 95 -17.33 -8.63 32.87
CA ASP G 95 -16.27 -7.60 32.84
C ASP G 95 -15.00 -8.07 32.13
N VAL G 96 -14.60 -9.31 32.42
CA VAL G 96 -13.42 -9.92 31.81
C VAL G 96 -13.66 -10.21 30.32
N LEU G 97 -14.86 -10.68 29.98
CA LEU G 97 -15.21 -10.99 28.58
C LEU G 97 -15.28 -9.73 27.74
N LEU G 98 -15.93 -8.68 28.24
CA LEU G 98 -15.97 -7.39 27.54
C LEU G 98 -14.56 -6.86 27.29
N GLU G 99 -13.72 -6.90 28.32
CA GLU G 99 -12.35 -6.42 28.20
C GLU G 99 -11.52 -7.24 27.23
N HIS G 100 -11.67 -8.56 27.31
CA HIS G 100 -10.93 -9.49 26.46
C HIS G 100 -11.42 -9.53 25.01
N GLY G 101 -12.73 -9.56 24.83
CA GLY G 101 -13.36 -9.80 23.53
C GLY G 101 -13.84 -11.26 23.47
N ALA G 102 -15.16 -11.45 23.47
CA ALA G 102 -15.75 -12.80 23.39
C ALA G 102 -16.16 -13.16 21.95
N ASN G 103 -15.30 -12.82 20.99
CA ASN G 103 -15.59 -13.03 19.55
C ASN G 103 -15.44 -14.48 19.11
N HIS G 104 -14.56 -15.23 19.77
CA HIS G 104 -14.22 -16.60 19.37
C HIS G 104 -14.81 -17.67 20.29
N VAL G 105 -15.67 -17.25 21.22
CA VAL G 105 -16.32 -18.16 22.15
C VAL G 105 -17.81 -17.89 22.15
N TYR G 106 -18.59 -18.87 22.62
CA TYR G 106 -20.02 -18.69 22.77
C TYR G 106 -20.37 -18.34 24.22
N GLU G 107 -21.14 -17.27 24.41
CA GLU G 107 -21.67 -16.92 25.73
C GLU G 107 -23.09 -17.48 25.86
N LEU G 108 -23.20 -18.65 26.47
CA LEU G 108 -24.44 -19.43 26.46
C LEU G 108 -25.42 -19.11 27.59
N LEU G 109 -24.91 -18.76 28.77
CA LEU G 109 -25.74 -18.62 29.97
C LEU G 109 -25.25 -17.51 30.89
N ASP G 110 -26.21 -16.72 31.37
CA ASP G 110 -26.01 -15.83 32.51
C ASP G 110 -26.24 -16.68 33.77
N LEU G 111 -25.15 -17.06 34.43
CA LEU G 111 -25.24 -17.86 35.67
C LEU G 111 -25.74 -17.06 36.87
N LYS G 112 -25.78 -15.73 36.76
CA LYS G 112 -26.29 -14.83 37.82
C LYS G 112 -25.54 -14.93 39.15
N ILE G 113 -24.24 -15.24 39.08
CA ILE G 113 -23.38 -15.30 40.26
C ILE G 113 -22.36 -14.17 40.17
N ALA G 114 -21.89 -13.73 41.33
CA ALA G 114 -20.98 -12.59 41.45
C ALA G 114 -21.54 -11.37 40.70
N GLN G 115 -22.80 -11.03 41.00
CA GLN G 115 -23.45 -9.86 40.40
C GLN G 115 -22.88 -8.55 40.95
N CYS G 116 -22.52 -7.65 40.04
CA CYS G 116 -21.90 -6.36 40.38
C CYS G 116 -22.03 -5.42 39.18
N LYS G 117 -21.40 -4.25 39.24
CA LYS G 117 -21.50 -3.24 38.19
C LYS G 117 -20.11 -2.76 37.77
N LEU G 118 -19.92 -2.50 36.47
CA LEU G 118 -18.77 -1.72 36.00
C LEU G 118 -19.11 -0.25 36.14
N MET G 119 -18.27 0.50 36.86
CA MET G 119 -18.49 1.92 37.13
C MET G 119 -17.21 2.72 37.01
N THR G 120 -17.36 4.02 36.75
CA THR G 120 -16.30 4.98 36.98
C THR G 120 -16.32 5.33 38.46
N ALA G 121 -15.18 5.75 38.98
CA ALA G 121 -15.08 6.18 40.38
C ALA G 121 -13.94 7.17 40.53
N GLY G 122 -14.11 8.11 41.44
CA GLY G 122 -13.13 9.16 41.70
C GLY G 122 -13.08 9.51 43.17
N VAL G 123 -12.26 10.50 43.50
CA VAL G 123 -12.08 10.94 44.89
C VAL G 123 -13.41 11.53 45.40
N LYS G 124 -13.72 11.25 46.67
CA LYS G 124 -14.98 11.69 47.29
C LYS G 124 -15.08 13.21 47.27
N ASP G 125 -16.16 13.73 46.67
CA ASP G 125 -16.44 15.17 46.57
C ASP G 125 -15.50 16.00 45.69
N ALA G 126 -14.46 15.40 45.11
CA ALA G 126 -13.57 16.11 44.20
C ALA G 126 -14.29 16.26 42.87
N PRO G 127 -14.52 17.50 42.42
CA PRO G 127 -15.17 17.68 41.10
C PRO G 127 -14.19 17.43 39.96
N LEU G 128 -14.73 17.13 38.77
CA LEU G 128 -13.88 16.84 37.61
C LEU G 128 -13.04 18.05 37.24
N PRO G 129 -11.74 17.84 36.95
CA PRO G 129 -11.01 18.96 36.34
C PRO G 129 -11.51 19.22 34.92
N ASN G 130 -11.39 20.47 34.49
CA ASN G 130 -11.89 20.90 33.16
C ASN G 130 -11.03 20.33 32.02
N ARG G 131 -9.76 20.07 32.31
CA ARG G 131 -8.82 19.47 31.35
C ARG G 131 -9.20 18.04 30.90
N ARG G 132 -8.40 17.53 29.95
CA ARG G 132 -8.52 16.14 29.47
C ARG G 132 -8.40 15.14 30.62
N LEU G 133 -9.32 14.18 30.68
CA LEU G 133 -9.41 13.25 31.80
C LEU G 133 -8.44 12.08 31.65
N ARG G 134 -7.82 11.71 32.76
CA ARG G 134 -6.95 10.54 32.84
C ARG G 134 -7.72 9.42 33.53
N ILE G 135 -7.84 8.28 32.86
CA ILE G 135 -8.51 7.09 33.41
C ILE G 135 -7.41 6.05 33.66
N ALA G 136 -7.29 5.60 34.90
CA ALA G 136 -6.39 4.49 35.24
C ALA G 136 -7.28 3.27 35.49
N THR G 137 -6.98 2.16 34.82
CA THR G 137 -7.86 0.98 34.92
C THR G 137 -7.26 -0.30 34.36
N LYS G 138 -7.73 -1.44 34.89
CA LYS G 138 -7.58 -2.75 34.24
C LYS G 138 -8.35 -2.81 32.96
N TYR G 139 -9.51 -2.16 32.95
CA TYR G 139 -10.49 -2.33 31.88
C TYR G 139 -10.34 -1.25 30.83
N VAL G 140 -9.19 -1.29 30.16
CA VAL G 140 -8.77 -0.30 29.17
C VAL G 140 -9.73 -0.21 27.99
N ASN G 141 -10.03 -1.37 27.39
CA ASN G 141 -10.95 -1.44 26.24
C ASN G 141 -12.38 -1.00 26.59
N VAL G 142 -12.86 -1.39 27.78
CA VAL G 142 -14.20 -0.97 28.25
C VAL G 142 -14.23 0.54 28.46
N ALA G 143 -13.19 1.07 29.11
CA ALA G 143 -13.06 2.52 29.36
C ALA G 143 -13.06 3.37 28.07
N ARG G 144 -12.25 2.98 27.09
CA ARG G 144 -12.20 3.67 25.80
C ARG G 144 -13.57 3.70 25.13
N ALA G 145 -14.20 2.52 25.06
CA ALA G 145 -15.54 2.38 24.50
C ALA G 145 -16.56 3.25 25.24
N TYR G 146 -16.52 3.21 26.58
CA TYR G 146 -17.47 3.97 27.39
C TYR G 146 -17.33 5.48 27.25
N PHE G 147 -16.12 5.99 27.41
CA PHE G 147 -15.87 7.44 27.26
C PHE G 147 -16.05 7.92 25.81
N ALA G 148 -15.79 7.07 24.84
CA ALA G 148 -16.11 7.38 23.44
C ALA G 148 -17.61 7.62 23.25
N SER G 149 -18.44 6.73 23.82
CA SER G 149 -19.91 6.86 23.76
C SER G 149 -20.47 8.08 24.50
N GLN G 150 -19.77 8.56 25.53
CA GLN G 150 -20.14 9.81 26.22
C GLN G 150 -19.56 11.06 25.56
N GLY G 151 -18.92 10.93 24.39
CA GLY G 151 -18.23 12.05 23.75
C GLY G 151 -17.17 12.71 24.62
N GLN G 152 -16.40 11.90 25.35
CA GLN G 152 -15.33 12.39 26.23
C GLN G 152 -13.96 11.94 25.77
N GLN G 153 -13.09 12.89 25.43
CA GLN G 153 -11.69 12.59 25.11
C GLN G 153 -10.94 12.27 26.42
N VAL G 154 -10.27 11.13 26.44
CA VAL G 154 -9.59 10.61 27.63
C VAL G 154 -8.19 10.09 27.33
N ASP G 155 -7.34 10.10 28.37
CA ASP G 155 -6.04 9.42 28.35
C ASP G 155 -6.16 8.19 29.26
N VAL G 156 -5.94 7.00 28.70
CA VAL G 156 -6.16 5.76 29.43
C VAL G 156 -4.83 5.14 29.86
N ILE G 157 -4.74 4.77 31.13
CA ILE G 157 -3.52 4.14 31.67
C ILE G 157 -3.86 2.73 32.14
N LYS G 158 -3.16 1.74 31.58
CA LYS G 158 -3.32 0.34 31.94
C LYS G 158 -2.75 0.08 33.35
N LEU G 159 -3.56 -0.56 34.20
CA LEU G 159 -3.13 -1.09 35.49
C LEU G 159 -3.45 -2.59 35.54
N TYR G 160 -2.54 -3.38 36.10
CA TYR G 160 -2.75 -4.81 36.36
C TYR G 160 -3.24 -5.07 37.78
N GLY G 161 -2.81 -4.25 38.75
CA GLY G 161 -3.08 -4.47 40.16
C GLY G 161 -4.32 -3.75 40.63
N SER G 162 -4.32 -3.36 41.91
CA SER G 162 -5.47 -2.67 42.51
C SER G 162 -5.53 -1.22 42.03
N MET G 163 -6.75 -0.74 41.82
CA MET G 163 -6.96 0.56 41.19
C MET G 163 -7.33 1.68 42.16
N GLU G 164 -7.53 1.37 43.44
CA GLU G 164 -7.98 2.36 44.42
C GLU G 164 -6.91 3.41 44.75
N LEU G 165 -5.65 3.00 44.73
CA LEU G 165 -4.55 3.94 44.88
C LEU G 165 -4.45 5.04 43.79
N ALA G 166 -4.90 4.77 42.57
CA ALA G 166 -4.59 5.63 41.42
C ALA G 166 -5.09 7.09 41.54
N PRO G 167 -6.37 7.31 41.91
CA PRO G 167 -6.81 8.67 42.14
C PRO G 167 -6.16 9.39 43.32
N LEU G 168 -5.74 8.64 44.35
CA LEU G 168 -5.20 9.23 45.59
C LEU G 168 -3.77 9.77 45.47
N VAL G 169 -2.99 9.26 44.51
CA VAL G 169 -1.65 9.79 44.19
C VAL G 169 -1.65 10.52 42.85
N GLY G 170 -2.83 10.88 42.35
CA GLY G 170 -2.98 11.59 41.10
C GLY G 170 -2.62 10.90 39.79
N LEU G 171 -2.51 9.56 39.79
CA LEU G 171 -2.17 8.85 38.55
C LEU G 171 -3.26 9.03 37.50
N GLY G 172 -4.51 8.97 37.94
CA GLY G 172 -5.67 9.34 37.12
C GLY G 172 -6.68 10.14 37.91
N ASP G 173 -7.60 10.77 37.19
CA ASP G 173 -8.73 11.47 37.80
C ASP G 173 -9.80 10.47 38.21
N LEU G 174 -10.05 9.49 37.33
CA LEU G 174 -11.03 8.44 37.57
C LEU G 174 -10.40 7.07 37.44
N ILE G 175 -11.10 6.08 37.98
CA ILE G 175 -10.85 4.68 37.68
C ILE G 175 -12.11 4.08 37.10
N VAL G 176 -11.94 2.97 36.39
CA VAL G 176 -13.04 2.12 35.95
C VAL G 176 -12.80 0.80 36.67
N ASP G 177 -13.80 0.33 37.40
CA ASP G 177 -13.66 -0.88 38.19
C ASP G 177 -15.03 -1.49 38.45
N VAL G 178 -15.03 -2.75 38.90
CA VAL G 178 -16.28 -3.41 39.31
C VAL G 178 -16.62 -3.05 40.76
N VAL G 179 -17.88 -2.70 40.96
CA VAL G 179 -18.41 -2.27 42.26
C VAL G 179 -19.64 -3.13 42.60
N ASP G 180 -19.70 -3.65 43.83
CA ASP G 180 -20.89 -4.35 44.35
C ASP G 180 -21.60 -3.51 45.44
N THR G 181 -21.12 -3.58 46.68
CA THR G 181 -21.68 -2.75 47.76
C THR G 181 -21.27 -1.28 47.64
N GLY G 182 -20.03 -1.06 47.20
CA GLY G 182 -19.38 0.26 47.24
C GLY G 182 -18.44 0.46 48.42
N ASN G 183 -18.26 -0.58 49.25
CA ASN G 183 -17.54 -0.45 50.52
C ASN G 183 -16.02 -0.31 50.36
N THR G 184 -15.46 -0.98 49.36
CA THR G 184 -14.04 -0.85 49.04
C THR G 184 -13.73 0.57 48.57
N LEU G 185 -14.60 1.15 47.75
CA LEU G 185 -14.41 2.54 47.29
C LEU G 185 -14.42 3.50 48.48
N ARG G 186 -15.50 3.44 49.26
CA ARG G 186 -15.68 4.30 50.43
C ARG G 186 -14.60 4.13 51.49
N ALA G 187 -14.14 2.90 51.69
CA ALA G 187 -13.02 2.65 52.62
C ALA G 187 -11.72 3.34 52.20
N ASN G 188 -11.53 3.58 50.90
CA ASN G 188 -10.33 4.25 50.35
C ASN G 188 -10.52 5.73 49.99
N GLY G 189 -11.63 6.33 50.40
CA GLY G 189 -11.91 7.74 50.12
C GLY G 189 -12.38 7.99 48.70
N LEU G 190 -12.93 6.97 48.05
CA LEU G 190 -13.44 7.08 46.68
C LEU G 190 -14.95 6.89 46.68
N GLU G 191 -15.59 7.39 45.62
CA GLU G 191 -17.04 7.27 45.46
C GLU G 191 -17.38 6.86 44.02
N ALA G 192 -18.36 5.98 43.86
CA ALA G 192 -18.86 5.63 42.53
C ALA G 192 -19.49 6.84 41.87
N ARG G 193 -19.31 6.96 40.56
CA ARG G 193 -19.80 8.07 39.77
C ARG G 193 -20.79 7.56 38.71
N ASP G 194 -20.32 7.15 37.53
CA ASP G 194 -21.18 6.73 36.43
C ASP G 194 -21.31 5.22 36.39
N HIS G 195 -22.52 4.75 36.06
CA HIS G 195 -22.78 3.33 35.79
C HIS G 195 -22.43 3.05 34.33
N ILE G 196 -21.54 2.07 34.11
CA ILE G 196 -21.14 1.68 32.74
C ILE G 196 -22.02 0.54 32.26
N CYS G 197 -22.04 -0.57 33.00
CA CYS G 197 -22.95 -1.70 32.73
C CYS G 197 -22.97 -2.74 33.84
N ASP G 198 -23.99 -3.60 33.81
CA ASP G 198 -24.13 -4.70 34.78
C ASP G 198 -23.28 -5.89 34.39
N VAL G 199 -22.76 -6.58 35.40
CA VAL G 199 -21.79 -7.65 35.24
C VAL G 199 -22.23 -8.85 36.07
N SER G 200 -22.08 -10.03 35.47
CA SER G 200 -22.22 -11.28 36.18
C SER G 200 -21.37 -12.35 35.49
N SER G 201 -21.20 -13.48 36.16
CA SER G 201 -20.45 -14.58 35.60
C SER G 201 -21.26 -15.24 34.49
N ARG G 202 -20.57 -15.59 33.41
CA ARG G 202 -21.17 -16.17 32.24
C ARG G 202 -20.51 -17.50 31.98
N LEU G 203 -21.28 -18.45 31.45
CA LEU G 203 -20.74 -19.71 31.02
C LEU G 203 -20.37 -19.55 29.56
N ILE G 204 -19.07 -19.70 29.28
CA ILE G 204 -18.55 -19.60 27.92
C ILE G 204 -18.11 -20.98 27.42
N VAL G 205 -18.27 -21.20 26.11
CA VAL G 205 -17.95 -22.46 25.46
C VAL G 205 -17.15 -22.17 24.20
N ASN G 206 -16.07 -22.94 24.01
CA ASN G 206 -15.33 -22.97 22.76
C ASN G 206 -16.25 -23.43 21.59
N GLN G 207 -16.15 -22.74 20.46
CA GLN G 207 -17.03 -22.98 19.28
C GLN G 207 -16.88 -24.38 18.71
N VAL G 208 -15.65 -24.82 18.53
CA VAL G 208 -15.38 -26.19 18.07
C VAL G 208 -15.89 -27.20 19.09
N SER G 209 -15.65 -26.97 20.38
CA SER G 209 -16.13 -27.88 21.43
C SER G 209 -17.66 -28.00 21.42
N TYR G 210 -18.34 -26.87 21.25
CA TYR G 210 -19.79 -26.87 21.16
C TYR G 210 -20.28 -27.74 20.00
N LYS G 211 -19.54 -27.73 18.89
CA LYS G 211 -19.88 -28.53 17.70
C LYS G 211 -19.55 -30.02 17.88
N ARG G 212 -18.35 -30.31 18.34
CA ARG G 212 -17.84 -31.69 18.41
C ARG G 212 -18.29 -32.48 19.62
N LYS G 213 -18.41 -31.81 20.76
CA LYS G 213 -18.66 -32.47 22.04
C LYS G 213 -20.00 -32.06 22.66
N PHE G 214 -20.96 -31.70 21.81
CA PHE G 214 -22.31 -31.31 22.26
C PHE G 214 -23.00 -32.36 23.13
N ALA G 215 -22.81 -33.64 22.81
CA ALA G 215 -23.39 -34.75 23.58
C ALA G 215 -22.91 -34.76 25.04
N LEU G 216 -21.62 -34.51 25.25
CA LEU G 216 -21.06 -34.38 26.60
C LEU G 216 -21.45 -33.07 27.29
N LEU G 217 -21.55 -32.00 26.52
CA LEU G 217 -21.90 -30.68 27.04
C LEU G 217 -23.37 -30.54 27.46
N GLU G 218 -24.30 -31.05 26.64
CA GLU G 218 -25.74 -30.77 26.82
C GLU G 218 -26.31 -31.05 28.23
N PRO G 219 -26.06 -32.25 28.79
CA PRO G 219 -26.61 -32.53 30.15
C PRO G 219 -26.12 -31.58 31.25
N ILE G 220 -24.85 -31.21 31.18
CA ILE G 220 -24.24 -30.27 32.12
C ILE G 220 -24.82 -28.87 31.93
N LEU G 221 -24.96 -28.42 30.68
CA LEU G 221 -25.57 -27.12 30.39
C LEU G 221 -27.03 -27.09 30.81
N ASP G 222 -27.76 -28.18 30.56
CA ASP G 222 -29.14 -28.32 31.02
C ASP G 222 -29.23 -28.26 32.54
N SER G 223 -28.36 -29.00 33.22
CA SER G 223 -28.30 -28.96 34.69
C SER G 223 -28.12 -27.53 35.20
N PHE G 224 -27.13 -26.82 34.66
CA PHE G 224 -26.85 -25.42 35.04
C PHE G 224 -28.10 -24.55 34.84
N LYS G 225 -28.71 -24.64 33.66
CA LYS G 225 -29.94 -23.90 33.34
C LYS G 225 -31.06 -24.19 34.36
N ASN G 226 -31.28 -25.46 34.66
CA ASN G 226 -32.29 -25.88 35.66
C ASN G 226 -31.97 -25.35 37.07
N SER G 227 -30.69 -25.38 37.44
CA SER G 227 -30.27 -24.86 38.75
C SER G 227 -30.50 -23.35 38.91
N ILE G 228 -30.35 -22.60 37.82
CA ILE G 228 -30.44 -21.13 37.82
C ILE G 228 -31.87 -20.59 37.70
N ASN G 229 -32.73 -21.26 36.94
CA ASN G 229 -34.11 -20.79 36.69
C ASN G 229 -35.09 -21.28 37.76
N PHE H 22 8.02 -15.44 -48.53
CA PHE H 22 9.28 -14.74 -48.93
C PHE H 22 10.43 -15.09 -47.99
N LEU H 23 11.48 -15.69 -48.54
CA LEU H 23 12.57 -16.26 -47.74
C LEU H 23 13.75 -15.32 -47.49
N GLY H 24 13.79 -14.19 -48.20
CA GLY H 24 14.90 -13.24 -48.12
C GLY H 24 14.76 -12.18 -47.04
N LEU H 25 15.39 -11.03 -47.30
CA LEU H 25 15.46 -9.95 -46.34
C LEU H 25 14.45 -8.87 -46.67
N THR H 26 13.72 -8.43 -45.65
CA THR H 26 12.74 -7.37 -45.74
C THR H 26 13.34 -6.18 -44.98
N LEU H 27 13.55 -5.08 -45.70
CA LEU H 27 14.13 -3.86 -45.15
C LEU H 27 13.03 -2.84 -44.98
N ALA H 28 12.85 -2.35 -43.74
CA ALA H 28 11.86 -1.30 -43.47
C ALA H 28 12.52 0.06 -43.53
N LEU H 29 11.96 0.95 -44.36
CA LEU H 29 12.39 2.35 -44.46
C LEU H 29 11.19 3.25 -44.31
N SER H 30 11.46 4.52 -44.06
CA SER H 30 10.44 5.57 -44.06
C SER H 30 10.74 6.61 -45.13
N LYS H 31 9.70 7.33 -45.55
CA LYS H 31 9.82 8.37 -46.60
C LYS H 31 10.57 9.60 -46.12
N GLY H 32 10.97 10.43 -47.07
CA GLY H 32 11.64 11.70 -46.80
C GLY H 32 13.14 11.53 -46.76
N ARG H 33 13.78 12.24 -45.83
CA ARG H 33 15.25 12.30 -45.73
C ARG H 33 15.92 10.93 -45.59
N ILE H 34 15.32 10.05 -44.77
CA ILE H 34 15.82 8.68 -44.59
C ILE H 34 15.89 7.91 -45.93
N LEU H 35 14.80 7.94 -46.70
CA LEU H 35 14.79 7.27 -48.01
C LEU H 35 15.80 7.89 -48.99
N GLU H 36 15.81 9.21 -49.09
CA GLU H 36 16.74 9.95 -49.94
C GLU H 36 18.22 9.64 -49.66
N GLU H 37 18.58 9.60 -48.38
CA GLU H 37 19.97 9.38 -47.97
C GLU H 37 20.36 7.91 -47.81
N THR H 38 19.39 7.02 -47.69
CA THR H 38 19.64 5.57 -47.66
C THR H 38 19.89 4.98 -49.07
N MET H 39 19.22 5.50 -50.09
CA MET H 39 19.29 4.97 -51.47
C MET H 39 20.71 4.80 -52.04
N PRO H 40 21.61 5.80 -51.83
CA PRO H 40 23.02 5.63 -52.18
C PRO H 40 23.71 4.45 -51.48
N LEU H 41 23.41 4.24 -50.20
CA LEU H 41 23.98 3.12 -49.45
C LEU H 41 23.47 1.79 -50.01
N LEU H 42 22.18 1.75 -50.35
CA LEU H 42 21.57 0.58 -50.97
C LEU H 42 22.15 0.29 -52.36
N ARG H 43 22.33 1.34 -53.17
CA ARG H 43 22.94 1.22 -54.50
C ARG H 43 24.32 0.60 -54.41
N ALA H 44 25.16 1.13 -53.52
CA ALA H 44 26.50 0.58 -53.24
C ALA H 44 26.45 -0.88 -52.79
N ALA H 45 25.42 -1.25 -52.03
CA ALA H 45 25.25 -2.63 -51.53
C ALA H 45 24.64 -3.64 -52.52
N GLY H 46 24.37 -3.21 -53.76
CA GLY H 46 23.80 -4.08 -54.79
C GLY H 46 22.30 -4.26 -54.64
N VAL H 47 21.65 -3.29 -53.99
CA VAL H 47 20.23 -3.30 -53.72
C VAL H 47 19.66 -1.98 -54.25
N GLU H 48 19.35 -1.94 -55.55
CA GLU H 48 18.69 -0.77 -56.11
C GLU H 48 17.19 -1.04 -56.06
N LEU H 49 16.44 -0.09 -55.51
CA LEU H 49 14.99 -0.06 -55.70
C LEU H 49 14.72 0.13 -57.20
N LEU H 50 13.78 -0.65 -57.74
CA LEU H 50 13.47 -0.64 -59.17
C LEU H 50 12.66 0.58 -59.60
N GLU H 51 11.82 1.10 -58.69
CA GLU H 51 11.04 2.33 -58.91
C GLU H 51 11.12 3.23 -57.66
N ASP H 52 10.81 4.52 -57.83
CA ASP H 52 10.88 5.49 -56.73
C ASP H 52 9.66 5.39 -55.83
N PRO H 53 9.86 5.17 -54.51
CA PRO H 53 8.70 5.16 -53.59
C PRO H 53 8.02 6.51 -53.34
N GLU H 54 8.71 7.64 -53.57
CA GLU H 54 8.08 8.97 -53.48
C GLU H 54 7.01 9.18 -54.56
N ALA H 55 7.17 8.51 -55.71
CA ALA H 55 6.21 8.56 -56.81
C ALA H 55 5.45 7.23 -56.99
N SER H 56 4.90 6.71 -55.90
CA SER H 56 4.19 5.43 -55.92
C SER H 56 3.27 5.26 -54.70
N ARG H 57 2.12 4.64 -54.90
CA ARG H 57 1.21 4.26 -53.79
C ARG H 57 1.55 2.91 -53.18
N LYS H 58 2.39 2.11 -53.85
CA LYS H 58 2.81 0.79 -53.38
C LYS H 58 3.54 0.87 -52.04
N LEU H 59 3.39 -0.18 -51.24
CA LEU H 59 3.99 -0.30 -49.91
C LEU H 59 5.20 -1.24 -49.88
N ILE H 60 5.16 -2.30 -50.69
CA ILE H 60 6.26 -3.27 -50.82
C ILE H 60 6.93 -3.10 -52.17
N PHE H 61 8.27 -2.95 -52.16
CA PHE H 61 9.05 -2.71 -53.37
C PHE H 61 10.12 -3.78 -53.53
N PRO H 62 10.19 -4.42 -54.73
CA PRO H 62 11.34 -5.29 -54.99
C PRO H 62 12.62 -4.49 -55.24
N THR H 63 13.75 -5.17 -55.18
CA THR H 63 15.03 -4.58 -55.53
C THR H 63 15.69 -5.41 -56.62
N SER H 64 16.80 -4.90 -57.15
CA SER H 64 17.58 -5.63 -58.16
C SER H 64 18.15 -6.92 -57.59
N ASN H 65 18.34 -6.97 -56.27
CA ASN H 65 18.62 -8.22 -55.57
C ASN H 65 17.29 -8.92 -55.30
N PRO H 66 17.08 -10.11 -55.87
CA PRO H 66 15.81 -10.81 -55.62
C PRO H 66 15.62 -11.36 -54.19
N ASN H 67 16.71 -11.44 -53.41
CA ASN H 67 16.64 -11.82 -51.99
C ASN H 67 16.33 -10.66 -51.03
N VAL H 68 16.13 -9.44 -51.54
CA VAL H 68 15.86 -8.28 -50.70
C VAL H 68 14.68 -7.49 -51.23
N ARG H 69 13.75 -7.14 -50.35
CA ARG H 69 12.65 -6.25 -50.66
C ARG H 69 12.56 -5.14 -49.61
N VAL H 70 11.83 -4.08 -49.93
CA VAL H 70 11.76 -2.90 -49.08
C VAL H 70 10.32 -2.61 -48.71
N LEU H 71 10.08 -2.32 -47.42
CA LEU H 71 8.79 -1.79 -46.95
C LEU H 71 8.92 -0.29 -46.70
N ILE H 72 7.97 0.48 -47.20
CA ILE H 72 7.86 1.90 -46.87
C ILE H 72 6.81 2.04 -45.77
N LEU H 73 7.23 2.63 -44.66
CA LEU H 73 6.42 2.74 -43.45
C LEU H 73 6.47 4.15 -42.93
N ARG H 74 5.53 4.49 -42.06
CA ARG H 74 5.67 5.67 -41.23
C ARG H 74 6.86 5.46 -40.27
N ALA H 75 7.69 6.50 -40.10
CA ALA H 75 8.92 6.41 -39.28
C ALA H 75 8.69 5.74 -37.93
N SER H 76 7.61 6.12 -37.26
CA SER H 76 7.25 5.57 -35.96
C SER H 76 6.96 4.06 -35.94
N ASP H 77 6.60 3.48 -37.09
CA ASP H 77 6.34 2.04 -37.20
C ASP H 77 7.53 1.19 -37.61
N VAL H 78 8.65 1.80 -37.99
CA VAL H 78 9.83 1.03 -38.40
C VAL H 78 10.36 0.10 -37.29
N PRO H 79 10.51 0.61 -36.04
CA PRO H 79 10.97 -0.28 -34.95
C PRO H 79 9.99 -1.41 -34.62
N THR H 80 8.70 -1.13 -34.79
CA THR H 80 7.65 -2.11 -34.54
C THR H 80 7.75 -3.28 -35.50
N TYR H 81 7.85 -3.01 -36.81
CA TYR H 81 7.96 -4.08 -37.81
C TYR H 81 9.26 -4.89 -37.63
N VAL H 82 10.37 -4.23 -37.31
CA VAL H 82 11.64 -4.92 -37.12
C VAL H 82 11.63 -5.81 -35.87
N GLU H 83 11.21 -5.27 -34.72
CA GLU H 83 11.22 -6.05 -33.47
C GLU H 83 10.29 -7.28 -33.51
N HIS H 84 9.13 -7.12 -34.16
CA HIS H 84 8.18 -8.22 -34.36
C HIS H 84 8.56 -9.16 -35.50
N GLY H 85 9.58 -8.80 -36.28
CA GLY H 85 10.11 -9.71 -37.29
C GLY H 85 9.38 -9.67 -38.61
N ALA H 86 8.49 -8.71 -38.80
CA ALA H 86 7.81 -8.51 -40.09
C ALA H 86 8.75 -7.84 -41.09
N ALA H 87 9.77 -7.16 -40.58
CA ALA H 87 10.94 -6.73 -41.32
C ALA H 87 12.17 -7.27 -40.58
N ASP H 88 13.18 -7.68 -41.33
CA ASP H 88 14.39 -8.24 -40.74
C ASP H 88 15.30 -7.16 -40.21
N PHE H 89 15.28 -6.02 -40.90
CA PHE H 89 16.08 -4.88 -40.53
C PHE H 89 15.45 -3.59 -41.03
N GLY H 90 15.93 -2.46 -40.53
CA GLY H 90 15.34 -1.18 -40.84
C GLY H 90 16.22 -0.01 -40.53
N VAL H 91 15.81 1.16 -41.02
CA VAL H 91 16.49 2.42 -40.75
C VAL H 91 15.50 3.32 -40.02
N ALA H 92 15.86 3.75 -38.81
CA ALA H 92 15.01 4.59 -37.99
C ALA H 92 15.84 5.67 -37.33
N GLY H 93 15.21 6.82 -37.10
CA GLY H 93 15.85 7.93 -36.41
C GLY H 93 16.00 7.62 -34.94
N LYS H 94 17.10 8.11 -34.36
CA LYS H 94 17.36 7.92 -32.94
C LYS H 94 16.23 8.53 -32.10
N ASP H 95 15.62 9.60 -32.61
CA ASP H 95 14.42 10.19 -32.00
C ASP H 95 13.27 9.18 -31.80
N VAL H 96 13.05 8.34 -32.81
CA VAL H 96 12.01 7.33 -32.81
C VAL H 96 12.41 6.17 -31.89
N LEU H 97 13.67 5.74 -31.99
CA LEU H 97 14.19 4.67 -31.13
C LEU H 97 14.13 5.04 -29.64
N LEU H 98 14.47 6.28 -29.30
CA LEU H 98 14.41 6.75 -27.90
C LEU H 98 12.98 6.81 -27.38
N GLU H 99 12.07 7.29 -28.22
CA GLU H 99 10.66 7.37 -27.87
C GLU H 99 10.01 5.99 -27.75
N HIS H 100 10.34 5.10 -28.68
CA HIS H 100 9.76 3.77 -28.76
C HIS H 100 10.35 2.81 -27.72
N GLY H 101 11.68 2.86 -27.56
CA GLY H 101 12.45 1.83 -26.88
C GLY H 101 13.13 0.96 -27.92
N ALA H 102 14.45 0.92 -27.93
CA ALA H 102 15.23 0.03 -28.82
C ALA H 102 15.63 -1.26 -28.08
N ASN H 103 14.77 -1.72 -27.18
CA ASN H 103 15.09 -2.76 -26.20
C ASN H 103 15.14 -4.14 -26.88
N HIS H 104 14.35 -4.34 -27.93
CA HIS H 104 14.21 -5.63 -28.60
C HIS H 104 14.93 -5.75 -29.94
N VAL H 105 15.75 -4.77 -30.30
CA VAL H 105 16.47 -4.83 -31.59
C VAL H 105 17.95 -4.52 -31.40
N TYR H 106 18.78 -5.01 -32.31
CA TYR H 106 20.18 -4.64 -32.31
C TYR H 106 20.37 -3.36 -33.13
N GLU H 107 20.89 -2.31 -32.48
CA GLU H 107 21.32 -1.09 -33.18
C GLU H 107 22.74 -1.31 -33.68
N LEU H 108 22.83 -1.88 -34.89
CA LEU H 108 24.11 -2.32 -35.47
C LEU H 108 25.04 -1.21 -35.98
N LEU H 109 24.50 -0.05 -36.31
CA LEU H 109 25.24 0.99 -37.02
C LEU H 109 24.64 2.36 -36.84
N ASP H 110 25.49 3.37 -36.58
CA ASP H 110 25.12 4.77 -36.80
C ASP H 110 25.45 5.10 -38.26
N LEU H 111 24.39 5.34 -39.04
CA LEU H 111 24.53 5.65 -40.46
C LEU H 111 24.91 7.10 -40.71
N LYS H 112 24.78 7.97 -39.70
CA LYS H 112 25.16 9.38 -39.81
C LYS H 112 24.48 10.07 -41.00
N ILE H 113 23.19 9.81 -41.14
CA ILE H 113 22.33 10.44 -42.14
C ILE H 113 21.10 10.98 -41.41
N ALA H 114 20.40 11.90 -42.07
CA ALA H 114 19.24 12.59 -41.52
C ALA H 114 19.53 13.20 -40.15
N GLN H 115 20.68 13.85 -40.05
CA GLN H 115 21.11 14.46 -38.80
C GLN H 115 20.27 15.69 -38.43
N CYS H 116 19.88 15.75 -37.17
CA CYS H 116 19.14 16.86 -36.63
C CYS H 116 19.30 16.83 -35.11
N LYS H 117 18.60 17.69 -34.39
CA LYS H 117 18.62 17.73 -32.93
C LYS H 117 17.20 17.61 -32.36
N LEU H 118 17.06 16.90 -31.24
CA LEU H 118 15.85 16.98 -30.43
C LEU H 118 15.99 18.20 -29.52
N MET H 119 14.94 19.03 -29.49
CA MET H 119 14.98 20.30 -28.77
C MET H 119 13.62 20.66 -28.18
N THR H 120 13.64 21.57 -27.21
CA THR H 120 12.43 22.22 -26.74
C THR H 120 12.22 23.51 -27.54
N ALA H 121 10.96 23.87 -27.76
CA ALA H 121 10.63 25.13 -28.41
C ALA H 121 9.38 25.76 -27.78
N GLY H 122 9.31 27.09 -27.86
CA GLY H 122 8.16 27.86 -27.38
C GLY H 122 7.97 29.12 -28.21
N VAL H 123 6.98 29.93 -27.83
CA VAL H 123 6.64 31.15 -28.59
C VAL H 123 7.82 32.13 -28.50
N LYS H 124 8.10 32.82 -29.61
CA LYS H 124 9.24 33.72 -29.71
C LYS H 124 9.15 34.86 -28.69
N ASP H 125 10.20 35.04 -27.90
CA ASP H 125 10.31 36.09 -26.88
C ASP H 125 9.30 36.03 -25.72
N ALA H 126 8.49 34.96 -25.65
CA ALA H 126 7.47 34.84 -24.62
C ALA H 126 8.13 34.31 -23.33
N PRO H 127 7.69 34.80 -22.16
CA PRO H 127 8.31 34.32 -20.92
C PRO H 127 7.69 33.01 -20.44
N LEU H 128 8.45 32.24 -19.66
CA LEU H 128 7.91 31.06 -18.96
C LEU H 128 6.82 31.50 -17.98
N PRO H 129 5.64 30.85 -18.01
CA PRO H 129 4.59 31.20 -17.06
C PRO H 129 4.94 30.73 -15.65
N ASN H 130 4.34 31.39 -14.65
CA ASN H 130 4.67 31.16 -13.23
C ASN H 130 4.28 29.73 -12.83
N ARG H 131 3.06 29.36 -13.16
CA ARG H 131 2.54 27.99 -13.00
C ARG H 131 3.38 26.88 -13.65
N ARG H 132 3.07 25.63 -13.27
CA ARG H 132 3.73 24.41 -13.80
C ARG H 132 3.63 24.33 -15.33
N LEU H 133 4.69 23.84 -15.97
CA LEU H 133 4.78 23.87 -17.44
C LEU H 133 4.00 22.74 -18.10
N ARG H 134 3.37 23.06 -19.22
CA ARG H 134 2.68 22.10 -20.07
C ARG H 134 3.49 21.88 -21.36
N ILE H 135 3.86 20.62 -21.62
CA ILE H 135 4.61 20.20 -22.80
C ILE H 135 3.67 19.44 -23.75
N ALA H 136 3.62 19.88 -25.00
CA ALA H 136 2.82 19.24 -26.03
C ALA H 136 3.78 18.64 -27.05
N THR H 137 3.74 17.31 -27.22
CA THR H 137 4.72 16.65 -28.10
C THR H 137 4.28 15.26 -28.60
N LYS H 138 4.84 14.85 -29.72
CA LYS H 138 4.89 13.42 -30.11
C LYS H 138 5.81 12.65 -29.16
N TYR H 139 6.88 13.30 -28.72
CA TYR H 139 7.97 12.63 -28.02
C TYR H 139 7.76 12.65 -26.49
N VAL H 140 6.74 11.92 -26.06
CA VAL H 140 6.26 11.96 -24.67
C VAL H 140 7.25 11.36 -23.65
N ASN H 141 7.80 10.19 -23.98
CA ASN H 141 8.82 9.55 -23.12
C ASN H 141 10.13 10.34 -23.06
N VAL H 142 10.57 10.84 -24.22
CA VAL H 142 11.75 11.71 -24.29
C VAL H 142 11.52 12.97 -23.47
N ALA H 143 10.33 13.54 -23.57
CA ALA H 143 9.98 14.76 -22.82
C ALA H 143 9.99 14.57 -21.31
N ARG H 144 9.33 13.52 -20.81
CA ARG H 144 9.32 13.22 -19.36
C ARG H 144 10.73 12.94 -18.84
N ALA H 145 11.53 12.23 -19.63
CA ALA H 145 12.92 11.94 -19.26
C ALA H 145 13.76 13.22 -19.18
N TYR H 146 13.68 14.04 -20.23
CA TYR H 146 14.48 15.27 -20.28
C TYR H 146 14.17 16.22 -19.13
N PHE H 147 12.90 16.53 -18.92
CA PHE H 147 12.50 17.47 -17.86
C PHE H 147 12.69 16.91 -16.44
N ALA H 148 12.65 15.60 -16.29
CA ALA H 148 13.05 14.95 -15.03
C ALA H 148 14.53 15.24 -14.72
N SER H 149 15.40 15.09 -15.73
CA SER H 149 16.84 15.30 -15.54
C SER H 149 17.24 16.77 -15.29
N GLN H 150 16.37 17.72 -15.62
CA GLN H 150 16.54 19.13 -15.22
C GLN H 150 15.79 19.48 -13.91
N GLY H 151 15.24 18.47 -13.22
CA GLY H 151 14.43 18.67 -12.02
C GLY H 151 13.21 19.55 -12.21
N GLN H 152 12.57 19.46 -13.38
CA GLN H 152 11.36 20.24 -13.68
C GLN H 152 10.13 19.36 -13.65
N GLN H 153 9.13 19.80 -12.88
CA GLN H 153 7.83 19.14 -12.84
C GLN H 153 7.04 19.68 -14.02
N VAL H 154 6.58 18.76 -14.88
CA VAL H 154 5.91 19.11 -16.13
C VAL H 154 4.68 18.23 -16.38
N ASP H 155 3.65 18.85 -16.94
CA ASP H 155 2.50 18.12 -17.48
C ASP H 155 2.74 17.89 -18.98
N VAL H 156 2.60 16.65 -19.43
CA VAL H 156 2.87 16.30 -20.83
C VAL H 156 1.58 15.89 -21.53
N ILE H 157 1.36 16.50 -22.71
CA ILE H 157 0.20 16.24 -23.56
C ILE H 157 0.70 15.55 -24.83
N LYS H 158 0.14 14.37 -25.13
CA LYS H 158 0.51 13.60 -26.33
C LYS H 158 -0.15 14.20 -27.58
N LEU H 159 0.64 14.43 -28.62
CA LEU H 159 0.14 14.84 -29.95
C LEU H 159 0.58 13.85 -31.01
N TYR H 160 -0.34 13.49 -31.91
CA TYR H 160 -0.05 12.64 -33.07
C TYR H 160 0.34 13.43 -34.31
N GLY H 161 -0.14 14.67 -34.42
CA GLY H 161 0.06 15.50 -35.60
C GLY H 161 1.14 16.54 -35.42
N SER H 162 1.10 17.58 -36.25
CA SER H 162 2.06 18.67 -36.20
C SER H 162 1.97 19.45 -34.90
N MET H 163 3.13 19.81 -34.36
CA MET H 163 3.25 20.32 -33.00
C MET H 163 3.31 21.85 -32.90
N GLU H 164 3.60 22.52 -34.02
CA GLU H 164 3.88 23.97 -34.02
C GLU H 164 2.68 24.82 -33.60
N LEU H 165 1.48 24.30 -33.84
CA LEU H 165 0.25 24.95 -33.45
C LEU H 165 0.07 25.03 -31.93
N ALA H 166 0.47 23.98 -31.22
CA ALA H 166 0.12 23.82 -29.80
C ALA H 166 0.43 25.05 -28.91
N PRO H 167 1.66 25.59 -28.93
CA PRO H 167 1.91 26.81 -28.13
C PRO H 167 1.11 28.04 -28.55
N LEU H 168 0.79 28.15 -29.84
CA LEU H 168 0.15 29.36 -30.40
C LEU H 168 -1.28 29.53 -29.94
N VAL H 169 -1.98 28.43 -29.64
CA VAL H 169 -3.32 28.45 -29.05
C VAL H 169 -3.33 28.03 -27.58
N GLY H 170 -2.16 28.02 -26.96
CA GLY H 170 -2.01 27.75 -25.53
C GLY H 170 -2.32 26.35 -25.08
N LEU H 171 -2.19 25.36 -25.96
CA LEU H 171 -2.37 23.96 -25.57
C LEU H 171 -1.29 23.59 -24.56
N GLY H 172 -0.05 23.89 -24.94
CA GLY H 172 1.10 23.79 -24.04
C GLY H 172 1.93 25.05 -24.12
N ASP H 173 2.89 25.16 -23.21
CA ASP H 173 3.82 26.31 -23.15
C ASP H 173 5.04 26.08 -24.02
N LEU H 174 5.50 24.83 -24.05
CA LEU H 174 6.61 24.40 -24.89
C LEU H 174 6.21 23.18 -25.70
N ILE H 175 7.00 22.89 -26.74
CA ILE H 175 6.92 21.62 -27.46
C ILE H 175 8.29 20.95 -27.44
N VAL H 176 8.30 19.67 -27.82
CA VAL H 176 9.52 18.93 -28.07
C VAL H 176 9.40 18.37 -29.49
N ASP H 177 10.40 18.63 -30.32
CA ASP H 177 10.39 18.22 -31.73
C ASP H 177 11.81 18.18 -32.26
N VAL H 178 12.01 17.44 -33.36
CA VAL H 178 13.30 17.44 -34.07
C VAL H 178 13.48 18.77 -34.82
N VAL H 179 14.71 19.28 -34.76
CA VAL H 179 15.09 20.57 -35.35
C VAL H 179 16.38 20.37 -36.15
N ASP H 180 16.40 20.85 -37.38
CA ASP H 180 17.61 20.86 -38.21
C ASP H 180 18.07 22.32 -38.41
N THR H 181 17.56 23.00 -39.44
CA THR H 181 17.93 24.40 -39.73
C THR H 181 17.30 25.38 -38.74
N GLY H 182 16.09 25.08 -38.28
CA GLY H 182 15.31 25.96 -37.42
C GLY H 182 14.23 26.72 -38.19
N ASN H 183 14.15 26.51 -39.50
CA ASN H 183 13.26 27.30 -40.35
C ASN H 183 11.79 27.04 -40.09
N THR H 184 11.44 25.80 -39.78
CA THR H 184 10.05 25.44 -39.51
C THR H 184 9.53 26.15 -38.26
N LEU H 185 10.35 26.20 -37.21
CA LEU H 185 9.99 26.90 -35.97
C LEU H 185 9.80 28.42 -36.19
N ARG H 186 10.78 29.06 -36.81
CA ARG H 186 10.74 30.49 -37.08
C ARG H 186 9.57 30.91 -38.00
N ALA H 187 9.24 30.07 -38.97
CA ALA H 187 8.08 30.29 -39.84
C ALA H 187 6.72 30.24 -39.10
N ASN H 188 6.68 29.59 -37.94
CA ASN H 188 5.46 29.48 -37.13
C ASN H 188 5.47 30.37 -35.87
N GLY H 189 6.40 31.32 -35.80
CA GLY H 189 6.49 32.23 -34.65
C GLY H 189 7.11 31.60 -33.41
N LEU H 190 7.81 30.48 -33.56
CA LEU H 190 8.45 29.78 -32.46
C LEU H 190 9.97 29.90 -32.54
N GLU H 191 10.62 29.64 -31.43
CA GLU H 191 12.09 29.62 -31.36
C GLU H 191 12.55 28.36 -30.62
N ALA H 192 13.71 27.84 -31.00
CA ALA H 192 14.36 26.79 -30.25
C ALA H 192 14.76 27.32 -28.87
N ARG H 193 14.70 26.46 -27.85
CA ARG H 193 15.07 26.84 -26.48
C ARG H 193 16.25 25.99 -25.99
N ASP H 194 15.99 24.76 -25.56
CA ASP H 194 17.04 23.88 -25.04
C ASP H 194 17.39 22.77 -26.02
N HIS H 195 18.65 22.33 -25.97
CA HIS H 195 19.13 21.18 -26.74
C HIS H 195 18.94 19.93 -25.87
N ILE H 196 18.26 18.90 -26.40
CA ILE H 196 18.01 17.67 -25.65
C ILE H 196 19.06 16.63 -25.99
N CYS H 197 19.23 16.34 -27.27
CA CYS H 197 20.28 15.42 -27.76
C CYS H 197 20.35 15.41 -29.28
N ASP H 198 21.52 15.03 -29.82
CA ASP H 198 21.69 14.89 -31.28
C ASP H 198 21.00 13.63 -31.77
N VAL H 199 20.54 13.68 -33.02
CA VAL H 199 19.80 12.60 -33.63
C VAL H 199 20.44 12.27 -34.97
N SER H 200 20.52 10.99 -35.27
CA SER H 200 20.81 10.51 -36.62
C SER H 200 20.06 9.20 -36.83
N SER H 201 20.03 8.74 -38.07
CA SER H 201 19.35 7.49 -38.40
C SER H 201 20.26 6.28 -38.13
N ARG H 202 19.68 5.22 -37.58
CA ARG H 202 20.42 4.02 -37.19
C ARG H 202 19.95 2.78 -37.96
N LEU H 203 20.86 1.84 -38.21
CA LEU H 203 20.47 0.52 -38.71
C LEU H 203 20.13 -0.42 -37.55
N ILE H 204 18.86 -0.86 -37.52
CA ILE H 204 18.37 -1.79 -36.51
C ILE H 204 18.04 -3.13 -37.17
N VAL H 205 18.27 -4.20 -36.42
CA VAL H 205 18.14 -5.58 -36.92
C VAL H 205 17.37 -6.42 -35.91
N ASN H 206 16.47 -7.25 -36.43
CA ASN H 206 15.71 -8.21 -35.63
C ASN H 206 16.67 -9.29 -35.08
N GLN H 207 16.47 -9.69 -33.83
CA GLN H 207 17.39 -10.64 -33.17
C GLN H 207 17.39 -12.02 -33.80
N VAL H 208 16.23 -12.51 -34.20
CA VAL H 208 16.10 -13.80 -34.86
C VAL H 208 16.78 -13.73 -36.24
N SER H 209 16.48 -12.68 -36.99
CA SER H 209 17.06 -12.46 -38.33
C SER H 209 18.57 -12.35 -38.31
N TYR H 210 19.11 -11.73 -37.26
CA TYR H 210 20.54 -11.57 -37.12
C TYR H 210 21.27 -12.93 -37.14
N LYS H 211 20.71 -13.96 -36.48
CA LYS H 211 21.33 -15.30 -36.50
C LYS H 211 20.87 -16.18 -37.69
N ARG H 212 19.57 -16.22 -37.99
CA ARG H 212 19.04 -17.06 -39.07
C ARG H 212 19.40 -16.61 -40.49
N LYS H 213 19.56 -15.30 -40.69
CA LYS H 213 19.79 -14.75 -42.04
C LYS H 213 21.07 -13.95 -42.13
N PHE H 214 22.08 -14.28 -41.30
CA PHE H 214 23.34 -13.55 -41.26
C PHE H 214 24.08 -13.58 -42.61
N ALA H 215 23.97 -14.70 -43.32
CA ALA H 215 24.60 -14.89 -44.63
C ALA H 215 24.12 -13.88 -45.66
N LEU H 216 22.81 -13.61 -45.70
CA LEU H 216 22.28 -12.53 -46.54
C LEU H 216 22.61 -11.13 -45.99
N LEU H 217 22.57 -10.98 -44.68
CA LEU H 217 22.86 -9.68 -44.03
C LEU H 217 24.31 -9.19 -44.15
N GLU H 218 25.28 -10.08 -43.89
CA GLU H 218 26.70 -9.70 -43.73
C GLU H 218 27.25 -8.82 -44.87
N PRO H 219 27.04 -9.24 -46.14
CA PRO H 219 27.53 -8.39 -47.24
C PRO H 219 26.90 -7.00 -47.26
N ILE H 220 25.61 -6.92 -46.98
CA ILE H 220 24.88 -5.64 -46.97
C ILE H 220 25.40 -4.77 -45.83
N LEU H 221 25.56 -5.37 -44.66
CA LEU H 221 26.10 -4.66 -43.49
C LEU H 221 27.52 -4.16 -43.74
N ASP H 222 28.37 -4.98 -44.36
CA ASP H 222 29.74 -4.57 -44.74
C ASP H 222 29.75 -3.48 -45.80
N SER H 223 28.82 -3.52 -46.74
CA SER H 223 28.71 -2.44 -47.72
C SER H 223 28.32 -1.12 -47.06
N PHE H 224 27.27 -1.14 -46.24
CA PHE H 224 26.83 0.04 -45.48
C PHE H 224 27.98 0.62 -44.66
N LYS H 225 28.63 -0.22 -43.87
CA LYS H 225 29.86 0.13 -43.12
C LYS H 225 30.87 0.92 -43.96
N ASN H 226 31.23 0.36 -45.11
CA ASN H 226 32.22 0.98 -46.00
C ASN H 226 31.74 2.28 -46.66
N SER H 227 30.42 2.40 -46.91
CA SER H 227 29.82 3.62 -47.49
C SER H 227 29.80 4.82 -46.54
N ILE H 228 29.78 4.53 -45.23
CA ILE H 228 29.77 5.56 -44.19
C ILE H 228 31.18 6.10 -43.88
N ASN H 229 32.19 5.24 -43.97
CA ASN H 229 33.59 5.64 -43.75
C ASN H 229 34.10 6.56 -44.86
MG MG I . -13.76 -20.17 -2.86
CL CL J . -7.98 -21.70 1.50
MG MG K . 13.92 18.51 11.33
CL CL L . 7.84 18.75 15.74
MG MG M . 16.62 -17.10 -10.26
CL CL N . 11.16 -17.95 -15.10
MG MG O . -15.86 19.40 1.54
CL CL P . -14.16 29.41 -21.96
CL CL Q . -9.81 21.46 -2.33
C1 PRP R . -10.10 5.92 -44.28
C2 PRP R . -9.33 4.69 -43.80
C3 PRP R . -9.71 3.60 -44.78
C4 PRP R . -10.78 4.22 -45.68
C5 PRP R . -11.95 3.28 -45.93
O1 PRP R . -9.31 6.66 -45.21
O2 PRP R . -7.91 4.91 -43.74
O3 PRP R . -8.58 3.16 -45.54
O4 PRP R . -11.22 5.41 -45.02
O5 PRP R . -12.71 3.76 -47.04
P PRP R . -13.35 2.73 -48.11
O1P PRP R . -13.87 1.58 -47.29
O2P PRP R . -12.15 2.37 -48.97
O3P PRP R . -14.44 3.51 -48.80
PA PRP R . -8.58 8.05 -44.87
O1A PRP R . -7.25 7.72 -44.23
O2A PRP R . -9.57 8.94 -44.15
O3A PRP R . -8.29 8.71 -46.31
PB PRP R . -8.49 7.94 -47.73
O1B PRP R . -7.73 6.64 -47.58
O2B PRP R . -9.99 7.78 -47.84
O3B PRP R . -7.88 8.89 -48.73
CL CL S . -14.65 -7.20 -48.50
C1 PRP T . 8.17 -16.75 39.81
C2 PRP T . 7.83 -17.71 38.68
C3 PRP T . 7.98 -19.06 39.36
C4 PRP T . 9.03 -18.84 40.46
C5 PRP T . 10.40 -19.42 40.12
O1 PRP T . 6.97 -16.46 40.54
O2 PRP T . 6.54 -17.52 38.10
O3 PRP T . 6.74 -19.48 39.93
O4 PRP T . 9.13 -17.41 40.64
O5 PRP T . 11.12 -19.75 41.30
P PRP T . 11.96 -21.11 41.42
O1P PRP T . 12.81 -20.92 42.64
O2P PRP T . 10.90 -22.18 41.57
O3P PRP T . 12.78 -21.23 40.15
PA PRP T . 6.94 -15.47 41.81
O1A PRP T . 8.28 -15.55 42.53
O2A PRP T . 6.44 -14.14 41.33
O3A PRP T . 5.80 -16.14 42.74
PB PRP T . 6.05 -17.29 43.86
O1B PRP T . 4.65 -17.61 44.32
O2B PRP T . 6.73 -18.42 43.12
O3B PRP T . 6.91 -16.63 44.91
CL CL U . 15.13 -28.36 34.54
CL CL V . 8.64 16.49 40.76
C1 PRP W . -13.33 -6.46 43.43
C2 PRP W . -12.91 -5.07 42.95
C3 PRP W . -13.43 -4.12 44.02
C4 PRP W . -14.42 -4.94 44.86
C5 PRP W . -15.82 -4.33 44.90
O1 PRP W . -12.28 -7.04 44.20
O2 PRP W . -11.49 -4.96 42.71
O3 PRP W . -12.35 -3.62 44.83
O4 PRP W . -14.46 -6.26 44.28
O5 PRP W . -16.60 -4.87 45.97
P PRP W . -17.47 -3.94 46.98
O1P PRP W . -18.52 -4.86 47.55
O2P PRP W . -16.44 -3.47 47.97
O3P PRP W . -18.13 -2.86 46.16
PA PRP W . -11.54 -8.45 43.89
O1A PRP W . -10.06 -8.18 43.84
O2A PRP W . -12.21 -9.13 42.71
O3A PRP W . -11.88 -9.33 45.21
PB PRP W . -11.47 -8.93 46.72
O1B PRP W . -11.82 -10.18 47.50
O2B PRP W . -9.99 -8.65 46.65
O3B PRP W . -12.33 -7.73 47.08
CL CL X . -20.00 5.57 46.85
CL CL Y . -3.33 0.53 26.87
CL CL Z . -13.21 -30.38 20.61
C1 PRP AA . 10.78 17.64 -39.25
C2 PRP AA . 10.11 18.32 -38.08
C3 PRP AA . 10.09 19.79 -38.46
C4 PRP AA . 11.20 19.95 -39.49
C5 PRP AA . 12.43 20.64 -38.91
O1 PRP AA . 9.81 17.09 -40.15
O2 PRP AA . 8.79 17.81 -37.81
O3 PRP AA . 8.80 20.15 -39.00
O4 PRP AA . 11.55 18.63 -39.94
O5 PRP AA . 13.39 20.87 -39.92
P PRP AA . 14.05 22.34 -40.12
O1P PRP AA . 14.59 22.71 -38.76
O2P PRP AA . 12.89 23.16 -40.58
O3P PRP AA . 15.14 22.14 -41.15
PA PRP AA . 10.19 16.00 -41.27
O1A PRP AA . 9.13 14.93 -41.25
O2A PRP AA . 11.65 15.62 -41.14
O3A PRP AA . 10.06 16.79 -42.68
PB PRP AA . 8.83 17.78 -43.04
O1B PRP AA . 7.59 17.11 -42.48
O2B PRP AA . 8.87 17.86 -44.54
O3B PRP AA . 9.22 19.06 -42.34
CL CL BA . 14.45 -15.17 -39.52
#